data_1NWR
#
_entry.id   1NWR
#
_cell.length_a   127.300
_cell.length_b   127.300
_cell.length_c   107.760
_cell.angle_alpha   90.00
_cell.angle_beta   90.00
_cell.angle_gamma   90.00
#
_symmetry.space_group_name_H-M   'P 43'
#
loop_
_entity.id
_entity.type
_entity.pdbx_description
1 polymer 'Chitinase-3 like protein 1'
2 branched 2-acetamido-2-deoxy-beta-D-glucopyranose-(1-4)-2-acetamido-2-deoxy-beta-D-glucopyranose
3 water water
#
_entity_poly.entity_id   1
_entity_poly.type   'polypeptide(L)'
_entity_poly.pdbx_seq_one_letter_code
;YKLVCYYTSWSQYREGDGSCFPDALDRFLCTHIIYSFANISNDHIDTWEWNDVTLYGMLNTLKNRNPNLKTLLSVGGWNF
GSQRFSKIASNTQSRRTFIKSVPPFLRTHGFDGLDLAWLYPGRRDKQHFTTLIKEMKAEFIKEAQPGKKQLLLSAALSAG
KVTIDSSYDIAKISQHLDFISIMTYDFHGAWRGTTGHHSPLFRGQEDASPDRFSNTDYAVGYMLRLGAPASKLVMGIPTF
GRSFTLASSETGVGAPISGPGIPGRFTKEAGTLAYYEICDFLRGATVHRILGQQVPYATKGNQWVGYDDQESVKSKVQYL
KDRQLAGAMVWALDLDDFQGSFCGQDLRFPLTNAIKDALAAT
;
_entity_poly.pdbx_strand_id   A,B,C,D
#
loop_
_chem_comp.id
_chem_comp.type
_chem_comp.name
_chem_comp.formula
NAG D-saccharide, beta linking 2-acetamido-2-deoxy-beta-D-glucopyranose 'C8 H15 N O6'
#
# COMPACT_ATOMS: atom_id res chain seq x y z
N TYR A 1 48.07 -16.54 -13.33
CA TYR A 1 48.97 -16.15 -12.21
C TYR A 1 48.19 -15.51 -11.07
N LYS A 2 48.90 -15.08 -10.03
CA LYS A 2 48.27 -14.42 -8.89
C LYS A 2 48.17 -12.93 -9.16
N LEU A 3 47.09 -12.32 -8.69
CA LEU A 3 46.92 -10.87 -8.84
C LEU A 3 46.56 -10.31 -7.47
N VAL A 4 47.59 -10.09 -6.66
CA VAL A 4 47.42 -9.56 -5.32
C VAL A 4 47.16 -8.06 -5.32
N CYS A 5 45.97 -7.68 -4.85
CA CYS A 5 45.62 -6.28 -4.79
C CYS A 5 45.39 -5.79 -3.37
N TYR A 6 45.93 -4.62 -3.08
CA TYR A 6 45.80 -4.02 -1.78
C TYR A 6 44.68 -3.01 -1.77
N TYR A 7 43.97 -2.97 -0.65
CA TYR A 7 42.93 -2.00 -0.43
C TYR A 7 43.38 -1.32 0.86
N THR A 8 43.47 0.00 0.85
CA THR A 8 43.89 0.71 2.04
C THR A 8 42.69 1.31 2.79
N SER A 9 42.48 0.86 4.01
CA SER A 9 41.35 1.31 4.82
C SER A 9 41.19 2.82 4.84
N TRP A 10 42.29 3.54 4.88
CA TRP A 10 42.21 5.00 4.94
C TRP A 10 41.73 5.66 3.65
N SER A 11 41.57 4.89 2.60
CA SER A 11 41.11 5.45 1.32
C SER A 11 39.62 5.83 1.40
N GLN A 12 38.95 5.37 2.45
CA GLN A 12 37.54 5.66 2.66
C GLN A 12 37.30 7.14 2.96
N TYR A 13 38.29 7.78 3.57
CA TYR A 13 38.18 9.18 3.97
C TYR A 13 38.40 10.24 2.91
N ARG A 14 38.83 9.84 1.72
CA ARG A 14 39.08 10.81 0.66
C ARG A 14 37.79 11.48 0.18
N GLU A 15 37.84 12.80 0.07
CA GLU A 15 36.68 13.58 -0.38
C GLU A 15 36.04 13.06 -1.65
N GLY A 16 34.75 13.36 -1.79
CA GLY A 16 34.00 12.97 -2.97
C GLY A 16 34.25 11.61 -3.57
N ASP A 17 34.35 11.57 -4.90
CA ASP A 17 34.56 10.32 -5.62
C ASP A 17 35.85 9.66 -5.20
N GLY A 18 36.65 10.38 -4.42
CA GLY A 18 37.90 9.83 -3.96
C GLY A 18 37.69 8.71 -2.95
N SER A 19 36.70 8.91 -2.07
CA SER A 19 36.37 7.93 -1.04
C SER A 19 36.22 6.54 -1.65
N CYS A 20 36.86 5.55 -1.04
CA CYS A 20 36.77 4.20 -1.55
C CYS A 20 36.55 3.21 -0.43
N PHE A 21 35.53 2.37 -0.57
CA PHE A 21 35.21 1.34 0.41
C PHE A 21 35.29 -0.02 -0.27
N PRO A 22 35.55 -1.08 0.50
CA PRO A 22 35.65 -2.42 -0.08
C PRO A 22 34.50 -2.81 -1.02
N ASP A 23 33.30 -2.33 -0.73
CA ASP A 23 32.13 -2.65 -1.55
C ASP A 23 32.21 -2.00 -2.92
N ALA A 24 33.26 -1.24 -3.17
CA ALA A 24 33.47 -0.56 -4.46
C ALA A 24 34.50 -1.32 -5.28
N LEU A 25 34.86 -2.51 -4.83
CA LEU A 25 35.87 -3.32 -5.51
C LEU A 25 35.30 -4.46 -6.32
N ASP A 26 35.75 -4.58 -7.57
CA ASP A 26 35.29 -5.65 -8.44
C ASP A 26 35.81 -7.00 -7.91
N ARG A 27 34.89 -7.80 -7.39
CA ARG A 27 35.23 -9.12 -6.82
C ARG A 27 35.97 -10.07 -7.79
N PHE A 28 35.81 -9.84 -9.08
CA PHE A 28 36.44 -10.68 -10.10
C PHE A 28 37.78 -10.16 -10.60
N LEU A 29 38.07 -8.89 -10.32
CA LEU A 29 39.31 -8.24 -10.75
C LEU A 29 40.61 -8.92 -10.30
N CYS A 30 40.73 -9.13 -8.99
CA CYS A 30 41.93 -9.74 -8.42
C CYS A 30 41.69 -11.14 -7.92
N THR A 31 42.77 -11.85 -7.61
CA THR A 31 42.66 -13.20 -7.06
C THR A 31 42.78 -13.09 -5.55
N HIS A 32 43.58 -12.13 -5.12
CA HIS A 32 43.78 -11.88 -3.70
C HIS A 32 43.58 -10.40 -3.42
N ILE A 33 42.80 -10.07 -2.40
CA ILE A 33 42.64 -8.67 -2.06
C ILE A 33 43.12 -8.54 -0.63
N ILE A 34 44.13 -7.71 -0.42
CA ILE A 34 44.70 -7.54 0.92
C ILE A 34 44.24 -6.24 1.57
N TYR A 35 43.69 -6.39 2.77
CA TYR A 35 43.21 -5.24 3.53
C TYR A 35 44.38 -4.63 4.30
N SER A 36 44.56 -3.32 4.21
CA SER A 36 45.65 -2.67 4.93
C SER A 36 45.17 -1.50 5.77
N PHE A 37 45.56 -1.43 7.05
CA PHE A 37 46.41 -2.43 7.71
C PHE A 37 45.73 -2.72 9.03
N ALA A 38 46.16 -3.81 9.67
CA ALA A 38 45.63 -4.18 10.97
C ALA A 38 46.71 -3.77 11.96
N ASN A 39 46.31 -3.38 13.16
CA ASN A 39 47.25 -2.96 14.20
C ASN A 39 47.65 -4.15 15.06
N ILE A 40 48.44 -3.88 16.10
CA ILE A 40 48.84 -4.92 17.05
C ILE A 40 48.89 -4.31 18.46
N SER A 41 47.83 -4.55 19.24
CA SER A 41 47.75 -4.04 20.61
C SER A 41 47.86 -5.19 21.59
N ASN A 42 48.53 -4.94 22.71
CA ASN A 42 48.72 -5.96 23.72
C ASN A 42 49.16 -7.25 23.05
N ASP A 43 49.99 -7.10 22.03
CA ASP A 43 50.53 -8.23 21.29
C ASP A 43 49.45 -9.11 20.65
N HIS A 44 48.34 -8.48 20.26
CA HIS A 44 47.24 -9.19 19.62
C HIS A 44 46.90 -8.47 18.32
N ILE A 45 46.70 -9.21 17.24
CA ILE A 45 46.33 -8.55 15.99
C ILE A 45 44.95 -7.97 16.22
N ASP A 46 44.87 -6.64 16.15
CA ASP A 46 43.61 -5.95 16.39
C ASP A 46 43.27 -5.02 15.24
N THR A 47 42.06 -4.47 15.23
CA THR A 47 41.66 -3.56 14.17
C THR A 47 42.44 -2.25 14.27
N TRP A 48 42.38 -1.46 13.22
CA TRP A 48 43.08 -0.18 13.18
C TRP A 48 42.08 0.94 13.11
N GLU A 49 41.24 0.90 12.09
CA GLU A 49 40.20 1.91 11.88
C GLU A 49 38.93 1.56 12.67
N TRP A 50 38.22 2.58 13.13
CA TRP A 50 37.00 2.39 13.91
C TRP A 50 35.98 1.47 13.27
N ASN A 51 35.88 1.51 11.95
CA ASN A 51 34.92 0.68 11.23
C ASN A 51 35.55 -0.47 10.46
N ASP A 52 36.70 -0.94 10.92
CA ASP A 52 37.38 -2.05 10.23
C ASP A 52 36.48 -3.27 10.13
N VAL A 53 35.87 -3.65 11.24
CA VAL A 53 35.03 -4.82 11.24
C VAL A 53 33.97 -4.73 10.16
N THR A 54 33.40 -3.54 9.98
CA THR A 54 32.38 -3.34 8.97
C THR A 54 32.97 -3.54 7.58
N LEU A 55 34.06 -2.82 7.32
CA LEU A 55 34.76 -2.91 6.03
C LEU A 55 35.26 -4.33 5.77
N TYR A 56 35.70 -5.02 6.82
CA TYR A 56 36.17 -6.40 6.69
C TYR A 56 35.07 -7.20 5.99
N GLY A 57 33.87 -7.15 6.59
CA GLY A 57 32.73 -7.86 6.05
C GLY A 57 32.44 -7.38 4.65
N MET A 58 32.41 -6.07 4.48
CA MET A 58 32.12 -5.45 3.19
C MET A 58 33.05 -6.01 2.12
N LEU A 59 34.30 -6.28 2.51
CA LEU A 59 35.29 -6.83 1.60
C LEU A 59 35.04 -8.32 1.33
N ASN A 60 34.97 -9.12 2.40
CA ASN A 60 34.76 -10.55 2.27
C ASN A 60 33.45 -10.94 1.61
N THR A 61 32.49 -10.01 1.60
CA THR A 61 31.20 -10.25 0.96
C THR A 61 31.47 -10.48 -0.53
N LEU A 62 32.56 -9.91 -1.02
CA LEU A 62 32.93 -10.05 -2.42
C LEU A 62 33.22 -11.51 -2.74
N LYS A 63 33.46 -12.31 -1.71
CA LYS A 63 33.76 -13.71 -1.90
C LYS A 63 32.51 -14.55 -2.12
N ASN A 64 31.35 -14.00 -1.81
CA ASN A 64 30.11 -14.75 -1.98
C ASN A 64 29.86 -15.15 -3.42
N ARG A 65 29.90 -14.17 -4.33
CA ARG A 65 29.68 -14.47 -5.73
C ARG A 65 30.95 -15.04 -6.38
N ASN A 66 32.06 -14.97 -5.66
CA ASN A 66 33.34 -15.46 -6.16
C ASN A 66 34.06 -16.24 -5.07
N PRO A 67 33.91 -17.57 -5.07
CA PRO A 67 34.54 -18.43 -4.08
C PRO A 67 36.07 -18.44 -4.17
N ASN A 68 36.57 -18.28 -5.38
CA ASN A 68 38.01 -18.28 -5.65
C ASN A 68 38.77 -17.05 -5.17
N LEU A 69 38.06 -16.00 -4.83
CA LEU A 69 38.72 -14.80 -4.37
C LEU A 69 39.24 -15.01 -2.94
N LYS A 70 40.56 -14.99 -2.78
CA LYS A 70 41.15 -15.15 -1.46
C LYS A 70 41.36 -13.75 -0.87
N THR A 71 41.26 -13.65 0.45
CA THR A 71 41.40 -12.38 1.13
C THR A 71 42.39 -12.45 2.28
N LEU A 72 43.30 -11.49 2.35
CA LEU A 72 44.28 -11.45 3.43
C LEU A 72 44.19 -10.12 4.15
N LEU A 73 44.49 -10.15 5.45
CA LEU A 73 44.51 -8.94 6.25
C LEU A 73 45.99 -8.63 6.41
N SER A 74 46.37 -7.39 6.17
CA SER A 74 47.76 -6.99 6.27
C SER A 74 48.08 -6.30 7.58
N VAL A 75 48.94 -6.90 8.37
CA VAL A 75 49.29 -6.28 9.64
C VAL A 75 50.61 -5.55 9.43
N GLY A 76 50.70 -4.34 9.98
CA GLY A 76 51.90 -3.55 9.85
C GLY A 76 51.59 -2.15 9.38
N GLY A 77 52.25 -1.75 8.28
CA GLY A 77 52.01 -0.42 7.73
C GLY A 77 53.11 0.56 8.11
N TRP A 78 53.09 1.72 7.48
CA TRP A 78 54.09 2.74 7.75
C TRP A 78 53.82 3.47 9.06
N ASN A 79 52.53 3.63 9.37
CA ASN A 79 52.14 4.32 10.58
C ASN A 79 52.21 3.41 11.79
N PHE A 80 52.71 2.19 11.58
CA PHE A 80 52.81 1.25 12.67
C PHE A 80 54.03 1.55 13.51
N GLY A 81 55.13 1.85 12.82
CA GLY A 81 56.37 2.15 13.52
C GLY A 81 57.15 0.87 13.71
N SER A 82 58.10 0.62 12.80
CA SER A 82 58.94 -0.58 12.86
C SER A 82 59.48 -0.86 14.26
N GLN A 83 59.43 0.17 15.11
CA GLN A 83 59.88 0.08 16.49
C GLN A 83 58.99 -0.88 17.25
N ARG A 84 57.70 -0.54 17.32
CA ARG A 84 56.75 -1.39 18.02
C ARG A 84 56.82 -2.78 17.45
N PHE A 85 56.83 -2.88 16.13
CA PHE A 85 56.87 -4.17 15.45
C PHE A 85 58.14 -4.93 15.85
N SER A 86 59.25 -4.20 15.95
CA SER A 86 60.52 -4.79 16.34
C SER A 86 60.35 -5.48 17.68
N LYS A 87 59.92 -4.70 18.69
CA LYS A 87 59.69 -5.22 20.04
C LYS A 87 58.82 -6.45 20.04
N ILE A 88 57.64 -6.35 19.44
CA ILE A 88 56.71 -7.46 19.39
C ILE A 88 57.39 -8.72 18.85
N ALA A 89 58.23 -8.57 17.83
CA ALA A 89 58.90 -9.72 17.25
C ALA A 89 60.16 -10.14 18.00
N SER A 90 60.78 -9.19 18.71
CA SER A 90 62.00 -9.45 19.49
C SER A 90 61.66 -10.30 20.70
N ASN A 91 60.73 -9.79 21.50
CA ASN A 91 60.27 -10.44 22.72
C ASN A 91 59.61 -11.78 22.37
N THR A 92 60.03 -12.85 23.04
CA THR A 92 59.48 -14.17 22.76
C THR A 92 58.02 -14.35 23.17
N GLN A 93 57.65 -13.83 24.34
CA GLN A 93 56.27 -13.96 24.80
C GLN A 93 55.39 -13.16 23.85
N SER A 94 55.75 -11.89 23.67
CA SER A 94 55.02 -10.98 22.80
C SER A 94 54.82 -11.60 21.40
N ARG A 95 55.86 -12.22 20.85
CA ARG A 95 55.76 -12.85 19.54
C ARG A 95 54.70 -13.95 19.55
N ARG A 96 54.72 -14.80 20.57
CA ARG A 96 53.74 -15.88 20.69
C ARG A 96 52.32 -15.34 20.79
N THR A 97 52.10 -14.41 21.72
CA THR A 97 50.79 -13.81 21.92
C THR A 97 50.20 -13.41 20.56
N PHE A 98 50.96 -12.59 19.85
CA PHE A 98 50.57 -12.12 18.53
C PHE A 98 50.28 -13.24 17.55
N ILE A 99 51.25 -14.14 17.37
CA ILE A 99 51.06 -15.24 16.43
C ILE A 99 49.78 -16.00 16.73
N LYS A 100 49.57 -16.31 17.99
CA LYS A 100 48.40 -17.06 18.42
C LYS A 100 47.08 -16.33 18.15
N SER A 101 47.11 -15.01 18.32
CA SER A 101 45.92 -14.19 18.11
C SER A 101 45.50 -14.05 16.65
N VAL A 102 46.39 -14.36 15.71
CA VAL A 102 46.07 -14.20 14.30
C VAL A 102 45.01 -15.16 13.73
N PRO A 103 45.25 -16.48 13.78
CA PRO A 103 44.28 -17.43 13.23
C PRO A 103 42.82 -17.14 13.67
N PRO A 104 42.59 -16.96 14.98
CA PRO A 104 41.22 -16.68 15.43
C PRO A 104 40.67 -15.45 14.72
N PHE A 105 41.33 -14.32 14.94
CA PHE A 105 40.95 -13.05 14.34
C PHE A 105 40.64 -13.14 12.84
N LEU A 106 41.44 -13.93 12.12
CA LEU A 106 41.21 -14.08 10.69
C LEU A 106 39.91 -14.85 10.44
N ARG A 107 39.79 -16.02 11.07
CA ARG A 107 38.60 -16.86 10.92
C ARG A 107 37.36 -16.10 11.35
N THR A 108 37.49 -15.38 12.47
CA THR A 108 36.42 -14.58 13.02
C THR A 108 35.91 -13.55 12.02
N HIS A 109 36.82 -12.91 11.30
CA HIS A 109 36.43 -11.89 10.35
C HIS A 109 36.45 -12.25 8.88
N GLY A 110 36.57 -13.55 8.59
CA GLY A 110 36.54 -14.00 7.21
C GLY A 110 37.74 -13.77 6.31
N PHE A 111 38.94 -13.84 6.87
CA PHE A 111 40.14 -13.65 6.07
C PHE A 111 40.76 -15.00 5.77
N ASP A 112 41.26 -15.18 4.55
CA ASP A 112 41.88 -16.43 4.14
C ASP A 112 43.36 -16.47 4.46
N GLY A 113 43.89 -15.36 4.98
CA GLY A 113 45.30 -15.31 5.32
C GLY A 113 45.78 -14.00 5.89
N LEU A 114 47.06 -13.98 6.28
CA LEU A 114 47.71 -12.81 6.87
C LEU A 114 48.85 -12.29 6.01
N ASP A 115 48.95 -10.97 5.90
CA ASP A 115 50.02 -10.36 5.13
C ASP A 115 50.90 -9.57 6.08
N LEU A 116 52.19 -9.90 6.09
CA LEU A 116 53.13 -9.21 6.95
C LEU A 116 53.67 -7.94 6.28
N ALA A 117 53.20 -6.81 6.75
CA ALA A 117 53.61 -5.52 6.21
C ALA A 117 54.49 -4.81 7.22
N TRP A 118 55.57 -5.46 7.66
CA TRP A 118 56.49 -4.84 8.60
C TRP A 118 57.34 -3.89 7.75
N LEU A 119 57.07 -2.60 7.83
CA LEU A 119 57.80 -1.63 7.02
C LEU A 119 58.64 -0.63 7.82
N TYR A 120 59.91 -0.93 8.07
CA TYR A 120 60.53 -2.17 7.65
C TYR A 120 61.42 -2.66 8.77
N PRO A 121 61.76 -3.96 8.78
CA PRO A 121 62.62 -4.47 9.85
C PRO A 121 63.95 -3.72 9.79
N GLY A 122 64.58 -3.52 10.94
CA GLY A 122 65.85 -2.83 10.98
C GLY A 122 66.97 -3.82 10.76
N ARG A 123 68.20 -3.35 10.67
CA ARG A 123 69.33 -4.25 10.45
C ARG A 123 69.39 -5.28 11.56
N ARG A 124 68.93 -4.89 12.75
CA ARG A 124 68.96 -5.79 13.91
C ARG A 124 67.76 -6.74 13.94
N ASP A 125 66.80 -6.55 13.04
CA ASP A 125 65.62 -7.42 13.04
C ASP A 125 65.66 -8.54 12.01
N LYS A 126 66.72 -8.65 11.23
CA LYS A 126 66.75 -9.69 10.22
C LYS A 126 66.35 -11.06 10.75
N GLN A 127 66.95 -11.46 11.85
CA GLN A 127 66.65 -12.75 12.46
C GLN A 127 65.23 -12.79 13.00
N HIS A 128 64.87 -11.79 13.78
CA HIS A 128 63.54 -11.72 14.35
C HIS A 128 62.48 -11.87 13.26
N PHE A 129 62.69 -11.19 12.13
CA PHE A 129 61.75 -11.25 11.02
C PHE A 129 61.66 -12.67 10.46
N THR A 130 62.80 -13.37 10.41
CA THR A 130 62.81 -14.74 9.90
C THR A 130 61.96 -15.59 10.83
N THR A 131 62.26 -15.49 12.12
CA THR A 131 61.55 -16.23 13.14
C THR A 131 60.05 -15.98 13.03
N LEU A 132 59.66 -14.72 13.21
CA LEU A 132 58.27 -14.32 13.13
C LEU A 132 57.53 -15.00 11.98
N ILE A 133 58.12 -14.97 10.80
CA ILE A 133 57.51 -15.60 9.63
C ILE A 133 57.44 -17.11 9.80
N LYS A 134 58.54 -17.71 10.25
CA LYS A 134 58.59 -19.16 10.47
C LYS A 134 57.51 -19.64 11.44
N GLU A 135 57.46 -19.01 12.61
CA GLU A 135 56.49 -19.40 13.63
C GLU A 135 55.03 -19.05 13.27
N MET A 136 54.83 -17.99 12.48
CA MET A 136 53.48 -17.60 12.07
C MET A 136 52.92 -18.64 11.13
N LYS A 137 53.79 -19.19 10.29
CA LYS A 137 53.38 -20.21 9.34
C LYS A 137 53.13 -21.49 10.13
N ALA A 138 53.94 -21.70 11.16
CA ALA A 138 53.81 -22.86 12.02
C ALA A 138 52.37 -22.91 12.51
N GLU A 139 51.96 -21.82 13.15
CA GLU A 139 50.63 -21.68 13.71
C GLU A 139 49.54 -21.89 12.66
N PHE A 140 49.71 -21.30 11.47
CA PHE A 140 48.70 -21.47 10.41
C PHE A 140 48.54 -22.93 9.99
N ILE A 141 49.64 -23.66 10.03
CA ILE A 141 49.65 -25.07 9.66
C ILE A 141 48.92 -25.84 10.76
N LYS A 142 49.22 -25.48 12.00
CA LYS A 142 48.61 -26.10 13.16
C LYS A 142 47.10 -25.86 13.14
N GLU A 143 46.71 -24.59 13.14
CA GLU A 143 45.30 -24.20 13.12
C GLU A 143 44.49 -24.87 12.01
N ALA A 144 45.18 -25.48 11.05
CA ALA A 144 44.49 -26.15 9.94
C ALA A 144 44.77 -27.66 9.90
N GLN A 145 45.64 -28.13 10.80
CA GLN A 145 46.01 -29.55 10.88
C GLN A 145 44.77 -30.44 10.80
N PRO A 146 43.72 -30.14 11.59
CA PRO A 146 42.49 -30.94 11.55
C PRO A 146 41.88 -31.11 10.16
N GLY A 147 41.94 -30.08 9.33
CA GLY A 147 41.39 -30.19 7.99
C GLY A 147 40.83 -28.92 7.37
N LYS A 148 41.14 -27.78 7.97
CA LYS A 148 40.68 -26.50 7.44
C LYS A 148 41.60 -26.07 6.31
N LYS A 149 41.09 -25.25 5.39
CA LYS A 149 41.97 -24.76 4.31
C LYS A 149 42.90 -23.81 5.05
N GLN A 150 44.19 -24.16 5.05
CA GLN A 150 45.20 -23.38 5.76
C GLN A 150 45.24 -21.89 5.43
N LEU A 151 45.39 -21.08 6.47
CA LEU A 151 45.45 -19.65 6.30
C LEU A 151 46.73 -19.31 5.52
N LEU A 152 46.64 -18.36 4.60
CA LEU A 152 47.78 -17.94 3.79
C LEU A 152 48.68 -16.95 4.49
N LEU A 153 49.98 -17.07 4.26
CA LEU A 153 50.93 -16.14 4.86
C LEU A 153 51.80 -15.49 3.80
N SER A 154 51.65 -14.17 3.67
CA SER A 154 52.40 -13.40 2.71
C SER A 154 53.10 -12.24 3.41
N ALA A 155 54.00 -11.57 2.69
CA ALA A 155 54.71 -10.44 3.24
C ALA A 155 55.04 -9.45 2.15
N ALA A 156 54.86 -8.17 2.46
CA ALA A 156 55.17 -7.10 1.53
C ALA A 156 56.62 -6.74 1.84
N LEU A 157 57.53 -6.92 0.88
CA LEU A 157 58.94 -6.64 1.10
C LEU A 157 59.47 -5.49 0.27
N SER A 158 60.45 -4.80 0.83
CA SER A 158 61.06 -3.67 0.14
C SER A 158 61.76 -4.14 -1.13
N ALA A 159 61.75 -3.32 -2.16
CA ALA A 159 62.42 -3.68 -3.39
C ALA A 159 63.80 -3.01 -3.44
N GLY A 160 64.11 -2.23 -2.41
CA GLY A 160 65.37 -1.53 -2.35
C GLY A 160 66.50 -2.41 -1.85
N LYS A 161 67.57 -2.45 -2.62
CA LYS A 161 68.71 -3.27 -2.26
C LYS A 161 69.16 -3.13 -0.82
N VAL A 162 69.37 -1.89 -0.38
CA VAL A 162 69.82 -1.62 0.99
C VAL A 162 68.99 -2.34 2.03
N THR A 163 67.69 -2.07 2.01
CA THR A 163 66.77 -2.68 2.96
C THR A 163 66.80 -4.20 2.84
N ILE A 164 66.81 -4.69 1.61
CA ILE A 164 66.83 -6.13 1.39
C ILE A 164 68.04 -6.78 2.03
N ASP A 165 69.21 -6.14 1.88
CA ASP A 165 70.46 -6.68 2.43
C ASP A 165 70.50 -6.65 3.96
N SER A 166 69.94 -5.61 4.56
CA SER A 166 69.95 -5.48 6.01
C SER A 166 68.79 -6.11 6.76
N SER A 167 67.62 -6.18 6.13
CA SER A 167 66.43 -6.69 6.82
C SER A 167 65.90 -8.06 6.46
N TYR A 168 66.17 -8.54 5.25
CA TYR A 168 65.62 -9.81 4.85
C TYR A 168 66.61 -10.93 4.62
N ASP A 169 66.19 -12.13 5.01
CA ASP A 169 66.97 -13.33 4.78
C ASP A 169 66.11 -14.03 3.75
N ILE A 170 65.99 -13.41 2.57
CA ILE A 170 65.18 -13.95 1.48
C ILE A 170 65.16 -15.47 1.38
N ALA A 171 66.33 -16.10 1.38
CA ALA A 171 66.41 -17.55 1.28
C ALA A 171 65.50 -18.26 2.28
N LYS A 172 65.65 -17.90 3.56
CA LYS A 172 64.87 -18.49 4.63
C LYS A 172 63.35 -18.19 4.58
N ILE A 173 62.99 -16.92 4.76
CA ILE A 173 61.59 -16.52 4.75
C ILE A 173 60.81 -16.96 3.50
N SER A 174 61.51 -17.25 2.42
CA SER A 174 60.85 -17.69 1.19
C SER A 174 60.29 -19.11 1.30
N GLN A 175 60.81 -19.88 2.24
CA GLN A 175 60.34 -21.24 2.39
C GLN A 175 59.00 -21.23 3.11
N HIS A 176 58.92 -20.42 4.16
CA HIS A 176 57.72 -20.32 4.97
C HIS A 176 56.59 -19.50 4.38
N LEU A 177 56.91 -18.41 3.65
CA LEU A 177 55.86 -17.57 3.06
C LEU A 177 55.24 -18.21 1.82
N ASP A 178 53.93 -18.00 1.64
CA ASP A 178 53.21 -18.55 0.49
C ASP A 178 53.56 -17.76 -0.75
N PHE A 179 53.82 -16.48 -0.56
CA PHE A 179 54.21 -15.62 -1.65
C PHE A 179 54.64 -14.28 -1.06
N ILE A 180 55.61 -13.64 -1.71
CA ILE A 180 56.07 -12.34 -1.25
C ILE A 180 55.82 -11.31 -2.32
N SER A 181 55.25 -10.20 -1.91
CA SER A 181 54.99 -9.11 -2.83
C SER A 181 56.15 -8.16 -2.70
N ILE A 182 56.93 -8.05 -3.78
CA ILE A 182 58.09 -7.18 -3.79
C ILE A 182 57.61 -5.79 -4.22
N MET A 183 57.74 -4.85 -3.29
CA MET A 183 57.29 -3.48 -3.50
C MET A 183 58.18 -2.74 -4.47
N THR A 184 58.10 -3.14 -5.74
CA THR A 184 58.92 -2.57 -6.79
C THR A 184 58.47 -1.24 -7.36
N TYR A 185 58.49 -0.25 -6.49
CA TYR A 185 58.16 1.14 -6.82
C TYR A 185 58.80 2.02 -5.73
N ASP A 186 58.55 3.33 -5.78
CA ASP A 186 59.16 4.24 -4.81
C ASP A 186 60.66 4.20 -4.89
N PHE A 187 61.20 3.98 -6.08
CA PHE A 187 62.64 3.91 -6.27
C PHE A 187 63.27 5.29 -6.36
N HIS A 188 62.47 6.31 -6.60
CA HIS A 188 63.03 7.65 -6.75
C HIS A 188 62.29 8.68 -5.94
N GLY A 189 62.93 9.15 -4.87
CA GLY A 189 62.31 10.14 -4.01
C GLY A 189 62.66 11.59 -4.31
N ALA A 190 61.75 12.49 -3.93
CA ALA A 190 61.95 13.92 -4.12
C ALA A 190 63.26 14.32 -3.46
N TRP A 191 63.61 13.63 -2.38
CA TRP A 191 64.84 13.95 -1.68
C TRP A 191 66.09 13.93 -2.58
N ARG A 192 66.06 13.16 -3.66
CA ARG A 192 67.23 13.12 -4.53
C ARG A 192 67.43 14.44 -5.24
N GLY A 193 66.37 15.24 -5.31
CA GLY A 193 66.49 16.54 -5.95
C GLY A 193 66.38 16.57 -7.47
N THR A 194 65.96 15.47 -8.07
CA THR A 194 65.82 15.43 -9.52
C THR A 194 64.64 14.57 -9.88
N THR A 195 64.08 14.80 -11.07
CA THR A 195 62.95 14.00 -11.52
C THR A 195 63.47 12.60 -11.78
N GLY A 196 62.63 11.61 -11.56
CA GLY A 196 63.03 10.24 -11.79
C GLY A 196 61.79 9.40 -11.65
N HIS A 197 61.60 8.43 -12.53
CA HIS A 197 60.42 7.58 -12.44
C HIS A 197 60.61 6.69 -11.20
N HIS A 198 59.60 6.60 -10.35
CA HIS A 198 59.71 5.81 -9.13
C HIS A 198 59.49 4.33 -9.34
N SER A 199 59.03 3.96 -10.52
CA SER A 199 58.79 2.54 -10.79
C SER A 199 59.20 2.14 -12.20
N PRO A 200 60.50 2.23 -12.49
CA PRO A 200 61.04 1.87 -13.81
C PRO A 200 61.13 0.36 -13.94
N LEU A 201 60.89 -0.16 -15.14
CA LEU A 201 61.00 -1.60 -15.33
C LEU A 201 62.47 -1.97 -15.27
N PHE A 202 63.29 -1.24 -16.04
CA PHE A 202 64.74 -1.47 -16.03
C PHE A 202 65.46 -0.20 -15.64
N ARG A 203 66.77 -0.29 -15.50
CA ARG A 203 67.57 0.88 -15.13
C ARG A 203 67.49 1.97 -16.19
N GLY A 204 67.39 1.58 -17.45
CA GLY A 204 67.33 2.57 -18.50
C GLY A 204 68.72 3.12 -18.81
N GLN A 205 68.75 4.34 -19.36
CA GLN A 205 70.02 4.96 -19.71
C GLN A 205 70.97 4.94 -18.53
N GLU A 206 72.15 4.39 -18.77
CA GLU A 206 73.16 4.26 -17.72
C GLU A 206 73.59 5.56 -17.08
N ASP A 207 73.65 6.63 -17.87
CA ASP A 207 74.06 7.93 -17.31
C ASP A 207 72.98 8.55 -16.46
N ALA A 208 71.74 8.45 -16.94
CA ALA A 208 70.58 9.04 -16.30
C ALA A 208 70.10 8.46 -14.98
N SER A 209 70.64 7.30 -14.56
CA SER A 209 70.19 6.72 -13.31
C SER A 209 71.10 7.02 -12.14
N PRO A 210 70.53 7.14 -10.95
CA PRO A 210 71.29 7.42 -9.73
C PRO A 210 71.88 6.09 -9.25
N ASP A 211 71.00 5.14 -8.92
CA ASP A 211 71.40 3.83 -8.45
C ASP A 211 71.48 2.85 -9.60
N ARG A 212 72.17 1.75 -9.35
CA ARG A 212 72.29 0.69 -10.32
C ARG A 212 71.14 -0.28 -9.97
N PHE A 213 70.55 -0.09 -8.79
CA PHE A 213 69.47 -0.93 -8.32
C PHE A 213 68.08 -0.33 -8.13
N SER A 214 67.89 0.95 -8.41
CA SER A 214 66.56 1.54 -8.20
C SER A 214 65.59 1.32 -9.35
N ASN A 215 65.35 0.05 -9.66
CA ASN A 215 64.43 -0.31 -10.75
C ASN A 215 63.86 -1.69 -10.50
N THR A 216 62.69 -1.95 -11.05
CA THR A 216 62.01 -3.22 -10.88
C THR A 216 62.88 -4.43 -11.25
N ASP A 217 63.43 -4.40 -12.47
CA ASP A 217 64.26 -5.49 -12.97
C ASP A 217 65.32 -5.94 -11.98
N TYR A 218 66.11 -5.00 -11.47
CA TYR A 218 67.14 -5.39 -10.53
C TYR A 218 66.56 -6.07 -9.29
N ALA A 219 65.54 -5.46 -8.70
CA ALA A 219 64.94 -6.03 -7.50
C ALA A 219 64.48 -7.47 -7.71
N VAL A 220 63.63 -7.68 -8.73
CA VAL A 220 63.10 -9.00 -9.05
C VAL A 220 64.26 -9.99 -9.17
N GLY A 221 65.23 -9.63 -9.98
CA GLY A 221 66.37 -10.50 -10.18
C GLY A 221 67.18 -10.71 -8.90
N TYR A 222 67.39 -9.63 -8.17
CA TYR A 222 68.19 -9.70 -6.95
C TYR A 222 67.58 -10.69 -6.00
N MET A 223 66.27 -10.53 -5.84
CA MET A 223 65.54 -11.40 -4.96
C MET A 223 65.60 -12.84 -5.44
N LEU A 224 65.40 -13.06 -6.73
CA LEU A 224 65.47 -14.42 -7.27
C LEU A 224 66.80 -15.01 -6.86
N ARG A 225 67.87 -14.32 -7.24
CA ARG A 225 69.22 -14.76 -6.94
C ARG A 225 69.41 -14.99 -5.46
N LEU A 226 68.74 -14.20 -4.62
CA LEU A 226 68.86 -14.36 -3.18
C LEU A 226 68.14 -15.58 -2.63
N GLY A 227 67.47 -16.35 -3.50
CA GLY A 227 66.77 -17.52 -3.02
C GLY A 227 65.25 -17.47 -3.06
N ALA A 228 64.70 -16.36 -3.52
CA ALA A 228 63.26 -16.26 -3.61
C ALA A 228 62.81 -17.05 -4.83
N PRO A 229 61.99 -18.08 -4.62
CA PRO A 229 61.49 -18.89 -5.74
C PRO A 229 60.61 -18.03 -6.62
N ALA A 230 60.82 -18.09 -7.92
CA ALA A 230 60.01 -17.29 -8.83
C ALA A 230 58.52 -17.58 -8.64
N SER A 231 58.21 -18.84 -8.35
CA SER A 231 56.83 -19.28 -8.16
C SER A 231 56.19 -18.63 -6.93
N LYS A 232 57.02 -18.10 -6.03
CA LYS A 232 56.52 -17.45 -4.82
C LYS A 232 56.70 -15.93 -4.89
N LEU A 233 57.12 -15.42 -6.04
CA LEU A 233 57.38 -13.98 -6.14
C LEU A 233 56.35 -13.19 -6.92
N VAL A 234 55.69 -12.27 -6.24
CA VAL A 234 54.69 -11.43 -6.87
C VAL A 234 55.30 -10.03 -6.98
N MET A 235 55.37 -9.53 -8.21
CA MET A 235 55.96 -8.25 -8.51
C MET A 235 54.99 -7.06 -8.37
N GLY A 236 55.37 -6.11 -7.53
CA GLY A 236 54.51 -4.96 -7.32
C GLY A 236 54.45 -3.98 -8.47
N ILE A 237 53.25 -3.57 -8.83
CA ILE A 237 53.01 -2.59 -9.88
C ILE A 237 52.16 -1.51 -9.22
N PRO A 238 52.63 -0.26 -9.22
CA PRO A 238 51.87 0.82 -8.58
C PRO A 238 50.80 1.42 -9.48
N THR A 239 49.71 1.85 -8.89
CA THR A 239 48.65 2.48 -9.68
C THR A 239 48.65 3.96 -9.31
N PHE A 240 49.76 4.39 -8.73
CA PHE A 240 49.91 5.78 -8.33
C PHE A 240 51.26 6.20 -8.85
N GLY A 241 51.45 7.50 -9.03
CA GLY A 241 52.74 7.97 -9.51
C GLY A 241 53.36 8.88 -8.47
N ARG A 242 54.68 9.07 -8.57
CA ARG A 242 55.38 9.97 -7.65
C ARG A 242 55.53 11.28 -8.41
N SER A 243 55.16 12.37 -7.76
CA SER A 243 55.23 13.67 -8.39
C SER A 243 56.36 14.54 -7.86
N PHE A 244 56.74 15.52 -8.66
CA PHE A 244 57.81 16.44 -8.30
C PHE A 244 57.46 17.82 -8.82
N THR A 245 58.00 18.85 -8.18
CA THR A 245 57.77 20.19 -8.65
C THR A 245 59.06 20.61 -9.36
N LEU A 246 58.96 20.83 -10.66
CA LEU A 246 60.11 21.21 -11.45
C LEU A 246 60.65 22.52 -10.93
N ALA A 247 61.92 22.76 -11.19
CA ALA A 247 62.58 23.98 -10.75
C ALA A 247 63.12 24.78 -11.93
N SER A 248 62.87 24.31 -13.14
CA SER A 248 63.35 24.97 -14.33
C SER A 248 62.50 24.58 -15.52
N SER A 249 62.98 24.94 -16.71
CA SER A 249 62.28 24.61 -17.93
C SER A 249 62.59 23.19 -18.34
N GLU A 250 63.56 22.57 -17.67
CA GLU A 250 63.93 21.18 -17.99
C GLU A 250 62.83 20.27 -17.45
N THR A 251 62.34 19.39 -18.31
CA THR A 251 61.26 18.49 -17.93
C THR A 251 61.57 17.02 -18.15
N GLY A 252 62.80 16.71 -18.56
CA GLY A 252 63.15 15.32 -18.80
C GLY A 252 63.58 14.62 -17.52
N VAL A 253 63.93 13.35 -17.63
CA VAL A 253 64.37 12.59 -16.47
C VAL A 253 65.63 13.25 -15.93
N GLY A 254 65.73 13.38 -14.61
CA GLY A 254 66.92 13.98 -14.05
C GLY A 254 66.92 15.50 -14.00
N ALA A 255 65.79 16.09 -14.36
CA ALA A 255 65.65 17.54 -14.33
C ALA A 255 65.57 18.01 -12.88
N PRO A 256 65.96 19.28 -12.62
CA PRO A 256 65.95 19.87 -11.28
C PRO A 256 64.57 20.03 -10.70
N ILE A 257 64.44 19.77 -9.41
CA ILE A 257 63.15 19.91 -8.74
C ILE A 257 63.32 20.72 -7.45
N SER A 258 62.25 21.41 -7.06
CA SER A 258 62.27 22.19 -5.84
C SER A 258 61.67 21.36 -4.70
N GLY A 259 61.09 20.21 -5.05
CA GLY A 259 60.52 19.34 -4.05
C GLY A 259 59.43 18.42 -4.58
N PRO A 260 58.60 17.85 -3.71
CA PRO A 260 57.52 16.95 -4.11
C PRO A 260 56.52 17.68 -5.03
N GLY A 261 55.65 16.92 -5.70
CA GLY A 261 54.67 17.53 -6.57
C GLY A 261 53.50 18.08 -5.79
N ILE A 262 52.72 18.96 -6.43
CA ILE A 262 51.56 19.56 -5.82
C ILE A 262 50.62 18.43 -5.45
N PRO A 263 50.09 18.44 -4.22
CA PRO A 263 49.18 17.39 -3.75
C PRO A 263 47.96 17.22 -4.64
N GLY A 264 47.57 15.96 -4.85
CA GLY A 264 46.41 15.66 -5.66
C GLY A 264 45.14 16.05 -4.95
N ARG A 265 44.15 16.47 -5.71
CA ARG A 265 42.86 16.89 -5.17
C ARG A 265 42.26 15.91 -4.17
N PHE A 266 42.32 14.61 -4.49
CA PHE A 266 41.76 13.60 -3.63
C PHE A 266 42.72 12.88 -2.67
N THR A 267 43.96 12.69 -3.05
CA THR A 267 44.90 11.99 -2.17
C THR A 267 45.59 12.91 -1.20
N LYS A 268 45.39 14.22 -1.39
CA LYS A 268 45.95 15.24 -0.50
C LYS A 268 47.34 14.91 0.08
N GLU A 269 48.27 14.49 -0.76
CA GLU A 269 49.63 14.18 -0.31
C GLU A 269 50.75 14.54 -1.29
N ALA A 270 51.59 15.49 -0.89
CA ALA A 270 52.69 15.94 -1.74
C ALA A 270 53.54 14.79 -2.26
N GLY A 271 53.82 14.83 -3.56
CA GLY A 271 54.64 13.81 -4.19
C GLY A 271 53.86 12.56 -4.59
N THR A 272 52.54 12.61 -4.44
CA THR A 272 51.72 11.46 -4.80
C THR A 272 50.47 11.81 -5.58
N LEU A 273 50.13 10.96 -6.53
CA LEU A 273 48.95 11.15 -7.35
C LEU A 273 48.39 9.79 -7.69
N ALA A 274 47.12 9.60 -7.36
CA ALA A 274 46.46 8.35 -7.65
C ALA A 274 46.30 8.38 -9.17
N TYR A 275 46.29 7.22 -9.80
CA TYR A 275 46.15 7.18 -11.25
C TYR A 275 44.96 8.01 -11.74
N TYR A 276 43.85 7.98 -10.99
CA TYR A 276 42.72 8.78 -11.45
C TYR A 276 43.08 10.25 -11.39
N GLU A 277 43.78 10.66 -10.34
CA GLU A 277 44.18 12.06 -10.26
C GLU A 277 45.10 12.37 -11.44
N ILE A 278 45.91 11.38 -11.80
CA ILE A 278 46.83 11.54 -12.91
C ILE A 278 46.09 11.71 -14.23
N CYS A 279 45.00 10.97 -14.39
CA CYS A 279 44.20 11.05 -15.62
C CYS A 279 43.71 12.48 -15.82
N ASP A 280 43.43 13.17 -14.72
CA ASP A 280 42.98 14.56 -14.82
C ASP A 280 44.19 15.39 -15.19
N PHE A 281 45.32 15.05 -14.58
CA PHE A 281 46.57 15.76 -14.82
C PHE A 281 46.97 15.63 -16.28
N LEU A 282 46.80 14.44 -16.85
CA LEU A 282 47.18 14.22 -18.23
C LEU A 282 46.47 15.18 -19.16
N ARG A 283 45.30 15.65 -18.74
CA ARG A 283 44.54 16.59 -19.57
C ARG A 283 45.35 17.88 -19.68
N GLY A 284 45.95 18.06 -20.85
CA GLY A 284 46.74 19.24 -21.11
C GLY A 284 48.21 18.99 -20.83
N ALA A 285 48.52 17.80 -20.34
CA ALA A 285 49.90 17.47 -20.04
C ALA A 285 50.56 16.80 -21.23
N THR A 286 51.85 16.53 -21.10
CA THR A 286 52.59 15.88 -22.15
C THR A 286 53.20 14.62 -21.58
N VAL A 287 52.89 13.49 -22.19
CA VAL A 287 53.39 12.20 -21.74
C VAL A 287 54.63 11.79 -22.53
N HIS A 288 55.64 11.34 -21.80
CA HIS A 288 56.88 10.91 -22.40
C HIS A 288 57.19 9.49 -21.96
N ARG A 289 57.45 8.64 -22.94
CA ARG A 289 57.79 7.25 -22.70
C ARG A 289 59.29 7.17 -22.45
N ILE A 290 59.67 6.81 -21.23
CA ILE A 290 61.09 6.71 -20.90
C ILE A 290 61.70 5.45 -21.51
N LEU A 291 62.41 5.62 -22.63
CA LEU A 291 63.05 4.49 -23.29
C LEU A 291 63.97 3.77 -22.32
N GLY A 292 64.03 2.46 -22.40
CA GLY A 292 64.91 1.74 -21.51
C GLY A 292 64.27 1.48 -20.17
N GLN A 293 63.35 2.35 -19.75
CA GLN A 293 62.68 2.13 -18.48
C GLN A 293 61.27 1.58 -18.68
N GLN A 294 60.78 1.66 -19.92
CA GLN A 294 59.47 1.14 -20.28
C GLN A 294 58.28 1.78 -19.55
N VAL A 295 58.52 2.93 -18.92
CA VAL A 295 57.46 3.59 -18.18
C VAL A 295 57.33 5.05 -18.58
N PRO A 296 56.11 5.60 -18.45
CA PRO A 296 55.89 7.00 -18.81
C PRO A 296 55.99 7.97 -17.66
N TYR A 297 56.06 9.25 -18.00
CA TYR A 297 56.06 10.30 -17.01
C TYR A 297 55.33 11.43 -17.73
N ALA A 298 54.58 12.20 -16.99
CA ALA A 298 53.86 13.27 -17.64
C ALA A 298 54.35 14.53 -16.98
N THR A 299 54.32 15.63 -17.71
CA THR A 299 54.74 16.89 -17.16
C THR A 299 53.84 17.98 -17.73
N LYS A 300 53.52 18.95 -16.90
CA LYS A 300 52.66 20.05 -17.29
C LYS A 300 53.01 21.18 -16.34
N GLY A 301 53.37 22.33 -16.88
CA GLY A 301 53.74 23.42 -16.00
C GLY A 301 54.93 22.96 -15.16
N ASN A 302 54.93 23.33 -13.88
CA ASN A 302 56.04 22.96 -13.02
C ASN A 302 55.85 21.60 -12.31
N GLN A 303 54.94 20.78 -12.83
CA GLN A 303 54.68 19.47 -12.26
C GLN A 303 55.18 18.34 -13.17
N TRP A 304 55.75 17.33 -12.53
CA TRP A 304 56.30 16.17 -13.21
C TRP A 304 55.84 14.96 -12.41
N VAL A 305 55.31 13.96 -13.08
CA VAL A 305 54.86 12.78 -12.36
C VAL A 305 55.20 11.53 -13.13
N GLY A 306 55.91 10.62 -12.48
CA GLY A 306 56.26 9.36 -13.11
C GLY A 306 55.21 8.39 -12.64
N TYR A 307 54.61 7.66 -13.56
CA TYR A 307 53.57 6.72 -13.17
C TYR A 307 53.53 5.53 -14.11
N ASP A 308 52.56 4.65 -13.86
CA ASP A 308 52.37 3.48 -14.69
C ASP A 308 51.00 3.65 -15.36
N ASP A 309 50.88 3.20 -16.60
CA ASP A 309 49.61 3.28 -17.31
C ASP A 309 49.37 1.96 -17.99
N GLN A 310 48.26 1.84 -18.70
CA GLN A 310 47.92 0.60 -19.36
C GLN A 310 49.09 -0.01 -20.10
N GLU A 311 49.75 0.79 -20.93
CA GLU A 311 50.86 0.27 -21.69
C GLU A 311 51.98 -0.22 -20.79
N SER A 312 52.45 0.63 -19.89
CA SER A 312 53.56 0.25 -19.02
C SER A 312 53.28 -0.99 -18.17
N VAL A 313 52.07 -1.09 -17.59
CA VAL A 313 51.76 -2.24 -16.77
C VAL A 313 51.72 -3.51 -17.58
N LYS A 314 51.27 -3.41 -18.83
CA LYS A 314 51.23 -4.56 -19.72
C LYS A 314 52.66 -5.05 -19.92
N SER A 315 53.59 -4.11 -20.10
CA SER A 315 55.00 -4.45 -20.30
C SER A 315 55.54 -5.11 -19.04
N LYS A 316 55.16 -4.58 -17.88
CA LYS A 316 55.63 -5.12 -16.62
C LYS A 316 55.14 -6.55 -16.40
N VAL A 317 53.95 -6.85 -16.91
CA VAL A 317 53.40 -8.18 -16.77
C VAL A 317 54.22 -9.13 -17.65
N GLN A 318 54.52 -8.71 -18.88
CA GLN A 318 55.31 -9.56 -19.76
C GLN A 318 56.61 -9.83 -19.06
N TYR A 319 57.24 -8.79 -18.53
CA TYR A 319 58.49 -8.97 -17.83
C TYR A 319 58.34 -10.09 -16.81
N LEU A 320 57.35 -9.96 -15.94
CA LEU A 320 57.14 -10.96 -14.89
C LEU A 320 56.77 -12.35 -15.41
N LYS A 321 55.98 -12.43 -16.48
CA LYS A 321 55.64 -13.73 -17.03
C LYS A 321 56.91 -14.35 -17.60
N ASP A 322 57.67 -13.55 -18.35
CA ASP A 322 58.91 -14.00 -18.95
C ASP A 322 59.88 -14.42 -17.86
N ARG A 323 59.66 -13.92 -16.66
CA ARG A 323 60.51 -14.26 -15.52
C ARG A 323 59.88 -15.41 -14.75
N GLN A 324 58.67 -15.78 -15.16
CA GLN A 324 57.95 -16.86 -14.53
C GLN A 324 57.75 -16.59 -13.05
N LEU A 325 57.18 -15.43 -12.75
CA LEU A 325 56.92 -15.04 -11.38
C LEU A 325 55.52 -15.49 -11.01
N ALA A 326 55.22 -15.48 -9.71
CA ALA A 326 53.93 -15.90 -9.21
C ALA A 326 52.81 -15.01 -9.78
N GLY A 327 53.16 -13.75 -10.05
CA GLY A 327 52.17 -12.85 -10.58
C GLY A 327 52.48 -11.39 -10.29
N ALA A 328 51.44 -10.57 -10.37
CA ALA A 328 51.59 -9.15 -10.13
C ALA A 328 50.88 -8.73 -8.84
N MET A 329 51.43 -7.70 -8.19
CA MET A 329 50.82 -7.16 -6.97
C MET A 329 50.51 -5.71 -7.28
N VAL A 330 49.31 -5.29 -6.92
CA VAL A 330 48.92 -3.93 -7.20
C VAL A 330 48.77 -3.09 -5.95
N TRP A 331 49.32 -1.88 -6.00
CA TRP A 331 49.19 -0.95 -4.90
C TRP A 331 48.77 0.39 -5.49
N ALA A 332 47.51 0.76 -5.36
CA ALA A 332 46.49 -0.04 -4.70
C ALA A 332 45.18 0.16 -5.46
N LEU A 333 44.19 -0.66 -5.16
CA LEU A 333 42.92 -0.57 -5.84
C LEU A 333 42.29 0.79 -5.71
N ASP A 334 42.39 1.38 -4.53
CA ASP A 334 41.82 2.69 -4.30
C ASP A 334 42.59 3.80 -5.01
N LEU A 335 43.74 3.46 -5.59
CA LEU A 335 44.56 4.45 -6.29
C LEU A 335 44.38 4.37 -7.80
N ASP A 336 43.78 3.27 -8.24
CA ASP A 336 43.47 3.03 -9.64
C ASP A 336 42.17 3.83 -9.84
N ASP A 337 41.71 3.98 -11.07
CA ASP A 337 40.46 4.70 -11.27
C ASP A 337 39.36 3.69 -10.98
N PHE A 338 39.12 3.43 -9.70
CA PHE A 338 38.10 2.46 -9.30
C PHE A 338 36.70 2.91 -9.70
N GLN A 339 36.51 4.22 -9.80
CA GLN A 339 35.23 4.79 -10.22
C GLN A 339 35.05 4.64 -11.75
N GLY A 340 36.17 4.61 -12.48
CA GLY A 340 36.09 4.47 -13.92
C GLY A 340 35.56 5.73 -14.59
N SER A 341 35.53 6.82 -13.86
CA SER A 341 35.01 8.07 -14.39
C SER A 341 36.08 9.11 -14.71
N PHE A 342 37.30 8.92 -14.23
CA PHE A 342 38.35 9.92 -14.45
C PHE A 342 39.16 9.74 -15.73
N CYS A 343 39.37 8.50 -16.14
CA CYS A 343 40.17 8.24 -17.32
C CYS A 343 39.32 8.02 -18.56
N GLY A 344 38.01 8.24 -18.43
CA GLY A 344 37.11 8.05 -19.55
C GLY A 344 36.92 6.57 -19.80
N GLN A 345 36.35 6.23 -20.94
CA GLN A 345 36.11 4.84 -21.30
C GLN A 345 35.18 4.18 -20.28
N ASP A 346 34.78 4.95 -19.28
CA ASP A 346 33.91 4.45 -18.21
C ASP A 346 34.39 3.12 -17.64
N LEU A 347 35.61 2.73 -17.99
CA LEU A 347 36.17 1.49 -17.51
C LEU A 347 36.73 1.65 -16.09
N ARG A 348 36.21 0.84 -15.17
CA ARG A 348 36.65 0.87 -13.79
C ARG A 348 37.96 0.09 -13.69
N PHE A 349 38.81 0.48 -12.75
CA PHE A 349 40.09 -0.19 -12.54
C PHE A 349 40.88 -0.42 -13.82
N PRO A 350 41.04 0.62 -14.65
CA PRO A 350 41.77 0.52 -15.91
C PRO A 350 43.13 -0.14 -15.79
N LEU A 351 43.95 0.31 -14.84
CA LEU A 351 45.27 -0.25 -14.67
C LEU A 351 45.23 -1.69 -14.21
N THR A 352 44.48 -1.96 -13.15
CA THR A 352 44.43 -3.31 -12.63
C THR A 352 43.87 -4.29 -13.66
N ASN A 353 42.83 -3.86 -14.39
CA ASN A 353 42.23 -4.73 -15.42
C ASN A 353 43.24 -4.97 -16.55
N ALA A 354 44.02 -3.94 -16.85
CA ALA A 354 45.04 -4.05 -17.87
C ALA A 354 45.98 -5.17 -17.45
N ILE A 355 46.39 -5.14 -16.19
CA ILE A 355 47.28 -6.15 -15.63
C ILE A 355 46.62 -7.54 -15.72
N LYS A 356 45.35 -7.61 -15.36
CA LYS A 356 44.61 -8.87 -15.38
C LYS A 356 44.63 -9.43 -16.80
N ASP A 357 44.23 -8.61 -17.76
CA ASP A 357 44.19 -9.02 -19.15
C ASP A 357 45.55 -9.53 -19.61
N ALA A 358 46.59 -8.76 -19.32
CA ALA A 358 47.95 -9.11 -19.70
C ALA A 358 48.36 -10.48 -19.16
N LEU A 359 47.98 -10.76 -17.92
CA LEU A 359 48.31 -12.03 -17.30
C LEU A 359 47.58 -13.18 -17.98
N ALA A 360 46.33 -12.95 -18.37
CA ALA A 360 45.53 -13.97 -19.03
C ALA A 360 45.84 -14.12 -20.52
N ALA A 361 46.41 -13.07 -21.11
CA ALA A 361 46.74 -13.08 -22.53
C ALA A 361 47.78 -14.12 -22.93
N THR A 362 47.78 -14.47 -24.21
CA THR A 362 48.72 -15.43 -24.80
C THR A 362 48.71 -16.79 -24.12
N TYR B 1 12.40 -19.91 -32.45
CA TYR B 1 10.98 -19.57 -32.74
C TYR B 1 10.49 -18.41 -31.86
N LYS B 2 9.22 -18.06 -32.01
CA LYS B 2 8.62 -17.00 -31.20
C LYS B 2 8.08 -17.58 -29.88
N LEU B 3 8.18 -16.81 -28.82
CA LEU B 3 7.67 -17.24 -27.52
C LEU B 3 6.82 -16.11 -26.96
N VAL B 4 5.58 -16.06 -27.44
CA VAL B 4 4.63 -15.04 -27.03
C VAL B 4 4.05 -15.32 -25.64
N CYS B 5 4.33 -14.43 -24.70
CA CYS B 5 3.84 -14.57 -23.34
C CYS B 5 2.91 -13.45 -22.94
N TYR B 6 1.81 -13.82 -22.33
CA TYR B 6 0.83 -12.86 -21.86
C TYR B 6 1.03 -12.56 -20.39
N TYR B 7 0.80 -11.30 -20.04
CA TYR B 7 0.86 -10.85 -18.67
C TYR B 7 -0.51 -10.22 -18.51
N THR B 8 -1.22 -10.62 -17.46
CA THR B 8 -2.54 -10.08 -17.21
C THR B 8 -2.49 -9.04 -16.11
N SER B 9 -2.86 -7.81 -16.45
CA SER B 9 -2.84 -6.69 -15.52
C SER B 9 -3.52 -7.00 -14.18
N TRP B 10 -4.62 -7.74 -14.21
CA TRP B 10 -5.32 -8.06 -12.98
C TRP B 10 -4.58 -9.03 -12.06
N SER B 11 -3.48 -9.61 -12.52
CA SER B 11 -2.70 -10.53 -11.69
C SER B 11 -1.99 -9.79 -10.54
N GLN B 12 -1.96 -8.47 -10.63
CA GLN B 12 -1.32 -7.63 -9.62
C GLN B 12 -2.06 -7.69 -8.30
N TYR B 13 -3.38 -7.87 -8.38
CA TYR B 13 -4.25 -7.90 -7.21
C TYR B 13 -4.30 -9.18 -6.37
N ARG B 14 -3.67 -10.24 -6.85
CA ARG B 14 -3.69 -11.48 -6.08
C ARG B 14 -2.92 -11.38 -4.77
N GLU B 15 -3.54 -11.85 -3.70
CA GLU B 15 -2.94 -11.83 -2.36
C GLU B 15 -1.51 -12.37 -2.31
N GLY B 16 -0.76 -11.89 -1.33
CA GLY B 16 0.59 -12.36 -1.12
C GLY B 16 1.47 -12.59 -2.34
N ASP B 17 2.22 -13.69 -2.31
CA ASP B 17 3.12 -14.04 -3.40
C ASP B 17 2.38 -14.19 -4.73
N GLY B 18 1.05 -14.19 -4.66
CA GLY B 18 0.24 -14.32 -5.85
C GLY B 18 0.32 -13.09 -6.72
N SER B 19 0.37 -11.92 -6.08
CA SER B 19 0.47 -10.64 -6.78
C SER B 19 1.63 -10.66 -7.78
N CYS B 20 1.34 -10.25 -9.01
CA CYS B 20 2.37 -10.22 -10.03
C CYS B 20 2.34 -8.94 -10.82
N PHE B 21 3.49 -8.29 -10.92
CA PHE B 21 3.64 -7.04 -11.67
C PHE B 21 4.66 -7.26 -12.77
N PRO B 22 4.59 -6.46 -13.85
CA PRO B 22 5.54 -6.61 -14.96
C PRO B 22 7.01 -6.66 -14.55
N ASP B 23 7.36 -5.95 -13.50
CA ASP B 23 8.74 -5.90 -13.03
C ASP B 23 9.19 -7.23 -12.42
N ALA B 24 8.27 -8.19 -12.37
CA ALA B 24 8.57 -9.51 -11.81
C ALA B 24 8.77 -10.53 -12.95
N LEU B 25 8.84 -10.03 -14.18
CA LEU B 25 9.01 -10.87 -15.36
C LEU B 25 10.44 -10.90 -15.90
N ASP B 26 10.94 -12.11 -16.16
CA ASP B 26 12.28 -12.26 -16.71
C ASP B 26 12.31 -11.74 -18.15
N ARG B 27 12.99 -10.62 -18.35
CA ARG B 27 13.10 -9.98 -19.66
C ARG B 27 13.65 -10.87 -20.77
N PHE B 28 14.41 -11.90 -20.38
CA PHE B 28 15.01 -12.82 -21.34
C PHE B 28 14.19 -14.07 -21.63
N LEU B 29 13.21 -14.35 -20.77
CA LEU B 29 12.35 -15.53 -20.90
C LEU B 29 11.59 -15.63 -22.23
N CYS B 30 10.85 -14.59 -22.58
CA CYS B 30 10.05 -14.59 -23.80
C CYS B 30 10.62 -13.69 -24.86
N THR B 31 10.07 -13.79 -26.07
CA THR B 31 10.51 -12.94 -27.17
C THR B 31 9.51 -11.82 -27.28
N HIS B 32 8.26 -12.14 -26.98
CA HIS B 32 7.18 -11.17 -27.01
C HIS B 32 6.41 -11.26 -25.71
N ILE B 33 6.14 -10.12 -25.07
CA ILE B 33 5.35 -10.13 -23.87
C ILE B 33 4.14 -9.27 -24.15
N ILE B 34 2.95 -9.87 -24.06
CA ILE B 34 1.72 -9.14 -24.34
C ILE B 34 0.98 -8.74 -23.07
N TYR B 35 0.69 -7.45 -22.98
CA TYR B 35 -0.01 -6.89 -21.84
C TYR B 35 -1.52 -7.04 -22.07
N SER B 36 -2.23 -7.57 -21.10
CA SER B 36 -3.68 -7.77 -21.23
C SER B 36 -4.45 -7.16 -20.06
N PHE B 37 -5.47 -6.35 -20.33
CA PHE B 37 -5.90 -5.99 -21.68
C PHE B 37 -6.09 -4.49 -21.66
N ALA B 38 -6.21 -3.89 -22.83
CA ALA B 38 -6.44 -2.46 -22.94
C ALA B 38 -7.92 -2.34 -23.32
N ASN B 39 -8.56 -1.28 -22.85
CA ASN B 39 -9.97 -1.04 -23.12
C ASN B 39 -10.16 -0.23 -24.41
N ILE B 40 -11.40 0.12 -24.73
CA ILE B 40 -11.68 0.96 -25.89
C ILE B 40 -12.85 1.89 -25.55
N SER B 41 -12.51 3.13 -25.20
CA SER B 41 -13.51 4.15 -24.85
C SER B 41 -13.60 5.21 -25.94
N ASN B 42 -14.81 5.66 -26.22
CA ASN B 42 -15.02 6.67 -27.25
C ASN B 42 -14.26 6.26 -28.50
N ASP B 43 -14.28 4.95 -28.76
CA ASP B 43 -13.62 4.40 -29.92
C ASP B 43 -12.11 4.70 -29.97
N HIS B 44 -11.49 4.80 -28.80
CA HIS B 44 -10.06 5.06 -28.70
C HIS B 44 -9.44 3.99 -27.79
N ILE B 45 -8.29 3.43 -28.21
CA ILE B 45 -7.66 2.43 -27.36
C ILE B 45 -7.21 3.18 -26.11
N ASP B 46 -7.77 2.79 -24.97
CA ASP B 46 -7.46 3.45 -23.71
C ASP B 46 -7.02 2.43 -22.67
N THR B 47 -6.52 2.91 -21.54
CA THR B 47 -6.08 2.00 -20.48
C THR B 47 -7.30 1.33 -19.86
N TRP B 48 -7.05 0.31 -19.06
CA TRP B 48 -8.11 -0.44 -18.41
C TRP B 48 -7.99 -0.28 -16.91
N GLU B 49 -6.82 -0.64 -16.39
CA GLU B 49 -6.55 -0.57 -14.96
C GLU B 49 -6.02 0.82 -14.60
N TRP B 50 -6.37 1.29 -13.40
CA TRP B 50 -5.94 2.62 -12.94
C TRP B 50 -4.45 2.88 -13.06
N ASN B 51 -3.63 1.85 -12.88
CA ASN B 51 -2.18 2.01 -12.95
C ASN B 51 -1.56 1.38 -14.19
N ASP B 52 -2.34 1.26 -15.26
CA ASP B 52 -1.82 0.66 -16.50
C ASP B 52 -0.57 1.38 -16.99
N VAL B 53 -0.64 2.71 -17.06
CA VAL B 53 0.48 3.48 -17.55
C VAL B 53 1.75 3.14 -16.78
N THR B 54 1.62 2.97 -15.47
CA THR B 54 2.77 2.63 -14.63
C THR B 54 3.30 1.25 -15.01
N LEU B 55 2.40 0.28 -15.03
CA LEU B 55 2.77 -1.10 -15.36
C LEU B 55 3.30 -1.18 -16.79
N TYR B 56 2.75 -0.36 -17.69
CA TYR B 56 3.21 -0.34 -19.09
C TYR B 56 4.72 -0.12 -19.05
N GLY B 57 5.11 0.99 -18.42
CA GLY B 57 6.51 1.32 -18.32
C GLY B 57 7.28 0.23 -17.63
N MET B 58 6.74 -0.24 -16.51
CA MET B 58 7.37 -1.29 -15.73
C MET B 58 7.69 -2.49 -16.62
N LEU B 59 6.82 -2.75 -17.59
CA LEU B 59 6.99 -3.86 -18.52
C LEU B 59 8.04 -3.55 -19.57
N ASN B 60 7.85 -2.44 -20.28
CA ASN B 60 8.77 -2.03 -21.34
C ASN B 60 10.20 -1.78 -20.86
N THR B 61 10.35 -1.53 -19.56
CA THR B 61 11.66 -1.30 -18.96
C THR B 61 12.49 -2.57 -19.17
N LEU B 62 11.79 -3.69 -19.30
CA LEU B 62 12.44 -4.97 -19.49
C LEU B 62 13.18 -4.98 -20.82
N LYS B 63 12.80 -4.06 -21.71
CA LYS B 63 13.42 -3.96 -23.02
C LYS B 63 14.78 -3.26 -22.99
N ASN B 64 15.07 -2.55 -21.90
CA ASN B 64 16.33 -1.84 -21.80
C ASN B 64 17.54 -2.76 -21.85
N ARG B 65 17.55 -3.78 -21.01
CA ARG B 65 18.67 -4.72 -21.02
C ARG B 65 18.52 -5.74 -22.14
N ASN B 66 17.35 -5.76 -22.77
CA ASN B 66 17.09 -6.71 -23.86
C ASN B 66 16.36 -6.00 -25.00
N PRO B 67 17.11 -5.53 -25.99
CA PRO B 67 16.55 -4.81 -27.13
C PRO B 67 15.64 -5.68 -28.00
N ASN B 68 15.94 -6.97 -28.05
CA ASN B 68 15.20 -7.94 -28.84
C ASN B 68 13.82 -8.31 -28.31
N LEU B 69 13.53 -7.96 -27.06
CA LEU B 69 12.23 -8.26 -26.49
C LEU B 69 11.19 -7.33 -27.08
N LYS B 70 10.23 -7.88 -27.82
CA LYS B 70 9.17 -7.06 -28.39
C LYS B 70 8.00 -7.09 -27.42
N THR B 71 7.23 -6.02 -27.42
CA THR B 71 6.10 -5.91 -26.50
C THR B 71 4.84 -5.47 -27.21
N LEU B 72 3.74 -6.16 -26.92
CA LEU B 72 2.48 -5.80 -27.54
C LEU B 72 1.44 -5.56 -26.46
N LEU B 73 0.49 -4.69 -26.77
CA LEU B 73 -0.59 -4.38 -25.84
C LEU B 73 -1.78 -5.10 -26.43
N SER B 74 -2.49 -5.86 -25.61
CA SER B 74 -3.65 -6.60 -26.09
C SER B 74 -4.95 -5.89 -25.80
N VAL B 75 -5.69 -5.55 -26.85
CA VAL B 75 -6.96 -4.89 -26.66
C VAL B 75 -8.06 -5.93 -26.77
N GLY B 76 -9.03 -5.86 -25.88
CA GLY B 76 -10.12 -6.81 -25.89
C GLY B 76 -10.30 -7.43 -24.51
N GLY B 77 -10.29 -8.75 -24.45
CA GLY B 77 -10.47 -9.45 -23.19
C GLY B 77 -11.88 -10.00 -23.04
N TRP B 78 -12.10 -10.82 -22.02
CA TRP B 78 -13.42 -11.40 -21.78
C TRP B 78 -14.36 -10.42 -21.13
N ASN B 79 -13.82 -9.54 -20.29
CA ASN B 79 -14.60 -8.54 -19.61
C ASN B 79 -14.90 -7.35 -20.50
N PHE B 80 -14.49 -7.44 -21.76
CA PHE B 80 -14.73 -6.35 -22.69
C PHE B 80 -16.16 -6.42 -23.20
N GLY B 81 -16.61 -7.63 -23.52
CA GLY B 81 -17.96 -7.80 -24.02
C GLY B 81 -17.94 -7.69 -25.54
N SER B 82 -17.89 -8.85 -26.21
CA SER B 82 -17.86 -8.92 -27.66
C SER B 82 -18.89 -8.00 -28.31
N GLN B 83 -19.86 -7.57 -27.50
CA GLN B 83 -20.91 -6.67 -27.97
C GLN B 83 -20.30 -5.33 -28.31
N ARG B 84 -19.70 -4.68 -27.31
CA ARG B 84 -19.07 -3.39 -27.51
C ARG B 84 -18.08 -3.49 -28.66
N PHE B 85 -17.26 -4.55 -28.64
CA PHE B 85 -16.26 -4.75 -29.67
C PHE B 85 -16.92 -4.90 -31.03
N SER B 86 -18.06 -5.58 -31.07
CA SER B 86 -18.80 -5.77 -32.31
C SER B 86 -19.14 -4.40 -32.89
N LYS B 87 -19.84 -3.60 -32.10
CA LYS B 87 -20.23 -2.25 -32.49
C LYS B 87 -19.06 -1.45 -33.03
N ILE B 88 -18.01 -1.32 -32.22
CA ILE B 88 -16.82 -0.57 -32.60
C ILE B 88 -16.31 -1.01 -33.98
N ALA B 89 -16.34 -2.31 -34.25
CA ALA B 89 -15.86 -2.83 -35.53
C ALA B 89 -16.90 -2.78 -36.64
N SER B 90 -18.17 -2.79 -36.27
CA SER B 90 -19.27 -2.73 -37.23
C SER B 90 -19.35 -1.33 -37.84
N ASN B 91 -19.48 -0.34 -36.96
CA ASN B 91 -19.56 1.08 -37.34
C ASN B 91 -18.27 1.51 -38.03
N THR B 92 -18.40 2.12 -39.21
CA THR B 92 -17.23 2.54 -39.96
C THR B 92 -16.44 3.68 -39.33
N GLN B 93 -17.15 4.67 -38.78
CA GLN B 93 -16.48 5.80 -38.15
C GLN B 93 -15.75 5.28 -36.92
N SER B 94 -16.50 4.60 -36.07
CA SER B 94 -15.98 4.02 -34.84
C SER B 94 -14.73 3.18 -35.11
N ARG B 95 -14.77 2.37 -36.17
CA ARG B 95 -13.63 1.53 -36.52
C ARG B 95 -12.40 2.40 -36.81
N ARG B 96 -12.60 3.45 -37.60
CA ARG B 96 -11.51 4.35 -37.96
C ARG B 96 -10.91 5.03 -36.74
N THR B 97 -11.79 5.64 -35.93
CA THR B 97 -11.35 6.33 -34.70
C THR B 97 -10.38 5.43 -33.94
N PHE B 98 -10.84 4.22 -33.63
CA PHE B 98 -10.07 3.23 -32.90
C PHE B 98 -8.74 2.91 -33.58
N ILE B 99 -8.79 2.49 -34.84
CA ILE B 99 -7.59 2.14 -35.57
C ILE B 99 -6.56 3.26 -35.49
N LYS B 100 -7.01 4.48 -35.72
CA LYS B 100 -6.13 5.65 -35.71
C LYS B 100 -5.51 5.91 -34.35
N SER B 101 -6.29 5.67 -33.29
CA SER B 101 -5.82 5.90 -31.94
C SER B 101 -4.76 4.91 -31.46
N VAL B 102 -4.64 3.78 -32.14
CA VAL B 102 -3.68 2.78 -31.70
C VAL B 102 -2.20 3.13 -31.84
N PRO B 103 -1.73 3.40 -33.07
CA PRO B 103 -0.31 3.74 -33.26
C PRO B 103 0.22 4.77 -32.24
N PRO B 104 -0.49 5.90 -32.08
CA PRO B 104 -0.01 6.89 -31.12
C PRO B 104 0.15 6.27 -29.74
N PHE B 105 -0.96 5.78 -29.20
CA PHE B 105 -1.02 5.15 -27.89
C PHE B 105 0.13 4.16 -27.68
N LEU B 106 0.41 3.35 -28.70
CA LEU B 106 1.47 2.36 -28.57
C LEU B 106 2.84 3.04 -28.44
N ARG B 107 3.14 3.94 -29.38
CA ARG B 107 4.40 4.68 -29.39
C ARG B 107 4.56 5.46 -28.10
N THR B 108 3.46 6.10 -27.69
CA THR B 108 3.41 6.90 -26.47
C THR B 108 3.82 6.08 -25.24
N HIS B 109 3.35 4.85 -25.17
CA HIS B 109 3.65 4.00 -24.02
C HIS B 109 4.70 2.91 -24.21
N GLY B 110 5.42 2.97 -25.33
CA GLY B 110 6.46 1.99 -25.57
C GLY B 110 6.10 0.58 -25.99
N PHE B 111 5.05 0.42 -26.77
CA PHE B 111 4.65 -0.91 -27.23
C PHE B 111 5.11 -1.10 -28.67
N ASP B 112 5.60 -2.29 -28.99
CA ASP B 112 6.07 -2.61 -30.33
C ASP B 112 4.95 -3.11 -31.23
N GLY B 113 3.76 -3.25 -30.67
CA GLY B 113 2.62 -3.73 -31.46
C GLY B 113 1.33 -3.92 -30.69
N LEU B 114 0.27 -4.25 -31.43
CA LEU B 114 -1.06 -4.46 -30.86
C LEU B 114 -1.52 -5.91 -31.01
N ASP B 115 -2.18 -6.42 -29.97
CA ASP B 115 -2.73 -7.77 -30.01
C ASP B 115 -4.23 -7.68 -29.94
N LEU B 116 -4.92 -8.25 -30.93
CA LEU B 116 -6.38 -8.23 -30.97
C LEU B 116 -6.94 -9.40 -30.20
N ALA B 117 -7.50 -9.10 -29.03
CA ALA B 117 -8.09 -10.10 -28.17
C ALA B 117 -9.60 -9.97 -28.15
N TRP B 118 -10.21 -9.99 -29.33
CA TRP B 118 -11.66 -9.89 -29.42
C TRP B 118 -12.18 -11.27 -29.06
N LEU B 119 -12.70 -11.44 -27.85
CA LEU B 119 -13.17 -12.74 -27.39
C LEU B 119 -14.67 -12.82 -27.09
N TYR B 120 -15.47 -13.20 -28.09
CA TYR B 120 -15.00 -13.52 -29.43
C TYR B 120 -15.99 -12.95 -30.44
N PRO B 121 -15.56 -12.77 -31.69
CA PRO B 121 -16.49 -12.22 -32.69
C PRO B 121 -17.68 -13.16 -32.81
N GLY B 122 -18.86 -12.62 -33.11
CA GLY B 122 -20.03 -13.45 -33.25
C GLY B 122 -20.11 -13.95 -34.68
N ARG B 123 -21.08 -14.79 -34.98
CA ARG B 123 -21.22 -15.29 -36.35
C ARG B 123 -21.40 -14.13 -37.33
N ARG B 124 -22.01 -13.05 -36.84
CA ARG B 124 -22.26 -11.87 -37.67
C ARG B 124 -21.04 -10.97 -37.79
N ASP B 125 -20.00 -11.23 -37.02
CA ASP B 125 -18.80 -10.39 -37.06
C ASP B 125 -17.66 -10.91 -37.92
N LYS B 126 -17.82 -12.08 -38.54
CA LYS B 126 -16.73 -12.63 -39.33
C LYS B 126 -16.10 -11.61 -40.27
N GLN B 127 -16.94 -10.91 -41.03
CA GLN B 127 -16.45 -9.91 -41.97
C GLN B 127 -15.84 -8.72 -41.26
N HIS B 128 -16.58 -8.18 -40.29
CA HIS B 128 -16.10 -7.04 -39.53
C HIS B 128 -14.70 -7.32 -38.97
N PHE B 129 -14.52 -8.52 -38.43
CA PHE B 129 -13.26 -8.92 -37.87
C PHE B 129 -12.14 -8.93 -38.93
N THR B 130 -12.50 -9.37 -40.14
CA THR B 130 -11.52 -9.40 -41.22
C THR B 130 -11.12 -7.97 -41.52
N THR B 131 -12.12 -7.12 -41.72
CA THR B 131 -11.89 -5.71 -42.02
C THR B 131 -10.99 -5.08 -40.97
N LEU B 132 -11.46 -5.11 -39.73
CA LEU B 132 -10.72 -4.54 -38.60
C LEU B 132 -9.24 -4.89 -38.63
N ILE B 133 -8.94 -6.16 -38.85
CA ILE B 133 -7.55 -6.60 -38.91
C ILE B 133 -6.84 -6.01 -40.13
N LYS B 134 -7.52 -6.04 -41.28
CA LYS B 134 -6.96 -5.51 -42.52
C LYS B 134 -6.60 -4.02 -42.39
N GLU B 135 -7.57 -3.23 -41.95
CA GLU B 135 -7.36 -1.79 -41.80
C GLU B 135 -6.39 -1.41 -40.67
N MET B 136 -6.33 -2.23 -39.63
CA MET B 136 -5.43 -1.97 -38.49
C MET B 136 -3.98 -2.14 -38.95
N LYS B 137 -3.77 -3.12 -39.82
CA LYS B 137 -2.44 -3.40 -40.36
C LYS B 137 -2.12 -2.26 -41.33
N ALA B 138 -3.14 -1.81 -42.06
CA ALA B 138 -2.98 -0.72 -43.01
C ALA B 138 -2.32 0.44 -42.28
N GLU B 139 -2.97 0.86 -41.20
CA GLU B 139 -2.52 1.95 -40.37
C GLU B 139 -1.10 1.75 -39.83
N PHE B 140 -0.79 0.55 -39.35
CA PHE B 140 0.56 0.29 -38.81
C PHE B 140 1.62 0.42 -39.89
N ILE B 141 1.25 0.08 -41.13
CA ILE B 141 2.16 0.18 -42.26
C ILE B 141 2.37 1.66 -42.58
N LYS B 142 1.27 2.40 -42.57
CA LYS B 142 1.28 3.83 -42.83
C LYS B 142 2.14 4.53 -41.78
N GLU B 143 1.77 4.38 -40.51
CA GLU B 143 2.48 5.00 -39.39
C GLU B 143 3.99 4.72 -39.40
N ALA B 144 4.43 3.74 -40.19
CA ALA B 144 5.84 3.39 -40.27
C ALA B 144 6.44 3.63 -41.66
N GLN B 145 5.59 4.03 -42.61
CA GLN B 145 6.01 4.31 -43.98
C GLN B 145 7.30 5.13 -44.02
N PRO B 146 7.36 6.22 -43.23
CA PRO B 146 8.57 7.07 -43.20
C PRO B 146 9.86 6.32 -42.88
N GLY B 147 9.79 5.32 -42.00
CA GLY B 147 11.00 4.57 -41.69
C GLY B 147 11.08 4.02 -40.27
N LYS B 148 9.95 4.01 -39.57
CA LYS B 148 9.91 3.48 -38.20
C LYS B 148 9.76 1.97 -38.28
N LYS B 149 10.23 1.25 -37.25
CA LYS B 149 10.06 -0.20 -37.24
C LYS B 149 8.56 -0.38 -37.06
N GLN B 150 7.91 -0.94 -38.06
CA GLN B 150 6.47 -1.13 -38.06
C GLN B 150 5.89 -1.83 -36.82
N LEU B 151 4.79 -1.28 -36.32
CA LEU B 151 4.11 -1.86 -35.17
C LEU B 151 3.58 -3.24 -35.54
N LEU B 152 3.72 -4.19 -34.63
CA LEU B 152 3.27 -5.56 -34.87
C LEU B 152 1.77 -5.72 -34.63
N LEU B 153 1.14 -6.58 -35.43
CA LEU B 153 -0.28 -6.83 -35.26
C LEU B 153 -0.56 -8.33 -35.12
N SER B 154 -1.02 -8.72 -33.94
CA SER B 154 -1.33 -10.10 -33.65
C SER B 154 -2.76 -10.23 -33.17
N ALA B 155 -3.23 -11.46 -33.05
CA ALA B 155 -4.59 -11.71 -32.59
C ALA B 155 -4.66 -13.05 -31.86
N ALA B 156 -5.35 -13.04 -30.73
CA ALA B 156 -5.54 -14.26 -29.96
C ALA B 156 -6.84 -14.87 -30.53
N LEU B 157 -6.74 -16.07 -31.07
CA LEU B 157 -7.93 -16.71 -31.66
C LEU B 157 -8.35 -17.99 -30.94
N SER B 158 -9.65 -18.25 -30.98
CA SER B 158 -10.20 -19.43 -30.34
C SER B 158 -9.67 -20.69 -31.01
N ALA B 159 -9.47 -21.75 -30.24
CA ALA B 159 -8.99 -22.99 -30.82
C ALA B 159 -10.18 -23.93 -31.04
N GLY B 160 -11.36 -23.47 -30.66
CA GLY B 160 -12.56 -24.28 -30.79
C GLY B 160 -13.12 -24.21 -32.18
N LYS B 161 -13.34 -25.39 -32.78
CA LYS B 161 -13.87 -25.47 -34.13
C LYS B 161 -15.09 -24.57 -34.36
N VAL B 162 -16.10 -24.70 -33.53
CA VAL B 162 -17.32 -23.91 -33.68
C VAL B 162 -17.01 -22.42 -33.88
N THR B 163 -16.32 -21.83 -32.91
CA THR B 163 -16.00 -20.42 -32.98
C THR B 163 -15.19 -20.10 -34.24
N ILE B 164 -14.22 -20.94 -34.54
CA ILE B 164 -13.38 -20.74 -35.72
C ILE B 164 -14.22 -20.69 -37.00
N ASP B 165 -15.18 -21.60 -37.12
CA ASP B 165 -16.04 -21.66 -38.31
C ASP B 165 -16.96 -20.45 -38.45
N SER B 166 -17.48 -19.96 -37.32
CA SER B 166 -18.40 -18.85 -37.36
C SER B 166 -17.79 -17.46 -37.26
N SER B 167 -16.64 -17.34 -36.60
CA SER B 167 -16.05 -16.03 -36.41
C SER B 167 -14.79 -15.66 -37.19
N TYR B 168 -14.03 -16.65 -37.65
CA TYR B 168 -12.81 -16.33 -38.34
C TYR B 168 -12.74 -16.70 -39.81
N ASP B 169 -12.08 -15.85 -40.58
CA ASP B 169 -11.86 -16.11 -42.00
C ASP B 169 -10.35 -16.29 -42.00
N ILE B 170 -9.90 -17.34 -41.34
CA ILE B 170 -8.48 -17.66 -41.22
C ILE B 170 -7.66 -17.29 -42.44
N ALA B 171 -8.10 -17.73 -43.61
CA ALA B 171 -7.38 -17.45 -44.85
C ALA B 171 -7.03 -15.97 -44.99
N LYS B 172 -8.05 -15.12 -44.88
CA LYS B 172 -7.88 -13.67 -45.01
C LYS B 172 -7.04 -13.00 -43.91
N ILE B 173 -7.54 -13.04 -42.68
CA ILE B 173 -6.84 -12.42 -41.57
C ILE B 173 -5.40 -12.88 -41.39
N SER B 174 -5.06 -14.03 -41.96
CA SER B 174 -3.70 -14.58 -41.84
C SER B 174 -2.69 -13.81 -42.68
N GLN B 175 -3.18 -13.10 -43.69
CA GLN B 175 -2.30 -12.33 -44.55
C GLN B 175 -1.87 -11.07 -43.83
N HIS B 176 -2.85 -10.39 -43.23
CA HIS B 176 -2.61 -9.14 -42.53
C HIS B 176 -1.93 -9.26 -41.16
N LEU B 177 -2.25 -10.30 -40.39
CA LEU B 177 -1.66 -10.48 -39.05
C LEU B 177 -0.23 -10.97 -39.10
N ASP B 178 0.61 -10.48 -38.20
CA ASP B 178 2.01 -10.89 -38.16
C ASP B 178 2.12 -12.29 -37.62
N PHE B 179 1.20 -12.64 -36.73
CA PHE B 179 1.16 -13.95 -36.13
C PHE B 179 -0.11 -14.07 -35.32
N ILE B 180 -0.66 -15.27 -35.30
CA ILE B 180 -1.88 -15.51 -34.53
C ILE B 180 -1.62 -16.54 -33.45
N SER B 181 -2.04 -16.21 -32.24
CA SER B 181 -1.88 -17.12 -31.13
C SER B 181 -3.19 -17.89 -31.02
N ILE B 182 -3.09 -19.19 -31.27
CA ILE B 182 -4.26 -20.05 -31.21
C ILE B 182 -4.39 -20.52 -29.77
N MET B 183 -5.50 -20.12 -29.17
CA MET B 183 -5.78 -20.43 -27.77
C MET B 183 -6.15 -21.89 -27.57
N THR B 184 -5.15 -22.76 -27.75
CA THR B 184 -5.32 -24.18 -27.65
C THR B 184 -5.37 -24.77 -26.25
N TYR B 185 -6.41 -24.37 -25.53
CA TYR B 185 -6.67 -24.84 -24.17
C TYR B 185 -8.15 -24.56 -23.91
N ASP B 186 -8.61 -24.82 -22.68
CA ASP B 186 -10.01 -24.61 -22.32
C ASP B 186 -10.91 -25.46 -23.19
N PHE B 187 -10.44 -26.64 -23.56
CA PHE B 187 -11.21 -27.53 -24.42
C PHE B 187 -12.26 -28.32 -23.65
N HIS B 188 -12.15 -28.34 -22.33
CA HIS B 188 -13.07 -29.13 -21.53
C HIS B 188 -13.49 -28.42 -20.24
N GLY B 189 -14.73 -27.94 -20.20
CA GLY B 189 -15.19 -27.26 -19.01
C GLY B 189 -15.92 -28.13 -18.01
N ALA B 190 -16.11 -27.62 -16.81
CA ALA B 190 -16.81 -28.37 -15.79
C ALA B 190 -18.22 -28.61 -16.27
N TRP B 191 -18.69 -27.75 -17.17
CA TRP B 191 -20.04 -27.88 -17.69
C TRP B 191 -20.31 -29.20 -18.43
N ARG B 192 -19.27 -29.97 -18.71
CA ARG B 192 -19.47 -31.22 -19.44
C ARG B 192 -19.77 -32.39 -18.51
N GLY B 193 -19.79 -32.11 -17.23
CA GLY B 193 -20.11 -33.11 -16.21
C GLY B 193 -19.13 -34.23 -15.96
N THR B 194 -17.95 -34.14 -16.57
CA THR B 194 -16.96 -35.18 -16.40
C THR B 194 -15.57 -34.57 -16.42
N THR B 195 -14.62 -35.26 -15.80
CA THR B 195 -13.25 -34.79 -15.80
C THR B 195 -12.75 -34.89 -17.21
N GLY B 196 -11.86 -33.99 -17.57
CA GLY B 196 -11.29 -34.00 -18.89
C GLY B 196 -10.18 -32.96 -18.91
N HIS B 197 -9.05 -33.29 -19.53
CA HIS B 197 -7.96 -32.33 -19.61
C HIS B 197 -8.40 -31.23 -20.58
N HIS B 198 -8.28 -29.97 -20.16
CA HIS B 198 -8.71 -28.85 -21.01
C HIS B 198 -7.71 -28.47 -22.09
N SER B 199 -6.52 -29.05 -22.04
CA SER B 199 -5.51 -28.74 -23.05
C SER B 199 -4.72 -29.97 -23.48
N PRO B 200 -5.39 -30.94 -24.08
CA PRO B 200 -4.73 -32.18 -24.54
C PRO B 200 -3.97 -31.91 -25.83
N LEU B 201 -2.84 -32.57 -26.02
CA LEU B 201 -2.08 -32.38 -27.25
C LEU B 201 -2.85 -33.06 -28.36
N PHE B 202 -3.25 -34.31 -28.15
CA PHE B 202 -4.04 -35.05 -29.14
C PHE B 202 -5.34 -35.51 -28.51
N ARG B 203 -6.20 -36.10 -29.35
CA ARG B 203 -7.48 -36.58 -28.86
C ARG B 203 -7.33 -37.65 -27.78
N GLY B 204 -6.32 -38.49 -27.93
CA GLY B 204 -6.11 -39.55 -26.96
C GLY B 204 -7.05 -40.70 -27.24
N GLN B 205 -7.34 -41.50 -26.21
CA GLN B 205 -8.24 -42.64 -26.36
C GLN B 205 -9.53 -42.17 -27.01
N GLU B 206 -9.89 -42.81 -28.11
CA GLU B 206 -11.08 -42.46 -28.85
C GLU B 206 -12.39 -42.47 -28.04
N ASP B 207 -12.54 -43.43 -27.11
CA ASP B 207 -13.75 -43.56 -26.29
C ASP B 207 -13.83 -42.60 -25.13
N ALA B 208 -12.71 -41.95 -24.78
CA ALA B 208 -12.68 -41.05 -23.64
C ALA B 208 -12.79 -39.57 -23.96
N SER B 209 -13.27 -39.24 -25.16
CA SER B 209 -13.38 -37.84 -25.52
C SER B 209 -14.74 -37.50 -26.08
N PRO B 210 -15.29 -36.38 -25.65
CA PRO B 210 -16.61 -35.93 -26.12
C PRO B 210 -16.44 -35.58 -27.58
N ASP B 211 -15.71 -34.50 -27.83
CA ASP B 211 -15.45 -34.04 -29.18
C ASP B 211 -14.30 -34.71 -29.90
N ARG B 212 -14.35 -34.63 -31.22
CA ARG B 212 -13.30 -35.15 -32.07
C ARG B 212 -12.26 -34.02 -32.17
N PHE B 213 -12.69 -32.80 -31.85
CA PHE B 213 -11.83 -31.63 -31.95
C PHE B 213 -11.38 -30.91 -30.68
N SER B 214 -11.77 -31.38 -29.51
CA SER B 214 -11.36 -30.64 -28.34
C SER B 214 -9.94 -30.95 -27.89
N ASN B 215 -8.99 -30.72 -28.79
CA ASN B 215 -7.58 -30.95 -28.48
C ASN B 215 -6.71 -30.06 -29.34
N THR B 216 -5.49 -29.78 -28.87
CA THR B 216 -4.58 -28.90 -29.59
C THR B 216 -4.31 -29.35 -31.02
N ASP B 217 -3.90 -30.60 -31.17
CA ASP B 217 -3.59 -31.16 -32.48
C ASP B 217 -4.65 -30.87 -33.52
N TYR B 218 -5.90 -31.18 -33.22
CA TYR B 218 -6.94 -30.93 -34.21
C TYR B 218 -7.01 -29.46 -34.59
N ALA B 219 -7.06 -28.58 -33.60
CA ALA B 219 -7.15 -27.14 -33.86
C ALA B 219 -6.02 -26.65 -34.77
N VAL B 220 -4.77 -26.92 -34.38
CA VAL B 220 -3.61 -26.50 -35.17
C VAL B 220 -3.77 -26.98 -36.61
N GLY B 221 -4.04 -28.28 -36.77
CA GLY B 221 -4.23 -28.84 -38.08
C GLY B 221 -5.42 -28.22 -38.79
N TYR B 222 -6.48 -27.96 -38.04
CA TYR B 222 -7.67 -27.37 -38.63
C TYR B 222 -7.31 -26.02 -39.23
N MET B 223 -6.75 -25.14 -38.40
CA MET B 223 -6.37 -23.81 -38.84
C MET B 223 -5.43 -23.88 -40.04
N LEU B 224 -4.38 -24.68 -39.92
CA LEU B 224 -3.43 -24.84 -41.02
C LEU B 224 -4.21 -25.12 -42.31
N ARG B 225 -5.12 -26.09 -42.24
CA ARG B 225 -5.93 -26.47 -43.39
C ARG B 225 -6.78 -25.33 -43.92
N LEU B 226 -7.23 -24.44 -43.03
CA LEU B 226 -8.07 -23.31 -43.45
C LEU B 226 -7.30 -22.12 -44.03
N GLY B 227 -5.97 -22.25 -44.12
CA GLY B 227 -5.18 -21.18 -44.69
C GLY B 227 -4.17 -20.53 -43.78
N ALA B 228 -4.28 -20.79 -42.48
CA ALA B 228 -3.34 -20.18 -41.57
C ALA B 228 -1.92 -20.66 -41.85
N PRO B 229 -1.04 -19.76 -42.27
CA PRO B 229 0.35 -20.15 -42.57
C PRO B 229 1.01 -20.62 -41.30
N ALA B 230 1.67 -21.76 -41.35
CA ALA B 230 2.35 -22.28 -40.17
C ALA B 230 3.33 -21.27 -39.61
N SER B 231 3.96 -20.50 -40.49
CA SER B 231 4.94 -19.48 -40.08
C SER B 231 4.29 -18.35 -39.30
N LYS B 232 2.97 -18.22 -39.40
CA LYS B 232 2.23 -17.18 -38.70
C LYS B 232 1.38 -17.76 -37.55
N LEU B 233 1.56 -19.04 -37.25
CA LEU B 233 0.76 -19.66 -36.21
C LEU B 233 1.50 -19.95 -34.91
N VAL B 234 1.05 -19.31 -33.83
CA VAL B 234 1.67 -19.53 -32.53
C VAL B 234 0.67 -20.33 -31.71
N MET B 235 1.12 -21.49 -31.25
CA MET B 235 0.27 -22.39 -30.49
C MET B 235 0.22 -22.10 -28.98
N GLY B 236 -0.99 -21.87 -28.47
CA GLY B 236 -1.14 -21.59 -27.05
C GLY B 236 -0.90 -22.77 -26.12
N ILE B 237 -0.12 -22.53 -25.07
CA ILE B 237 0.17 -23.52 -24.06
C ILE B 237 -0.22 -22.83 -22.76
N PRO B 238 -1.13 -23.43 -21.99
CA PRO B 238 -1.56 -22.82 -20.73
C PRO B 238 -0.66 -23.14 -19.56
N THR B 239 -0.51 -22.19 -18.63
CA THR B 239 0.31 -22.41 -17.45
C THR B 239 -0.63 -22.53 -16.26
N PHE B 240 -1.89 -22.80 -16.56
CA PHE B 240 -2.90 -22.97 -15.55
C PHE B 240 -3.67 -24.23 -15.92
N GLY B 241 -4.30 -24.85 -14.94
CA GLY B 241 -5.06 -26.05 -15.23
C GLY B 241 -6.51 -25.80 -14.91
N ARG B 242 -7.39 -26.63 -15.48
CA ARG B 242 -8.82 -26.53 -15.21
C ARG B 242 -9.13 -27.59 -14.17
N SER B 243 -9.80 -27.19 -13.10
CA SER B 243 -10.11 -28.10 -12.01
C SER B 243 -11.57 -28.53 -11.97
N PHE B 244 -11.80 -29.67 -11.33
CA PHE B 244 -13.14 -30.22 -11.19
C PHE B 244 -13.27 -30.82 -9.81
N THR B 245 -14.50 -30.89 -9.33
CA THR B 245 -14.74 -31.52 -8.05
C THR B 245 -15.35 -32.87 -8.37
N LEU B 246 -14.60 -33.92 -8.06
CA LEU B 246 -15.05 -35.29 -8.29
C LEU B 246 -16.35 -35.55 -7.53
N ALA B 247 -17.11 -36.52 -8.02
CA ALA B 247 -18.38 -36.83 -7.40
C ALA B 247 -18.41 -38.29 -6.98
N SER B 248 -17.29 -38.97 -7.15
CA SER B 248 -17.20 -40.37 -6.77
C SER B 248 -15.76 -40.75 -6.51
N SER B 249 -15.53 -42.05 -6.39
CA SER B 249 -14.19 -42.57 -6.16
C SER B 249 -13.44 -42.67 -7.48
N GLU B 250 -14.15 -42.48 -8.58
CA GLU B 250 -13.54 -42.53 -9.90
C GLU B 250 -12.72 -41.27 -10.09
N THR B 251 -11.45 -41.44 -10.45
CA THR B 251 -10.55 -40.32 -10.62
C THR B 251 -9.89 -40.22 -11.99
N GLY B 252 -10.25 -41.12 -12.89
CA GLY B 252 -9.65 -41.07 -14.21
C GLY B 252 -10.36 -40.09 -15.14
N VAL B 253 -9.88 -40.00 -16.38
CA VAL B 253 -10.50 -39.12 -17.37
C VAL B 253 -11.95 -39.56 -17.59
N GLY B 254 -12.86 -38.60 -17.65
CA GLY B 254 -14.27 -38.92 -17.85
C GLY B 254 -15.02 -39.31 -16.60
N ALA B 255 -14.39 -39.15 -15.44
CA ALA B 255 -15.01 -39.48 -14.17
C ALA B 255 -16.07 -38.43 -13.85
N PRO B 256 -17.09 -38.80 -13.06
CA PRO B 256 -18.19 -37.91 -12.67
C PRO B 256 -17.72 -36.72 -11.81
N ILE B 257 -18.31 -35.56 -12.05
CA ILE B 257 -17.97 -34.39 -11.26
C ILE B 257 -19.24 -33.70 -10.80
N SER B 258 -19.13 -32.99 -9.69
CA SER B 258 -20.25 -32.26 -9.14
C SER B 258 -20.14 -30.79 -9.58
N GLY B 259 -19.00 -30.42 -10.15
CA GLY B 259 -18.82 -29.06 -10.61
C GLY B 259 -17.37 -28.65 -10.74
N PRO B 260 -17.09 -27.35 -10.81
CA PRO B 260 -15.72 -26.84 -10.94
C PRO B 260 -14.89 -27.24 -9.72
N GLY B 261 -13.57 -27.12 -9.81
CA GLY B 261 -12.71 -27.45 -8.69
C GLY B 261 -12.71 -26.36 -7.61
N ILE B 262 -12.26 -26.71 -6.41
CA ILE B 262 -12.20 -25.77 -5.31
C ILE B 262 -11.27 -24.63 -5.75
N PRO B 263 -11.68 -23.38 -5.51
CA PRO B 263 -10.90 -22.21 -5.91
C PRO B 263 -9.49 -22.22 -5.31
N GLY B 264 -8.52 -21.79 -6.12
CA GLY B 264 -7.15 -21.73 -5.67
C GLY B 264 -6.97 -20.60 -4.68
N ARG B 265 -6.07 -20.82 -3.73
CA ARG B 265 -5.80 -19.82 -2.71
C ARG B 265 -5.52 -18.42 -3.28
N PHE B 266 -4.74 -18.36 -4.34
CA PHE B 266 -4.39 -17.08 -4.94
C PHE B 266 -5.23 -16.61 -6.13
N THR B 267 -5.70 -17.54 -6.95
CA THR B 267 -6.48 -17.16 -8.12
C THR B 267 -7.95 -17.01 -7.83
N LYS B 268 -8.36 -17.43 -6.64
CA LYS B 268 -9.74 -17.32 -6.18
C LYS B 268 -10.81 -17.51 -7.25
N GLU B 269 -10.69 -18.56 -8.05
CA GLU B 269 -11.67 -18.83 -9.12
C GLU B 269 -11.94 -20.30 -9.34
N ALA B 270 -13.18 -20.69 -9.09
CA ALA B 270 -13.58 -22.08 -9.26
C ALA B 270 -13.24 -22.64 -10.66
N GLY B 271 -12.67 -23.84 -10.67
CA GLY B 271 -12.30 -24.48 -11.91
C GLY B 271 -10.97 -24.03 -12.48
N THR B 272 -10.23 -23.26 -11.70
CA THR B 272 -8.94 -22.78 -12.18
C THR B 272 -7.87 -22.83 -11.11
N LEU B 273 -6.66 -23.14 -11.55
CA LEU B 273 -5.53 -23.20 -10.65
C LEU B 273 -4.32 -22.78 -11.45
N ALA B 274 -3.59 -21.80 -10.92
CA ALA B 274 -2.38 -21.32 -11.55
C ALA B 274 -1.36 -22.44 -11.31
N TYR B 275 -0.42 -22.62 -12.23
CA TYR B 275 0.55 -23.68 -12.04
C TYR B 275 1.17 -23.66 -10.66
N TYR B 276 1.44 -22.47 -10.12
CA TYR B 276 2.05 -22.46 -8.79
C TYR B 276 1.08 -23.02 -7.78
N GLU B 277 -0.20 -22.67 -7.91
CA GLU B 277 -1.20 -23.20 -7.00
C GLU B 277 -1.23 -24.73 -7.15
N ILE B 278 -1.04 -25.19 -8.39
CA ILE B 278 -1.03 -26.61 -8.70
C ILE B 278 0.14 -27.30 -8.03
N CYS B 279 1.30 -26.64 -8.02
CA CYS B 279 2.49 -27.21 -7.39
C CYS B 279 2.22 -27.51 -5.92
N ASP B 280 1.41 -26.67 -5.27
CA ASP B 280 1.07 -26.91 -3.88
C ASP B 280 0.11 -28.09 -3.85
N PHE B 281 -0.81 -28.11 -4.81
CA PHE B 281 -1.80 -29.16 -4.90
C PHE B 281 -1.11 -30.51 -5.10
N LEU B 282 -0.09 -30.53 -5.95
CA LEU B 282 0.61 -31.77 -6.23
C LEU B 282 1.14 -32.40 -4.96
N ARG B 283 1.41 -31.56 -3.96
CA ARG B 283 1.91 -32.08 -2.69
C ARG B 283 0.85 -32.96 -2.06
N GLY B 284 1.07 -34.27 -2.13
CA GLY B 284 0.13 -35.22 -1.58
C GLY B 284 -0.82 -35.73 -2.63
N ALA B 285 -0.72 -35.15 -3.83
CA ALA B 285 -1.60 -35.56 -4.91
C ALA B 285 -1.00 -36.69 -5.73
N THR B 286 -1.75 -37.20 -6.68
CA THR B 286 -1.28 -38.26 -7.55
C THR B 286 -1.36 -37.76 -8.98
N VAL B 287 -0.24 -37.79 -9.68
CA VAL B 287 -0.20 -37.33 -11.05
C VAL B 287 -0.31 -38.49 -12.04
N HIS B 288 -1.17 -38.33 -13.02
CA HIS B 288 -1.38 -39.34 -14.04
C HIS B 288 -1.15 -38.78 -15.43
N ARG B 289 -0.30 -39.47 -16.17
CA ARG B 289 0.01 -39.05 -17.52
C ARG B 289 -1.06 -39.63 -18.45
N ILE B 290 -1.84 -38.76 -19.09
CA ILE B 290 -2.87 -39.22 -19.99
C ILE B 290 -2.26 -39.68 -21.32
N LEU B 291 -2.11 -41.00 -21.48
CA LEU B 291 -1.56 -41.56 -22.69
C LEU B 291 -2.39 -41.07 -23.87
N GLY B 292 -1.73 -40.82 -24.99
CA GLY B 292 -2.49 -40.36 -26.15
C GLY B 292 -2.76 -38.88 -26.13
N GLN B 293 -2.87 -38.30 -24.93
CA GLN B 293 -3.10 -36.87 -24.84
C GLN B 293 -1.81 -36.12 -24.50
N GLN B 294 -0.81 -36.86 -24.04
CA GLN B 294 0.51 -36.29 -23.70
C GLN B 294 0.50 -35.26 -22.57
N VAL B 295 -0.60 -35.19 -21.84
CA VAL B 295 -0.70 -34.23 -20.75
C VAL B 295 -1.08 -34.89 -19.43
N PRO B 296 -0.68 -34.28 -18.31
CA PRO B 296 -1.01 -34.86 -17.02
C PRO B 296 -2.24 -34.26 -16.36
N TYR B 297 -2.70 -34.94 -15.33
CA TYR B 297 -3.81 -34.46 -14.53
C TYR B 297 -3.46 -34.96 -13.16
N ALA B 298 -3.78 -34.19 -12.15
CA ALA B 298 -3.48 -34.60 -10.79
C ALA B 298 -4.82 -34.68 -10.07
N THR B 299 -4.89 -35.56 -9.10
CA THR B 299 -6.10 -35.71 -8.34
C THR B 299 -5.73 -36.01 -6.89
N LYS B 300 -6.51 -35.44 -5.98
CA LYS B 300 -6.27 -35.62 -4.56
C LYS B 300 -7.62 -35.35 -3.91
N GLY B 301 -8.09 -36.28 -3.10
CA GLY B 301 -9.38 -36.09 -2.48
C GLY B 301 -10.40 -35.93 -3.60
N ASN B 302 -11.36 -35.03 -3.42
CA ASN B 302 -12.40 -34.84 -4.42
C ASN B 302 -12.04 -33.81 -5.50
N GLN B 303 -10.74 -33.51 -5.62
CA GLN B 303 -10.28 -32.54 -6.61
C GLN B 303 -9.51 -33.20 -7.73
N TRP B 304 -9.74 -32.68 -8.93
CA TRP B 304 -9.13 -33.20 -10.14
C TRP B 304 -8.73 -31.98 -10.94
N VAL B 305 -7.48 -31.94 -11.41
CA VAL B 305 -7.06 -30.80 -12.20
C VAL B 305 -6.20 -31.25 -13.35
N GLY B 306 -6.57 -30.83 -14.56
CA GLY B 306 -5.81 -31.18 -15.73
C GLY B 306 -4.95 -29.97 -16.02
N TYR B 307 -3.66 -30.17 -16.17
CA TYR B 307 -2.77 -29.05 -16.40
C TYR B 307 -1.58 -29.43 -17.27
N ASP B 308 -0.70 -28.47 -17.48
CA ASP B 308 0.49 -28.70 -18.26
C ASP B 308 1.67 -28.55 -17.32
N ASP B 309 2.70 -29.37 -17.50
CA ASP B 309 3.90 -29.27 -16.68
C ASP B 309 5.12 -29.28 -17.58
N GLN B 310 6.29 -29.25 -16.98
CA GLN B 310 7.52 -29.24 -17.76
C GLN B 310 7.50 -30.27 -18.85
N GLU B 311 7.22 -31.52 -18.50
CA GLU B 311 7.21 -32.58 -19.49
C GLU B 311 6.20 -32.34 -20.60
N SER B 312 4.95 -32.08 -20.24
CA SER B 312 3.92 -31.87 -21.25
C SER B 312 4.19 -30.70 -22.17
N VAL B 313 4.65 -29.58 -21.63
CA VAL B 313 4.92 -28.42 -22.49
C VAL B 313 6.06 -28.71 -23.45
N LYS B 314 7.05 -29.48 -23.00
CA LYS B 314 8.17 -29.84 -23.84
C LYS B 314 7.63 -30.62 -25.05
N SER B 315 6.71 -31.53 -24.78
CA SER B 315 6.10 -32.33 -25.82
C SER B 315 5.32 -31.44 -26.78
N LYS B 316 4.61 -30.47 -26.24
CA LYS B 316 3.80 -29.57 -27.06
C LYS B 316 4.67 -28.72 -27.97
N VAL B 317 5.89 -28.44 -27.51
CA VAL B 317 6.81 -27.65 -28.30
C VAL B 317 7.29 -28.50 -29.47
N GLN B 318 7.64 -29.75 -29.19
CA GLN B 318 8.08 -30.64 -30.26
C GLN B 318 6.95 -30.71 -31.28
N TYR B 319 5.73 -30.91 -30.81
CA TYR B 319 4.62 -30.98 -31.71
C TYR B 319 4.64 -29.78 -32.63
N LEU B 320 4.70 -28.58 -32.05
CA LEU B 320 4.69 -27.34 -32.83
C LEU B 320 5.91 -27.17 -33.74
N LYS B 321 7.09 -27.59 -33.28
CA LYS B 321 8.29 -27.48 -34.10
C LYS B 321 8.14 -28.43 -35.27
N ASP B 322 7.71 -29.66 -34.98
CA ASP B 322 7.51 -30.67 -36.01
C ASP B 322 6.45 -30.20 -36.99
N ARG B 323 5.61 -29.26 -36.55
CA ARG B 323 4.56 -28.72 -37.38
C ARG B 323 5.05 -27.45 -38.06
N GLN B 324 6.25 -27.03 -37.64
CA GLN B 324 6.85 -25.83 -38.20
C GLN B 324 5.95 -24.63 -37.97
N LEU B 325 5.57 -24.42 -36.72
CA LEU B 325 4.72 -23.30 -36.36
C LEU B 325 5.61 -22.12 -35.98
N ALA B 326 5.02 -20.93 -35.95
CA ALA B 326 5.76 -19.72 -35.60
C ALA B 326 6.35 -19.82 -34.19
N GLY B 327 5.68 -20.56 -33.32
CA GLY B 327 6.18 -20.72 -31.97
C GLY B 327 5.09 -21.06 -30.98
N ALA B 328 5.38 -20.81 -29.72
CA ALA B 328 4.44 -21.09 -28.65
C ALA B 328 3.93 -19.82 -28.01
N MET B 329 2.68 -19.86 -27.54
CA MET B 329 2.07 -18.74 -26.85
C MET B 329 1.74 -19.21 -25.45
N VAL B 330 2.07 -18.40 -24.46
CA VAL B 330 1.82 -18.79 -23.08
C VAL B 330 0.76 -17.95 -22.40
N TRP B 331 -0.15 -18.63 -21.72
CA TRP B 331 -1.20 -17.96 -20.98
C TRP B 331 -1.25 -18.57 -19.59
N ALA B 332 -0.70 -17.90 -18.59
CA ALA B 332 -0.06 -16.61 -18.74
C ALA B 332 1.13 -16.57 -17.80
N LEU B 333 1.97 -15.55 -17.92
CA LEU B 333 3.15 -15.46 -17.08
C LEU B 333 2.79 -15.40 -15.62
N ASP B 334 1.73 -14.67 -15.29
CA ASP B 334 1.31 -14.57 -13.90
C ASP B 334 0.70 -15.85 -13.35
N LEU B 335 0.48 -16.84 -14.22
CA LEU B 335 -0.09 -18.11 -13.80
C LEU B 335 0.99 -19.19 -13.65
N ASP B 336 2.17 -18.90 -14.19
CA ASP B 336 3.31 -19.79 -14.09
C ASP B 336 3.86 -19.47 -12.71
N ASP B 337 4.82 -20.24 -12.22
CA ASP B 337 5.39 -19.95 -10.90
C ASP B 337 6.41 -18.85 -11.13
N PHE B 338 5.93 -17.63 -11.33
CA PHE B 338 6.81 -16.50 -11.59
C PHE B 338 7.71 -16.20 -10.39
N GLN B 339 7.24 -16.57 -9.21
CA GLN B 339 8.02 -16.37 -7.99
C GLN B 339 9.11 -17.42 -7.89
N GLY B 340 8.87 -18.60 -8.47
CA GLY B 340 9.83 -19.68 -8.42
C GLY B 340 9.96 -20.29 -7.04
N SER B 341 8.99 -19.98 -6.17
CA SER B 341 9.02 -20.47 -4.80
C SER B 341 8.02 -21.59 -4.51
N PHE B 342 7.06 -21.81 -5.39
CA PHE B 342 6.05 -22.82 -5.17
C PHE B 342 6.38 -24.22 -5.64
N CYS B 343 7.11 -24.32 -6.75
CA CYS B 343 7.44 -25.62 -7.31
C CYS B 343 8.83 -26.09 -6.91
N GLY B 344 9.45 -25.35 -6.00
CA GLY B 344 10.80 -25.70 -5.57
C GLY B 344 11.79 -25.38 -6.66
N GLN B 345 13.02 -25.89 -6.52
CA GLN B 345 14.07 -25.65 -7.51
C GLN B 345 14.35 -24.15 -7.62
N ASP B 346 13.63 -23.35 -6.84
CA ASP B 346 13.79 -21.91 -6.85
C ASP B 346 13.80 -21.33 -8.26
N LEU B 347 13.43 -22.16 -9.24
CA LEU B 347 13.41 -21.72 -10.62
C LEU B 347 12.14 -20.94 -10.91
N ARG B 348 12.30 -19.70 -11.37
CA ARG B 348 11.17 -18.84 -11.71
C ARG B 348 10.66 -19.26 -13.09
N PHE B 349 9.37 -19.05 -13.33
CA PHE B 349 8.76 -19.38 -14.60
C PHE B 349 9.16 -20.77 -15.13
N PRO B 350 9.01 -21.80 -14.28
CA PRO B 350 9.37 -23.17 -14.68
C PRO B 350 8.76 -23.62 -16.01
N LEU B 351 7.46 -23.43 -16.17
CA LEU B 351 6.81 -23.84 -17.39
C LEU B 351 7.26 -23.04 -18.60
N THR B 352 7.22 -21.73 -18.50
CA THR B 352 7.61 -20.91 -19.62
C THR B 352 9.07 -21.15 -20.01
N ASN B 353 9.95 -21.31 -19.02
CA ASN B 353 11.36 -21.55 -19.32
C ASN B 353 11.51 -22.91 -19.99
N ALA B 354 10.70 -23.86 -19.55
CA ALA B 354 10.73 -25.20 -20.12
C ALA B 354 10.44 -25.05 -21.61
N ILE B 355 9.40 -24.28 -21.91
CA ILE B 355 9.01 -24.01 -23.29
C ILE B 355 10.13 -23.34 -24.07
N LYS B 356 10.78 -22.36 -23.45
CA LYS B 356 11.88 -21.63 -24.07
C LYS B 356 13.00 -22.61 -24.41
N ASP B 357 13.41 -23.39 -23.42
CA ASP B 357 14.48 -24.36 -23.61
C ASP B 357 14.13 -25.31 -24.76
N ALA B 358 12.93 -25.87 -24.73
CA ALA B 358 12.48 -26.80 -25.75
C ALA B 358 12.56 -26.19 -27.15
N LEU B 359 12.19 -24.93 -27.28
CA LEU B 359 12.23 -24.24 -28.56
C LEU B 359 13.67 -24.07 -29.06
N ALA B 360 14.57 -23.79 -28.13
CA ALA B 360 15.98 -23.58 -28.47
C ALA B 360 16.75 -24.89 -28.63
N ALA B 361 16.24 -25.96 -28.05
CA ALA B 361 16.89 -27.27 -28.12
C ALA B 361 16.96 -27.86 -29.52
N THR B 362 17.91 -28.76 -29.70
CA THR B 362 18.15 -29.47 -30.96
C THR B 362 18.41 -28.55 -32.15
N TYR C 1 -15.94 -4.09 33.64
CA TYR C 1 -16.00 -4.98 32.43
C TYR C 1 -17.13 -4.56 31.49
N LYS C 2 -17.30 -5.31 30.41
CA LYS C 2 -18.37 -5.03 29.45
C LYS C 2 -19.65 -5.74 29.90
N LEU C 3 -20.78 -5.10 29.64
CA LEU C 3 -22.06 -5.73 29.97
C LEU C 3 -22.96 -5.64 28.75
N VAL C 4 -22.77 -6.58 27.83
CA VAL C 4 -23.51 -6.61 26.57
C VAL C 4 -24.92 -7.16 26.75
N CYS C 5 -25.91 -6.31 26.51
CA CYS C 5 -27.30 -6.71 26.64
C CYS C 5 -28.05 -6.66 25.33
N TYR C 6 -28.80 -7.72 25.08
CA TYR C 6 -29.59 -7.82 23.88
C TYR C 6 -31.02 -7.39 24.15
N TYR C 7 -31.60 -6.73 23.15
CA TYR C 7 -32.99 -6.33 23.19
C TYR C 7 -33.54 -6.95 21.92
N THR C 8 -34.61 -7.71 22.04
CA THR C 8 -35.19 -8.36 20.87
C THR C 8 -36.42 -7.58 20.40
N SER C 9 -36.36 -7.10 19.15
CA SER C 9 -37.44 -6.32 18.56
C SER C 9 -38.82 -6.97 18.71
N TRP C 10 -38.87 -8.29 18.59
CA TRP C 10 -40.15 -8.97 18.70
C TRP C 10 -40.74 -9.00 20.09
N SER C 11 -39.98 -8.55 21.09
CA SER C 11 -40.49 -8.53 22.46
C SER C 11 -41.58 -7.46 22.64
N GLN C 12 -41.69 -6.57 21.65
CA GLN C 12 -42.68 -5.50 21.68
C GLN C 12 -44.10 -6.04 21.58
N TYR C 13 -44.25 -7.16 20.88
CA TYR C 13 -45.55 -7.78 20.65
C TYR C 13 -46.17 -8.59 21.79
N ARG C 14 -45.41 -8.85 22.85
CA ARG C 14 -45.97 -9.63 23.95
C ARG C 14 -47.11 -8.90 24.67
N GLU C 15 -48.19 -9.64 24.92
CA GLU C 15 -49.36 -9.10 25.60
C GLU C 15 -49.05 -8.38 26.91
N GLY C 16 -49.91 -7.45 27.26
CA GLY C 16 -49.77 -6.70 28.50
C GLY C 16 -48.41 -6.24 28.91
N ASP C 17 -48.11 -6.40 30.20
CA ASP C 17 -46.83 -5.98 30.75
C ASP C 17 -45.66 -6.69 30.07
N GLY C 18 -45.98 -7.72 29.28
CA GLY C 18 -44.95 -8.47 28.58
C GLY C 18 -44.30 -7.64 27.49
N SER C 19 -45.10 -6.82 26.81
CA SER C 19 -44.61 -5.96 25.75
C SER C 19 -43.40 -5.14 26.22
N CYS C 20 -42.35 -5.14 25.43
CA CYS C 20 -41.16 -4.40 25.80
C CYS C 20 -40.61 -3.61 24.63
N PHE C 21 -40.40 -2.32 24.84
CA PHE C 21 -39.84 -1.44 23.81
C PHE C 21 -38.54 -0.87 24.33
N PRO C 22 -37.64 -0.46 23.42
CA PRO C 22 -36.36 0.11 23.84
C PRO C 22 -36.45 1.22 24.89
N ASP C 23 -37.52 2.01 24.83
CA ASP C 23 -37.70 3.11 25.77
C ASP C 23 -37.99 2.62 27.19
N ALA C 24 -38.06 1.29 27.35
CA ALA C 24 -38.33 0.68 28.65
C ALA C 24 -37.02 0.13 29.25
N LEU C 25 -35.90 0.48 28.62
CA LEU C 25 -34.59 0.01 29.05
C LEU C 25 -33.79 1.03 29.83
N ASP C 26 -33.25 0.61 30.98
CA ASP C 26 -32.43 1.49 31.80
C ASP C 26 -31.12 1.79 31.08
N ARG C 27 -30.97 3.03 30.61
CA ARG C 27 -29.78 3.46 29.88
C ARG C 27 -28.45 3.24 30.61
N PHE C 28 -28.52 3.18 31.94
CA PHE C 28 -27.32 3.00 32.76
C PHE C 28 -26.99 1.55 33.11
N LEU C 29 -27.98 0.66 32.95
CA LEU C 29 -27.83 -0.76 33.24
C LEU C 29 -26.67 -1.46 32.53
N CYS C 30 -26.65 -1.37 31.20
CA CYS C 30 -25.62 -2.03 30.41
C CYS C 30 -24.62 -1.06 29.80
N THR C 31 -23.55 -1.59 29.23
CA THR C 31 -22.55 -0.77 28.60
C THR C 31 -22.83 -0.80 27.11
N HIS C 32 -23.32 -1.94 26.66
CA HIS C 32 -23.64 -2.15 25.26
C HIS C 32 -25.04 -2.73 25.16
N ILE C 33 -25.87 -2.16 24.31
CA ILE C 33 -27.20 -2.72 24.13
C ILE C 33 -27.29 -3.09 22.66
N ILE C 34 -27.51 -4.38 22.40
CA ILE C 34 -27.60 -4.85 21.03
C ILE C 34 -29.04 -5.09 20.59
N TYR C 35 -29.39 -4.46 19.46
CA TYR C 35 -30.73 -4.58 18.90
C TYR C 35 -30.77 -5.84 18.01
N SER C 36 -31.78 -6.69 18.21
CA SER C 36 -31.90 -7.92 17.42
C SER C 36 -33.27 -8.06 16.78
N PHE C 37 -33.34 -8.33 15.48
CA PHE C 37 -32.18 -8.48 14.61
C PHE C 37 -32.48 -7.65 13.38
N ALA C 38 -31.46 -7.42 12.57
CA ALA C 38 -31.62 -6.67 11.34
C ALA C 38 -31.56 -7.72 10.24
N ASN C 39 -32.30 -7.49 9.16
CA ASN C 39 -32.36 -8.42 8.04
C ASN C 39 -31.29 -8.11 7.02
N ILE C 40 -31.28 -8.85 5.91
CA ILE C 40 -30.35 -8.58 4.82
C ILE C 40 -31.06 -8.82 3.48
N SER C 41 -31.53 -7.75 2.84
CA SER C 41 -32.21 -7.83 1.56
C SER C 41 -31.35 -7.26 0.45
N ASN C 42 -31.40 -7.88 -0.73
CA ASN C 42 -30.61 -7.44 -1.85
C ASN C 42 -29.20 -7.19 -1.38
N ASP C 43 -28.73 -8.06 -0.49
CA ASP C 43 -27.38 -7.97 0.05
C ASP C 43 -27.09 -6.64 0.74
N HIS C 44 -28.12 -6.05 1.35
CA HIS C 44 -27.97 -4.79 2.07
C HIS C 44 -28.55 -4.96 3.48
N ILE C 45 -27.84 -4.50 4.50
CA ILE C 45 -28.37 -4.63 5.85
C ILE C 45 -29.62 -3.74 5.87
N ASP C 46 -30.76 -4.37 6.10
CA ASP C 46 -32.03 -3.65 6.12
C ASP C 46 -32.80 -3.93 7.40
N THR C 47 -33.88 -3.17 7.65
CA THR C 47 -34.66 -3.38 8.85
C THR C 47 -35.39 -4.71 8.75
N TRP C 48 -35.95 -5.13 9.87
CA TRP C 48 -36.67 -6.39 9.94
C TRP C 48 -38.14 -6.12 10.26
N GLU C 49 -38.35 -5.48 11.41
CA GLU C 49 -39.68 -5.14 11.87
C GLU C 49 -40.15 -3.82 11.24
N TRP C 50 -41.45 -3.72 10.99
CA TRP C 50 -42.03 -2.51 10.37
C TRP C 50 -41.65 -1.21 11.06
N ASN C 51 -41.51 -1.26 12.38
CA ASN C 51 -41.18 -0.06 13.14
C ASN C 51 -39.75 -0.06 13.69
N ASP C 52 -38.85 -0.78 13.03
CA ASP C 52 -37.47 -0.82 13.49
C ASP C 52 -36.85 0.57 13.61
N VAL C 53 -37.01 1.38 12.56
CA VAL C 53 -36.44 2.71 12.56
C VAL C 53 -36.87 3.48 13.80
N THR C 54 -38.14 3.36 14.16
CA THR C 54 -38.68 4.04 15.33
C THR C 54 -37.99 3.54 16.59
N LEU C 55 -38.00 2.21 16.76
CA LEU C 55 -37.38 1.58 17.91
C LEU C 55 -35.87 1.85 17.95
N TYR C 56 -35.23 1.92 16.78
CA TYR C 56 -33.80 2.23 16.70
C TYR C 56 -33.58 3.52 17.47
N GLY C 57 -34.29 4.55 17.06
CA GLY C 57 -34.16 5.85 17.71
C GLY C 57 -34.51 5.75 19.17
N MET C 58 -35.62 5.09 19.46
CA MET C 58 -36.09 4.93 20.82
C MET C 58 -34.98 4.37 21.70
N LEU C 59 -34.16 3.48 21.12
CA LEU C 59 -33.06 2.85 21.81
C LEU C 59 -31.88 3.80 21.96
N ASN C 60 -31.41 4.33 20.84
CA ASN C 60 -30.27 5.26 20.86
C ASN C 60 -30.50 6.55 21.67
N THR C 61 -31.77 6.88 21.91
CA THR C 61 -32.11 8.05 22.71
C THR C 61 -31.55 7.82 24.10
N LEU C 62 -31.38 6.56 24.47
CA LEU C 62 -30.86 6.21 25.78
C LEU C 62 -29.42 6.70 25.91
N LYS C 63 -28.81 6.98 24.77
CA LYS C 63 -27.43 7.46 24.76
C LYS C 63 -27.31 8.95 25.08
N ASN C 64 -28.42 9.67 25.01
CA ASN C 64 -28.39 11.11 25.28
C ASN C 64 -27.94 11.42 26.70
N ARG C 65 -28.60 10.81 27.68
CA ARG C 65 -28.22 11.04 29.06
C ARG C 65 -26.99 10.21 29.47
N ASN C 66 -26.60 9.29 28.59
CA ASN C 66 -25.46 8.42 28.87
C ASN C 66 -24.62 8.29 27.60
N PRO C 67 -23.57 9.11 27.48
CA PRO C 67 -22.69 9.08 26.31
C PRO C 67 -21.90 7.78 26.18
N ASN C 68 -21.58 7.19 27.32
CA ASN C 68 -20.81 5.95 27.37
C ASN C 68 -21.53 4.69 26.91
N LEU C 69 -22.85 4.76 26.79
CA LEU C 69 -23.61 3.59 26.36
C LEU C 69 -23.39 3.37 24.87
N LYS C 70 -22.78 2.25 24.52
CA LYS C 70 -22.56 1.96 23.10
C LYS C 70 -23.75 1.11 22.63
N THR C 71 -24.07 1.21 21.36
CA THR C 71 -25.19 0.49 20.80
C THR C 71 -24.81 -0.22 19.51
N LEU C 72 -25.18 -1.49 19.41
CA LEU C 72 -24.90 -2.27 18.21
C LEU C 72 -26.19 -2.85 17.64
N LEU C 73 -26.23 -2.99 16.32
CA LEU C 73 -27.38 -3.57 15.64
C LEU C 73 -26.91 -4.99 15.31
N SER C 74 -27.73 -5.97 15.63
CA SER C 74 -27.37 -7.37 15.36
C SER C 74 -28.03 -7.89 14.09
N VAL C 75 -27.22 -8.25 13.13
CA VAL C 75 -27.75 -8.80 11.90
C VAL C 75 -27.69 -10.31 11.98
N GLY C 76 -28.75 -10.97 11.52
CA GLY C 76 -28.81 -12.42 11.56
C GLY C 76 -30.08 -12.90 12.25
N GLY C 77 -29.93 -13.74 13.26
CA GLY C 77 -31.06 -14.26 13.99
C GLY C 77 -31.42 -15.68 13.56
N TRP C 78 -32.30 -16.32 14.30
CA TRP C 78 -32.69 -17.68 13.97
C TRP C 78 -33.66 -17.73 12.80
N ASN C 79 -34.51 -16.71 12.70
CA ASN C 79 -35.49 -16.64 11.63
C ASN C 79 -34.85 -16.13 10.33
N PHE C 80 -33.54 -15.95 10.36
CA PHE C 80 -32.88 -15.46 9.17
C PHE C 80 -32.65 -16.61 8.21
N GLY C 81 -32.22 -17.75 8.74
CA GLY C 81 -31.97 -18.91 7.91
C GLY C 81 -30.53 -18.90 7.47
N SER C 82 -29.69 -19.64 8.20
CA SER C 82 -28.25 -19.73 7.91
C SER C 82 -27.98 -19.95 6.42
N GLN C 83 -29.02 -20.38 5.69
CA GLN C 83 -28.93 -20.62 4.26
C GLN C 83 -28.70 -19.29 3.53
N ARG C 84 -29.65 -18.37 3.70
CA ARG C 84 -29.54 -17.07 3.07
C ARG C 84 -28.22 -16.44 3.48
N PHE C 85 -27.91 -16.50 4.77
CA PHE C 85 -26.68 -15.91 5.28
C PHE C 85 -25.47 -16.57 4.64
N SER C 86 -25.55 -17.89 4.45
CA SER C 86 -24.45 -18.63 3.82
C SER C 86 -24.18 -18.03 2.45
N LYS C 87 -25.22 -17.99 1.61
CA LYS C 87 -25.13 -17.44 0.25
C LYS C 87 -24.50 -16.05 0.26
N ILE C 88 -25.11 -15.14 1.01
CA ILE C 88 -24.62 -13.78 1.10
C ILE C 88 -23.12 -13.72 1.41
N ALA C 89 -22.65 -14.61 2.28
CA ALA C 89 -21.24 -14.63 2.66
C ALA C 89 -20.39 -15.44 1.69
N SER C 90 -21.00 -16.39 1.00
CA SER C 90 -20.29 -17.24 0.03
C SER C 90 -19.93 -16.43 -1.21
N ASN C 91 -20.96 -15.83 -1.81
CA ASN C 91 -20.84 -15.00 -3.01
C ASN C 91 -19.98 -13.78 -2.70
N THR C 92 -18.96 -13.53 -3.52
CA THR C 92 -18.07 -12.40 -3.30
C THR C 92 -18.72 -11.04 -3.50
N GLN C 93 -19.54 -10.91 -4.54
CA GLN C 93 -20.20 -9.64 -4.81
C GLN C 93 -21.18 -9.37 -3.67
N SER C 94 -22.03 -10.35 -3.42
CA SER C 94 -23.03 -10.26 -2.37
C SER C 94 -22.39 -9.86 -1.03
N ARG C 95 -21.25 -10.48 -0.70
CA ARG C 95 -20.54 -10.16 0.54
C ARG C 95 -20.15 -8.68 0.58
N ARG C 96 -19.59 -8.18 -0.52
CA ARG C 96 -19.18 -6.79 -0.61
C ARG C 96 -20.35 -5.84 -0.45
N THR C 97 -21.42 -6.07 -1.23
CA THR C 97 -22.62 -5.24 -1.17
C THR C 97 -23.04 -5.04 0.29
N PHE C 98 -23.23 -6.17 0.97
CA PHE C 98 -23.62 -6.20 2.38
C PHE C 98 -22.64 -5.43 3.27
N ILE C 99 -21.38 -5.81 3.24
CA ILE C 99 -20.38 -5.15 4.06
C ILE C 99 -20.43 -3.62 3.88
N LYS C 100 -20.48 -3.19 2.63
CA LYS C 100 -20.51 -1.77 2.30
C LYS C 100 -21.75 -1.07 2.84
N SER C 101 -22.88 -1.77 2.80
CA SER C 101 -24.14 -1.19 3.26
C SER C 101 -24.23 -1.00 4.78
N VAL C 102 -23.37 -1.68 5.53
CA VAL C 102 -23.45 -1.58 6.99
C VAL C 102 -23.08 -0.23 7.60
N PRO C 103 -21.84 0.24 7.39
CA PRO C 103 -21.44 1.54 7.96
C PRO C 103 -22.48 2.65 7.78
N PRO C 104 -22.95 2.86 6.54
CA PRO C 104 -23.95 3.91 6.33
C PRO C 104 -25.16 3.70 7.23
N PHE C 105 -25.80 2.55 7.05
CA PHE C 105 -26.99 2.17 7.82
C PHE C 105 -26.81 2.41 9.32
N LEU C 106 -25.64 2.05 9.85
CA LEU C 106 -25.39 2.23 11.26
C LEU C 106 -25.36 3.72 11.62
N ARG C 107 -24.53 4.47 10.91
CA ARG C 107 -24.40 5.91 11.13
C ARG C 107 -25.74 6.59 10.97
N THR C 108 -26.47 6.19 9.93
CA THR C 108 -27.79 6.73 9.61
C THR C 108 -28.77 6.55 10.76
N HIS C 109 -28.71 5.40 11.42
CA HIS C 109 -29.63 5.14 12.51
C HIS C 109 -29.07 5.22 13.92
N GLY C 110 -27.85 5.74 14.06
CA GLY C 110 -27.27 5.90 15.37
C GLY C 110 -26.71 4.70 16.10
N PHE C 111 -26.14 3.76 15.36
CA PHE C 111 -25.56 2.58 16.00
C PHE C 111 -24.05 2.72 16.08
N ASP C 112 -23.47 2.30 17.19
CA ASP C 112 -22.02 2.40 17.39
C ASP C 112 -21.29 1.18 16.84
N GLY C 113 -22.03 0.20 16.35
CA GLY C 113 -21.41 -1.00 15.83
C GLY C 113 -22.38 -2.04 15.31
N LEU C 114 -21.81 -3.11 14.73
CA LEU C 114 -22.58 -4.23 14.19
C LEU C 114 -22.29 -5.54 14.93
N ASP C 115 -23.34 -6.31 15.18
CA ASP C 115 -23.20 -7.61 15.85
C ASP C 115 -23.59 -8.70 14.86
N LEU C 116 -22.66 -9.62 14.60
CA LEU C 116 -22.93 -10.72 13.68
C LEU C 116 -23.61 -11.87 14.40
N ALA C 117 -24.89 -12.04 14.11
CA ALA C 117 -25.68 -13.10 14.71
C ALA C 117 -26.01 -14.16 13.66
N TRP C 118 -24.98 -14.70 13.00
CA TRP C 118 -25.22 -15.73 12.01
C TRP C 118 -25.43 -17.01 12.81
N LEU C 119 -26.68 -17.45 12.90
CA LEU C 119 -27.00 -18.64 13.71
C LEU C 119 -27.56 -19.82 12.92
N TYR C 120 -26.70 -20.71 12.44
CA TYR C 120 -25.27 -20.62 12.64
C TYR C 120 -24.58 -21.05 11.35
N PRO C 121 -23.31 -20.66 11.18
CA PRO C 121 -22.62 -21.06 9.95
C PRO C 121 -22.58 -22.58 9.88
N GLY C 122 -22.60 -23.13 8.67
CA GLY C 122 -22.56 -24.58 8.53
C GLY C 122 -21.12 -25.01 8.48
N ARG C 123 -20.87 -26.32 8.44
CA ARG C 123 -19.50 -26.83 8.40
C ARG C 123 -18.78 -26.26 7.17
N ARG C 124 -19.55 -25.99 6.12
CA ARG C 124 -18.99 -25.46 4.87
C ARG C 124 -18.77 -23.95 4.92
N ASP C 125 -19.26 -23.30 5.96
CA ASP C 125 -19.13 -21.85 6.07
C ASP C 125 -17.99 -21.36 6.95
N LYS C 126 -17.24 -22.27 7.56
CA LYS C 126 -16.17 -21.82 8.45
C LYS C 126 -15.29 -20.73 7.84
N GLN C 127 -14.83 -20.95 6.61
CA GLN C 127 -13.99 -19.98 5.95
C GLN C 127 -14.76 -18.72 5.62
N HIS C 128 -15.91 -18.88 5.00
CA HIS C 128 -16.74 -17.74 4.64
C HIS C 128 -16.96 -16.84 5.84
N PHE C 129 -17.24 -17.44 6.98
CA PHE C 129 -17.49 -16.71 8.21
C PHE C 129 -16.24 -15.93 8.63
N THR C 130 -15.07 -16.53 8.45
CA THR C 130 -13.83 -15.87 8.81
C THR C 130 -13.68 -14.64 7.92
N THR C 131 -13.84 -14.86 6.62
CA THR C 131 -13.73 -13.80 5.63
C THR C 131 -14.67 -12.66 5.99
N LEU C 132 -15.96 -12.96 6.02
CA LEU C 132 -17.01 -11.98 6.33
C LEU C 132 -16.62 -11.09 7.51
N ILE C 133 -16.13 -11.69 8.59
CA ILE C 133 -15.72 -10.93 9.77
C ILE C 133 -14.50 -10.07 9.46
N LYS C 134 -13.52 -10.66 8.78
CA LYS C 134 -12.30 -9.94 8.42
C LYS C 134 -12.61 -8.70 7.56
N GLU C 135 -13.35 -8.90 6.48
CA GLU C 135 -13.68 -7.80 5.58
C GLU C 135 -14.65 -6.77 6.18
N MET C 136 -15.51 -7.21 7.09
CA MET C 136 -16.46 -6.31 7.73
C MET C 136 -15.71 -5.32 8.65
N LYS C 137 -14.67 -5.84 9.31
CA LYS C 137 -13.85 -5.04 10.19
C LYS C 137 -13.03 -4.09 9.31
N ALA C 138 -12.59 -4.62 8.16
CA ALA C 138 -11.81 -3.83 7.22
C ALA C 138 -12.57 -2.54 6.93
N GLU C 139 -13.81 -2.72 6.49
CA GLU C 139 -14.70 -1.62 6.15
C GLU C 139 -14.91 -0.66 7.32
N PHE C 140 -15.12 -1.18 8.52
CA PHE C 140 -15.33 -0.31 9.69
C PHE C 140 -14.10 0.54 9.97
N ILE C 141 -12.93 -0.02 9.69
CA ILE C 141 -11.67 0.69 9.91
C ILE C 141 -11.57 1.78 8.86
N LYS C 142 -11.89 1.43 7.63
CA LYS C 142 -11.88 2.35 6.51
C LYS C 142 -12.83 3.51 6.79
N GLU C 143 -14.12 3.18 6.99
CA GLU C 143 -15.14 4.18 7.24
C GLU C 143 -14.79 5.13 8.39
N ALA C 144 -13.79 4.80 9.18
CA ALA C 144 -13.40 5.67 10.29
C ALA C 144 -11.98 6.22 10.13
N GLN C 145 -11.29 5.78 9.07
CA GLN C 145 -9.91 6.21 8.79
C GLN C 145 -9.76 7.74 8.97
N PRO C 146 -10.69 8.52 8.38
CA PRO C 146 -10.62 9.98 8.51
C PRO C 146 -10.55 10.49 9.95
N GLY C 147 -11.26 9.84 10.88
CA GLY C 147 -11.21 10.28 12.26
C GLY C 147 -12.46 10.05 13.07
N LYS C 148 -13.36 9.21 12.56
CA LYS C 148 -14.61 8.90 13.27
C LYS C 148 -14.32 7.81 14.29
N LYS C 149 -15.12 7.75 15.35
CA LYS C 149 -14.93 6.68 16.33
C LYS C 149 -15.38 5.42 15.58
N GLN C 150 -14.44 4.52 15.35
CA GLN C 150 -14.70 3.30 14.60
C GLN C 150 -15.89 2.47 15.06
N LEU C 151 -16.68 2.01 14.10
CA LEU C 151 -17.84 1.19 14.40
C LEU C 151 -17.37 -0.13 15.00
N LEU C 152 -18.06 -0.60 16.03
CA LEU C 152 -17.70 -1.84 16.70
C LEU C 152 -18.19 -3.08 15.95
N LEU C 153 -17.41 -4.15 15.99
CA LEU C 153 -17.81 -5.39 15.34
C LEU C 153 -17.76 -6.55 16.32
N SER C 154 -18.93 -7.12 16.61
CA SER C 154 -19.04 -8.24 17.53
C SER C 154 -19.79 -9.37 16.87
N ALA C 155 -19.78 -10.53 17.53
CA ALA C 155 -20.46 -11.69 16.98
C ALA C 155 -20.96 -12.57 18.11
N ALA C 156 -22.20 -13.05 17.96
CA ALA C 156 -22.80 -13.94 18.93
C ALA C 156 -22.41 -15.34 18.45
N LEU C 157 -21.66 -16.09 19.26
CA LEU C 157 -21.22 -17.42 18.85
C LEU C 157 -21.78 -18.54 19.71
N SER C 158 -21.95 -19.70 19.09
CA SER C 158 -22.50 -20.86 19.79
C SER C 158 -21.55 -21.30 20.89
N ALA C 159 -22.09 -21.78 21.99
CA ALA C 159 -21.25 -22.27 23.08
C ALA C 159 -21.11 -23.80 22.99
N GLY C 160 -21.79 -24.38 22.00
CA GLY C 160 -21.75 -25.82 21.82
C GLY C 160 -20.52 -26.28 21.09
N LYS C 161 -19.81 -27.23 21.67
CA LYS C 161 -18.60 -27.74 21.05
C LYS C 161 -18.75 -28.10 19.58
N VAL C 162 -19.74 -28.90 19.26
CA VAL C 162 -19.96 -29.32 17.88
C VAL C 162 -19.95 -28.15 16.90
N THR C 163 -20.84 -27.19 17.12
CA THR C 163 -20.92 -26.03 16.26
C THR C 163 -19.60 -25.28 16.23
N ILE C 164 -18.98 -25.10 17.39
CA ILE C 164 -17.71 -24.38 17.46
C ILE C 164 -16.64 -25.04 16.58
N ASP C 165 -16.57 -26.37 16.63
CA ASP C 165 -15.59 -27.12 15.85
C ASP C 165 -15.81 -27.05 14.36
N SER C 166 -17.08 -27.08 13.95
CA SER C 166 -17.42 -27.05 12.53
C SER C 166 -17.61 -25.67 11.90
N SER C 167 -18.05 -24.70 12.68
CA SER C 167 -18.33 -23.37 12.12
C SER C 167 -17.38 -22.21 12.42
N TYR C 168 -16.63 -22.30 13.52
CA TYR C 168 -15.75 -21.18 13.87
C TYR C 168 -14.27 -21.45 13.84
N ASP C 169 -13.53 -20.44 13.41
CA ASP C 169 -12.08 -20.51 13.39
C ASP C 169 -11.74 -19.47 14.47
N ILE C 170 -12.14 -19.78 15.70
CA ILE C 170 -11.93 -18.91 16.83
C ILE C 170 -10.63 -18.11 16.77
N ALA C 171 -9.52 -18.78 16.53
CA ALA C 171 -8.22 -18.10 16.47
C ALA C 171 -8.24 -16.89 15.53
N LYS C 172 -8.69 -17.10 14.30
CA LYS C 172 -8.76 -16.05 13.29
C LYS C 172 -9.78 -14.93 13.59
N ILE C 173 -11.06 -15.27 13.61
CA ILE C 173 -12.10 -14.28 13.86
C ILE C 173 -11.91 -13.47 15.16
N SER C 174 -11.11 -14.00 16.09
CA SER C 174 -10.88 -13.31 17.36
C SER C 174 -9.98 -12.08 17.20
N GLN C 175 -9.22 -12.05 16.12
CA GLN C 175 -8.34 -10.93 15.88
C GLN C 175 -9.15 -9.75 15.38
N HIS C 176 -10.04 -10.04 14.44
CA HIS C 176 -10.86 -9.01 13.83
C HIS C 176 -12.04 -8.51 14.67
N LEU C 177 -12.68 -9.39 15.45
CA LEU C 177 -13.82 -8.98 16.28
C LEU C 177 -13.40 -8.20 17.51
N ASP C 178 -14.20 -7.21 17.89
CA ASP C 178 -13.90 -6.40 19.06
C ASP C 178 -14.19 -7.18 20.32
N PHE C 179 -15.17 -8.07 20.21
CA PHE C 179 -15.55 -8.94 21.32
C PHE C 179 -16.55 -9.96 20.83
N ILE C 180 -16.49 -11.16 21.39
CA ILE C 180 -17.44 -12.20 21.02
C ILE C 180 -18.26 -12.60 22.21
N SER C 181 -19.57 -12.66 22.00
CA SER C 181 -20.47 -13.07 23.06
C SER C 181 -20.71 -14.56 22.86
N ILE C 182 -20.23 -15.34 23.82
CA ILE C 182 -20.39 -16.78 23.75
C ILE C 182 -21.74 -17.12 24.37
N MET C 183 -22.63 -17.66 23.53
CA MET C 183 -23.97 -18.01 23.94
C MET C 183 -24.00 -19.22 24.85
N THR C 184 -23.50 -19.02 26.06
CA THR C 184 -23.39 -20.07 27.04
C THR C 184 -24.66 -20.44 27.79
N TYR C 185 -25.63 -20.93 27.01
CA TYR C 185 -26.91 -21.38 27.53
C TYR C 185 -27.52 -22.32 26.46
N ASP C 186 -28.74 -22.79 26.69
CA ASP C 186 -29.39 -23.70 25.75
C ASP C 186 -28.57 -24.97 25.61
N PHE C 187 -27.92 -25.37 26.69
CA PHE C 187 -27.11 -26.58 26.65
C PHE C 187 -27.93 -27.84 26.81
N HIS C 188 -29.19 -27.69 27.22
CA HIS C 188 -30.04 -28.86 27.41
C HIS C 188 -31.45 -28.69 26.85
N GLY C 189 -31.71 -29.34 25.72
CA GLY C 189 -33.02 -29.23 25.13
C GLY C 189 -34.00 -30.26 25.66
N ALA C 190 -35.26 -30.11 25.29
CA ALA C 190 -36.29 -31.04 25.72
C ALA C 190 -36.11 -32.28 24.86
N TRP C 191 -35.28 -32.18 23.83
CA TRP C 191 -35.07 -33.33 22.97
C TRP C 191 -34.26 -34.46 23.63
N ARG C 192 -33.49 -34.16 24.66
CA ARG C 192 -32.70 -35.21 25.30
C ARG C 192 -33.58 -36.04 26.25
N GLY C 193 -34.89 -35.74 26.27
CA GLY C 193 -35.83 -36.52 27.06
C GLY C 193 -35.68 -36.55 28.57
N THR C 194 -34.86 -35.65 29.11
CA THR C 194 -34.68 -35.61 30.55
C THR C 194 -34.50 -34.18 30.99
N THR C 195 -34.82 -33.90 32.25
CA THR C 195 -34.64 -32.56 32.76
C THR C 195 -33.15 -32.28 32.80
N GLY C 196 -32.80 -31.02 32.61
CA GLY C 196 -31.41 -30.65 32.65
C GLY C 196 -31.35 -29.14 32.60
N HIS C 197 -30.48 -28.54 33.40
CA HIS C 197 -30.36 -27.11 33.38
C HIS C 197 -29.68 -26.72 32.06
N HIS C 198 -30.27 -25.77 31.33
CA HIS C 198 -29.73 -25.38 30.04
C HIS C 198 -28.55 -24.42 30.12
N SER C 199 -28.26 -23.92 31.32
CA SER C 199 -27.15 -23.00 31.47
C SER C 199 -26.38 -23.22 32.77
N PRO C 200 -25.78 -24.39 32.92
CA PRO C 200 -25.00 -24.75 34.11
C PRO C 200 -23.65 -24.04 34.07
N LEU C 201 -23.13 -23.66 35.22
CA LEU C 201 -21.84 -22.99 35.25
C LEU C 201 -20.79 -24.06 34.96
N PHE C 202 -20.87 -25.18 35.68
CA PHE C 202 -19.94 -26.29 35.48
C PHE C 202 -20.71 -27.55 35.12
N ARG C 203 -19.97 -28.62 34.81
CA ARG C 203 -20.61 -29.87 34.46
C ARG C 203 -21.42 -30.44 35.60
N GLY C 204 -20.96 -30.24 36.82
CA GLY C 204 -21.67 -30.76 37.96
C GLY C 204 -21.40 -32.24 38.14
N GLN C 205 -22.32 -32.93 38.80
CA GLN C 205 -22.16 -34.36 39.03
C GLN C 205 -21.85 -35.08 37.73
N GLU C 206 -20.77 -35.84 37.71
CA GLU C 206 -20.38 -36.56 36.51
C GLU C 206 -21.49 -37.46 35.98
N ASP C 207 -22.04 -38.32 36.83
CA ASP C 207 -23.12 -39.24 36.44
C ASP C 207 -24.34 -38.56 35.84
N ALA C 208 -24.79 -37.50 36.48
CA ALA C 208 -25.99 -36.79 36.05
C ALA C 208 -25.87 -35.85 34.83
N SER C 209 -24.84 -36.04 34.01
CA SER C 209 -24.68 -35.17 32.85
C SER C 209 -24.46 -35.97 31.60
N PRO C 210 -25.10 -35.55 30.50
CA PRO C 210 -24.96 -36.25 29.22
C PRO C 210 -23.53 -36.01 28.79
N ASP C 211 -23.33 -34.89 28.10
CA ASP C 211 -22.03 -34.47 27.60
C ASP C 211 -21.06 -34.12 28.68
N ARG C 212 -19.85 -33.82 28.24
CA ARG C 212 -18.77 -33.39 29.09
C ARG C 212 -18.70 -31.89 28.79
N PHE C 213 -19.38 -31.48 27.71
CA PHE C 213 -19.34 -30.09 27.28
C PHE C 213 -20.61 -29.26 27.23
N SER C 214 -21.70 -29.74 27.81
CA SER C 214 -22.90 -28.94 27.79
C SER C 214 -23.01 -28.09 29.05
N ASN C 215 -22.01 -27.24 29.25
CA ASN C 215 -21.98 -26.34 30.40
C ASN C 215 -21.13 -25.12 30.09
N THR C 216 -21.39 -24.03 30.79
CA THR C 216 -20.68 -22.78 30.56
C THR C 216 -19.16 -22.91 30.69
N ASP C 217 -18.71 -23.47 31.81
CA ASP C 217 -17.30 -23.64 32.07
C ASP C 217 -16.54 -24.26 30.91
N TYR C 218 -17.02 -25.39 30.41
CA TYR C 218 -16.32 -26.01 29.29
C TYR C 218 -16.21 -25.09 28.09
N ALA C 219 -17.33 -24.52 27.66
CA ALA C 219 -17.37 -23.62 26.51
C ALA C 219 -16.36 -22.49 26.65
N VAL C 220 -16.45 -21.73 27.74
CA VAL C 220 -15.55 -20.61 27.98
C VAL C 220 -14.09 -21.08 27.84
N GLY C 221 -13.76 -22.16 28.56
CA GLY C 221 -12.42 -22.71 28.52
C GLY C 221 -12.07 -23.23 27.13
N TYR C 222 -13.02 -23.87 26.48
CA TYR C 222 -12.77 -24.42 25.15
C TYR C 222 -12.39 -23.31 24.16
N MET C 223 -13.18 -22.24 24.16
CA MET C 223 -12.91 -21.10 23.28
C MET C 223 -11.58 -20.46 23.67
N LEU C 224 -11.29 -20.44 24.96
CA LEU C 224 -10.03 -19.89 25.43
C LEU C 224 -8.88 -20.74 24.85
N ARG C 225 -9.08 -22.05 24.78
CA ARG C 225 -8.07 -22.95 24.22
C ARG C 225 -7.96 -22.73 22.71
N LEU C 226 -9.08 -22.49 22.05
CA LEU C 226 -9.04 -22.27 20.61
C LEU C 226 -8.47 -20.94 20.07
N GLY C 227 -8.04 -20.04 20.96
CA GLY C 227 -7.48 -18.79 20.49
C GLY C 227 -8.25 -17.52 20.80
N ALA C 228 -9.33 -17.65 21.56
CA ALA C 228 -10.10 -16.47 21.90
C ALA C 228 -9.48 -15.75 23.08
N PRO C 229 -9.07 -14.50 22.88
CA PRO C 229 -8.46 -13.73 23.97
C PRO C 229 -9.51 -13.48 25.05
N ALA C 230 -9.14 -13.74 26.30
CA ALA C 230 -10.06 -13.53 27.40
C ALA C 230 -10.59 -12.10 27.40
N SER C 231 -9.73 -11.15 27.03
CA SER C 231 -10.11 -9.73 26.99
C SER C 231 -11.17 -9.43 25.94
N LYS C 232 -11.34 -10.35 24.99
CA LYS C 232 -12.33 -10.19 23.92
C LYS C 232 -13.52 -11.15 24.10
N LEU C 233 -13.57 -11.85 25.23
CA LEU C 233 -14.63 -12.83 25.44
C LEU C 233 -15.72 -12.41 26.43
N VAL C 234 -16.94 -12.29 25.93
CA VAL C 234 -18.05 -11.93 26.80
C VAL C 234 -18.90 -13.16 26.96
N MET C 235 -19.08 -13.57 28.22
CA MET C 235 -19.83 -14.76 28.56
C MET C 235 -21.34 -14.56 28.68
N GLY C 236 -22.10 -15.30 27.87
CA GLY C 236 -23.55 -15.16 27.91
C GLY C 236 -24.22 -15.72 29.16
N ILE C 237 -25.12 -14.92 29.73
CA ILE C 237 -25.91 -15.30 30.90
C ILE C 237 -27.35 -15.10 30.47
N PRO C 238 -28.16 -16.16 30.54
CA PRO C 238 -29.56 -16.02 30.11
C PRO C 238 -30.46 -15.51 31.21
N THR C 239 -31.48 -14.74 30.83
CA THR C 239 -32.43 -14.23 31.81
C THR C 239 -33.72 -14.99 31.60
N PHE C 240 -33.63 -16.12 30.91
CA PHE C 240 -34.80 -16.95 30.64
C PHE C 240 -34.39 -18.34 31.00
N GLY C 241 -35.36 -19.20 31.30
CA GLY C 241 -35.03 -20.57 31.64
C GLY C 241 -35.65 -21.51 30.61
N ARG C 242 -35.14 -22.73 30.54
CA ARG C 242 -35.70 -23.72 29.63
C ARG C 242 -36.59 -24.60 30.48
N SER C 243 -37.81 -24.79 30.02
CA SER C 243 -38.78 -25.58 30.76
C SER C 243 -39.02 -26.99 30.17
N PHE C 244 -39.50 -27.88 31.01
CA PHE C 244 -39.81 -29.23 30.61
C PHE C 244 -41.07 -29.69 31.30
N THR C 245 -41.77 -30.63 30.69
CA THR C 245 -42.95 -31.17 31.32
C THR C 245 -42.53 -32.54 31.86
N LEU C 246 -42.51 -32.65 33.18
CA LEU C 246 -42.15 -33.90 33.83
C LEU C 246 -43.11 -35.01 33.39
N ALA C 247 -42.62 -36.24 33.47
CA ALA C 247 -43.40 -37.39 33.08
C ALA C 247 -43.58 -38.35 34.24
N SER C 248 -43.09 -37.97 35.41
CA SER C 248 -43.23 -38.81 36.59
C SER C 248 -43.14 -37.97 37.85
N SER C 249 -43.03 -38.65 38.98
CA SER C 249 -42.91 -37.98 40.28
C SER C 249 -41.47 -37.53 40.50
N GLU C 250 -40.57 -37.98 39.64
CA GLU C 250 -39.16 -37.60 39.73
C GLU C 250 -39.02 -36.16 39.26
N THR C 251 -38.40 -35.32 40.09
CA THR C 251 -38.25 -33.90 39.79
C THR C 251 -36.82 -33.41 39.81
N GLY C 252 -35.87 -34.31 40.02
CA GLY C 252 -34.49 -33.90 40.04
C GLY C 252 -33.87 -33.81 38.65
N VAL C 253 -32.59 -33.45 38.58
CA VAL C 253 -31.91 -33.35 37.30
C VAL C 253 -31.90 -34.74 36.66
N GLY C 254 -32.15 -34.80 35.35
CA GLY C 254 -32.17 -36.09 34.67
C GLY C 254 -33.47 -36.86 34.78
N ALA C 255 -34.49 -36.23 35.35
CA ALA C 255 -35.80 -36.87 35.51
C ALA C 255 -36.48 -36.96 34.13
N PRO C 256 -37.38 -37.93 33.96
CA PRO C 256 -38.11 -38.14 32.71
C PRO C 256 -39.04 -37.00 32.34
N ILE C 257 -39.10 -36.68 31.06
CA ILE C 257 -39.98 -35.62 30.60
C ILE C 257 -40.78 -36.09 29.38
N SER C 258 -41.95 -35.50 29.22
CA SER C 258 -42.82 -35.84 28.11
C SER C 258 -42.60 -34.83 27.00
N GLY C 259 -41.88 -33.76 27.31
CA GLY C 259 -41.62 -32.74 26.31
C GLY C 259 -41.30 -31.38 26.90
N PRO C 260 -41.39 -30.32 26.09
CA PRO C 260 -41.10 -28.95 26.55
C PRO C 260 -42.06 -28.55 27.67
N GLY C 261 -41.74 -27.48 28.39
CA GLY C 261 -42.62 -27.04 29.45
C GLY C 261 -43.81 -26.26 28.90
N ILE C 262 -44.84 -26.10 29.73
CA ILE C 262 -46.04 -25.37 29.35
C ILE C 262 -45.60 -23.96 29.01
N PRO C 263 -46.10 -23.43 27.87
CA PRO C 263 -45.75 -22.08 27.42
C PRO C 263 -46.08 -21.01 28.46
N GLY C 264 -45.17 -20.04 28.60
CA GLY C 264 -45.37 -18.97 29.53
C GLY C 264 -46.45 -18.04 29.02
N ARG C 265 -47.20 -17.45 29.96
CA ARG C 265 -48.30 -16.54 29.66
C ARG C 265 -47.92 -15.43 28.66
N PHE C 266 -46.74 -14.84 28.84
CA PHE C 266 -46.30 -13.76 27.98
C PHE C 266 -45.37 -14.13 26.82
N THR C 267 -44.52 -15.13 27.00
CA THR C 267 -43.59 -15.50 25.94
C THR C 267 -44.20 -16.51 24.97
N LYS C 268 -45.35 -17.05 25.33
CA LYS C 268 -46.08 -18.00 24.49
C LYS C 268 -45.20 -18.96 23.68
N GLU C 269 -44.23 -19.60 24.33
CA GLU C 269 -43.36 -20.54 23.64
C GLU C 269 -42.95 -21.74 24.52
N ALA C 270 -43.36 -22.93 24.09
CA ALA C 270 -43.06 -24.15 24.81
C ALA C 270 -41.57 -24.33 25.08
N GLY C 271 -41.25 -24.67 26.32
CA GLY C 271 -39.87 -24.87 26.72
C GLY C 271 -39.14 -23.59 27.11
N THR C 272 -39.87 -22.48 27.17
CA THR C 272 -39.25 -21.21 27.50
C THR C 272 -40.07 -20.40 28.48
N LEU C 273 -39.36 -19.73 29.37
CA LEU C 273 -40.00 -18.88 30.36
C LEU C 273 -39.08 -17.71 30.63
N ALA C 274 -39.61 -16.51 30.48
CA ALA C 274 -38.84 -15.31 30.74
C ALA C 274 -38.70 -15.28 32.26
N TYR C 275 -37.61 -14.71 32.77
CA TYR C 275 -37.43 -14.67 34.21
C TYR C 275 -38.65 -14.12 34.93
N TYR C 276 -39.32 -13.14 34.36
CA TYR C 276 -40.49 -12.61 35.05
C TYR C 276 -41.57 -13.67 35.10
N GLU C 277 -41.74 -14.41 34.01
CA GLU C 277 -42.72 -15.48 34.00
C GLU C 277 -42.34 -16.50 35.08
N ILE C 278 -41.04 -16.73 35.21
CA ILE C 278 -40.50 -17.67 36.19
C ILE C 278 -40.83 -17.22 37.61
N CYS C 279 -40.72 -15.91 37.85
CA CYS C 279 -40.99 -15.35 39.17
C CYS C 279 -42.42 -15.70 39.58
N ASP C 280 -43.33 -15.75 38.61
CA ASP C 280 -44.70 -16.09 38.92
C ASP C 280 -44.74 -17.58 39.20
N PHE C 281 -43.98 -18.32 38.40
CA PHE C 281 -43.91 -19.77 38.53
C PHE C 281 -43.37 -20.15 39.90
N LEU C 282 -42.34 -19.43 40.35
CA LEU C 282 -41.75 -19.73 41.64
C LEU C 282 -42.76 -19.67 42.75
N ARG C 283 -43.83 -18.91 42.54
CA ARG C 283 -44.88 -18.80 43.55
C ARG C 283 -45.55 -20.16 43.71
N GLY C 284 -45.22 -20.84 44.80
CA GLY C 284 -45.78 -22.16 45.04
C GLY C 284 -44.88 -23.25 44.53
N ALA C 285 -43.77 -22.87 43.89
CA ALA C 285 -42.85 -23.84 43.36
C ALA C 285 -41.76 -24.15 44.38
N THR C 286 -40.90 -25.10 44.04
CA THR C 286 -39.79 -25.46 44.90
C THR C 286 -38.50 -25.26 44.11
N VAL C 287 -37.59 -24.47 44.67
CA VAL C 287 -36.34 -24.18 44.02
C VAL C 287 -35.24 -25.06 44.57
N HIS C 288 -34.46 -25.65 43.66
CA HIS C 288 -33.36 -26.52 44.03
C HIS C 288 -32.06 -26.01 43.42
N ARG C 289 -31.06 -25.87 44.27
CA ARG C 289 -29.75 -25.41 43.85
C ARG C 289 -28.97 -26.63 43.37
N ILE C 290 -28.64 -26.67 42.08
CA ILE C 290 -27.90 -27.79 41.55
C ILE C 290 -26.43 -27.68 41.93
N LEU C 291 -26.04 -28.43 42.96
CA LEU C 291 -24.65 -28.45 43.41
C LEU C 291 -23.74 -28.82 42.24
N GLY C 292 -22.58 -28.17 42.17
CA GLY C 292 -21.68 -28.51 41.09
C GLY C 292 -21.98 -27.73 39.85
N GLN C 293 -23.25 -27.39 39.65
CA GLN C 293 -23.61 -26.60 38.48
C GLN C 293 -23.82 -25.12 38.82
N GLN C 294 -23.96 -24.83 40.11
CA GLN C 294 -24.12 -23.46 40.60
C GLN C 294 -25.37 -22.74 40.12
N VAL C 295 -26.32 -23.49 39.56
CA VAL C 295 -27.53 -22.89 39.06
C VAL C 295 -28.77 -23.55 39.62
N PRO C 296 -29.87 -22.81 39.71
CA PRO C 296 -31.10 -23.39 40.25
C PRO C 296 -32.07 -23.88 39.19
N TYR C 297 -33.06 -24.63 39.63
CA TYR C 297 -34.12 -25.12 38.78
C TYR C 297 -35.30 -25.13 39.71
N ALA C 298 -36.47 -24.84 39.18
CA ALA C 298 -37.65 -24.85 40.01
C ALA C 298 -38.58 -25.89 39.42
N THR C 299 -39.41 -26.48 40.27
CA THR C 299 -40.35 -27.46 39.80
C THR C 299 -41.64 -27.32 40.60
N LYS C 300 -42.76 -27.49 39.91
CA LYS C 300 -44.07 -27.37 40.53
C LYS C 300 -44.98 -28.18 39.65
N GLY C 301 -45.70 -29.12 40.24
CA GLY C 301 -46.56 -29.94 39.43
C GLY C 301 -45.72 -30.65 38.39
N ASN C 302 -46.24 -30.78 37.18
CA ASN C 302 -45.49 -31.46 36.14
C ASN C 302 -44.56 -30.54 35.36
N GLN C 303 -44.26 -29.37 35.93
CA GLN C 303 -43.35 -28.43 35.26
C GLN C 303 -42.00 -28.32 35.95
N TRP C 304 -40.96 -28.21 35.12
CA TRP C 304 -39.58 -28.14 35.58
C TRP C 304 -38.92 -27.07 34.74
N VAL C 305 -38.24 -26.14 35.39
CA VAL C 305 -37.58 -25.09 34.63
C VAL C 305 -36.24 -24.78 35.23
N GLY C 306 -35.20 -24.83 34.39
CA GLY C 306 -33.86 -24.53 34.85
C GLY C 306 -33.62 -23.10 34.42
N TYR C 307 -33.17 -22.27 35.33
CA TYR C 307 -32.97 -20.87 34.99
C TYR C 307 -31.84 -20.27 35.81
N ASP C 308 -31.62 -18.99 35.61
CA ASP C 308 -30.60 -18.27 36.34
C ASP C 308 -31.33 -17.25 37.20
N ASP C 309 -30.81 -17.01 38.41
CA ASP C 309 -31.41 -16.01 39.28
C ASP C 309 -30.29 -15.14 39.83
N GLN C 310 -30.65 -14.20 40.70
CA GLN C 310 -29.66 -13.31 41.29
C GLN C 310 -28.43 -14.04 41.78
N GLU C 311 -28.64 -15.06 42.60
CA GLU C 311 -27.50 -15.80 43.13
C GLU C 311 -26.66 -16.45 42.04
N SER C 312 -27.29 -17.21 41.15
CA SER C 312 -26.55 -17.90 40.11
C SER C 312 -25.79 -16.95 39.19
N VAL C 313 -26.41 -15.84 38.78
CA VAL C 313 -25.72 -14.91 37.89
C VAL C 313 -24.53 -14.27 38.59
N LYS C 314 -24.64 -14.03 39.89
CA LYS C 314 -23.55 -13.46 40.65
C LYS C 314 -22.37 -14.42 40.60
N SER C 315 -22.67 -15.71 40.72
CA SER C 315 -21.64 -16.75 40.68
C SER C 315 -21.00 -16.78 39.30
N LYS C 316 -21.83 -16.65 38.27
CA LYS C 316 -21.34 -16.68 36.89
C LYS C 316 -20.42 -15.51 36.61
N VAL C 317 -20.68 -14.38 37.27
CA VAL C 317 -19.85 -13.21 37.06
C VAL C 317 -18.49 -13.47 37.71
N GLN C 318 -18.49 -13.99 38.94
CA GLN C 318 -17.22 -14.31 39.60
C GLN C 318 -16.45 -15.23 38.69
N TYR C 319 -17.12 -16.27 38.20
CA TYR C 319 -16.44 -17.19 37.31
C TYR C 319 -15.73 -16.42 36.20
N LEU C 320 -16.49 -15.57 35.50
CA LEU C 320 -15.93 -14.79 34.39
C LEU C 320 -14.83 -13.79 34.81
N LYS C 321 -14.99 -13.16 35.97
CA LYS C 321 -13.96 -12.22 36.44
C LYS C 321 -12.70 -13.02 36.76
N ASP C 322 -12.88 -14.13 37.47
CA ASP C 322 -11.76 -14.99 37.85
C ASP C 322 -11.09 -15.52 36.59
N ARG C 323 -11.83 -15.52 35.49
CA ARG C 323 -11.30 -15.99 34.21
C ARG C 323 -10.76 -14.80 33.43
N GLN C 324 -11.00 -13.61 33.97
CA GLN C 324 -10.54 -12.39 33.34
C GLN C 324 -11.13 -12.25 31.94
N LEU C 325 -12.45 -12.35 31.85
CA LEU C 325 -13.14 -12.25 30.57
C LEU C 325 -13.54 -10.80 30.36
N ALA C 326 -13.88 -10.46 29.12
CA ALA C 326 -14.27 -9.10 28.79
C ALA C 326 -15.48 -8.66 29.59
N GLY C 327 -16.33 -9.62 29.92
CA GLY C 327 -17.52 -9.30 30.69
C GLY C 327 -18.63 -10.30 30.50
N ALA C 328 -19.85 -9.86 30.79
CA ALA C 328 -21.02 -10.71 30.68
C ALA C 328 -21.94 -10.22 29.56
N MET C 329 -22.62 -11.18 28.94
CA MET C 329 -23.59 -10.87 27.88
C MET C 329 -24.93 -11.37 28.38
N VAL C 330 -25.96 -10.57 28.21
CA VAL C 330 -27.28 -10.96 28.71
C VAL C 330 -28.27 -11.18 27.58
N TRP C 331 -29.00 -12.29 27.67
CA TRP C 331 -30.03 -12.58 26.69
C TRP C 331 -31.27 -12.96 27.45
N ALA C 332 -32.26 -12.07 27.55
CA ALA C 332 -32.19 -10.74 26.98
C ALA C 332 -32.89 -9.79 27.93
N LEU C 333 -32.77 -8.50 27.67
CA LEU C 333 -33.36 -7.50 28.55
C LEU C 333 -34.85 -7.68 28.65
N ASP C 334 -35.50 -7.99 27.53
CA ASP C 334 -36.94 -8.18 27.52
C ASP C 334 -37.38 -9.45 28.25
N LEU C 335 -36.42 -10.31 28.61
CA LEU C 335 -36.73 -11.56 29.29
C LEU C 335 -36.49 -11.46 30.79
N ASP C 336 -35.79 -10.40 31.18
CA ASP C 336 -35.53 -10.11 32.58
C ASP C 336 -36.83 -9.43 33.03
N ASP C 337 -37.01 -9.21 34.33
CA ASP C 337 -38.20 -8.54 34.78
C ASP C 337 -37.96 -7.05 34.56
N PHE C 338 -38.04 -6.63 33.30
CA PHE C 338 -37.81 -5.23 32.96
C PHE C 338 -38.84 -4.30 33.61
N GLN C 339 -40.03 -4.84 33.88
CA GLN C 339 -41.09 -4.08 34.52
C GLN C 339 -40.80 -3.95 36.02
N GLY C 340 -40.10 -4.92 36.58
CA GLY C 340 -39.80 -4.89 38.00
C GLY C 340 -41.03 -5.15 38.86
N SER C 341 -42.08 -5.65 38.24
CA SER C 341 -43.32 -5.91 38.95
C SER C 341 -43.63 -7.37 39.23
N PHE C 342 -42.92 -8.27 38.57
CA PHE C 342 -43.18 -9.70 38.74
C PHE C 342 -42.43 -10.40 39.86
N CYS C 343 -41.21 -9.96 40.12
CA CYS C 343 -40.40 -10.58 41.15
C CYS C 343 -40.44 -9.83 42.46
N GLY C 344 -41.31 -8.84 42.55
CA GLY C 344 -41.43 -8.04 43.76
C GLY C 344 -40.23 -7.12 43.89
N GLN C 345 -40.05 -6.53 45.06
CA GLN C 345 -38.92 -5.62 45.30
C GLN C 345 -39.01 -4.43 44.34
N ASP C 346 -40.03 -4.41 43.50
CA ASP C 346 -40.22 -3.34 42.52
C ASP C 346 -38.94 -3.02 41.77
N LEU C 347 -37.93 -3.87 41.90
CA LEU C 347 -36.67 -3.66 41.22
C LEU C 347 -36.75 -4.11 39.77
N ARG C 348 -36.47 -3.18 38.86
CA ARG C 348 -36.49 -3.48 37.43
C ARG C 348 -35.19 -4.18 37.07
N PHE C 349 -35.24 -5.03 36.05
CA PHE C 349 -34.06 -5.76 35.60
C PHE C 349 -33.26 -6.39 36.74
N PRO C 350 -33.94 -7.15 37.61
CA PRO C 350 -33.27 -7.80 38.74
C PRO C 350 -32.02 -8.60 38.37
N LEU C 351 -32.15 -9.48 37.37
CA LEU C 351 -31.03 -10.28 36.94
C LEU C 351 -29.91 -9.46 36.35
N THR C 352 -30.23 -8.62 35.38
CA THR C 352 -29.19 -7.82 34.75
C THR C 352 -28.48 -6.91 35.74
N ASN C 353 -29.25 -6.30 36.66
CA ASN C 353 -28.65 -5.42 37.67
C ASN C 353 -27.75 -6.22 38.61
N ALA C 354 -28.18 -7.45 38.90
CA ALA C 354 -27.40 -8.34 39.76
C ALA C 354 -26.05 -8.50 39.10
N ILE C 355 -26.08 -8.79 37.81
CA ILE C 355 -24.87 -8.97 37.02
C ILE C 355 -24.00 -7.72 37.04
N LYS C 356 -24.64 -6.56 36.87
CA LYS C 356 -23.95 -5.28 36.88
C LYS C 356 -23.24 -5.09 38.22
N ASP C 357 -24.00 -5.25 39.30
CA ASP C 357 -23.45 -5.10 40.63
C ASP C 357 -22.25 -6.03 40.84
N ALA C 358 -22.43 -7.29 40.50
CA ALA C 358 -21.37 -8.28 40.66
C ALA C 358 -20.09 -7.88 39.92
N LEU C 359 -20.25 -7.33 38.72
CA LEU C 359 -19.10 -6.90 37.93
C LEU C 359 -18.38 -5.74 38.58
N ALA C 360 -19.14 -4.82 39.17
CA ALA C 360 -18.58 -3.65 39.82
C ALA C 360 -18.06 -3.94 41.22
N ALA C 361 -18.56 -5.01 41.83
CA ALA C 361 -18.16 -5.39 43.19
C ALA C 361 -16.69 -5.77 43.33
N THR C 362 -16.20 -5.66 44.56
CA THR C 362 -14.82 -5.99 44.91
C THR C 362 -13.76 -5.22 44.11
N TYR D 1 -23.09 34.96 20.52
CA TYR D 1 -23.91 34.83 19.29
C TYR D 1 -23.39 33.69 18.41
N LYS D 2 -24.01 33.52 17.24
CA LYS D 2 -23.60 32.48 16.30
C LYS D 2 -22.52 33.05 15.36
N LEU D 3 -21.57 32.19 14.99
CA LEU D 3 -20.51 32.61 14.07
C LEU D 3 -20.43 31.56 12.98
N VAL D 4 -21.30 31.71 12.00
CA VAL D 4 -21.38 30.79 10.88
C VAL D 4 -20.28 31.02 9.85
N CYS D 5 -19.41 30.03 9.69
CA CYS D 5 -18.33 30.16 8.73
C CYS D 5 -18.39 29.14 7.62
N TYR D 6 -18.20 29.61 6.41
CA TYR D 6 -18.23 28.74 5.25
C TYR D 6 -16.84 28.31 4.87
N TYR D 7 -16.74 27.07 4.42
CA TYR D 7 -15.49 26.53 3.92
C TYR D 7 -15.88 26.07 2.52
N THR D 8 -15.12 26.49 1.52
CA THR D 8 -15.44 26.11 0.16
C THR D 8 -14.51 25.01 -0.32
N SER D 9 -15.10 23.86 -0.64
CA SER D 9 -14.36 22.68 -1.07
C SER D 9 -13.34 22.99 -2.17
N TRP D 10 -13.69 23.87 -3.09
CA TRP D 10 -12.76 24.18 -4.17
C TRP D 10 -11.53 25.00 -3.76
N SER D 11 -11.50 25.45 -2.50
CA SER D 11 -10.36 26.22 -2.03
C SER D 11 -9.12 25.33 -1.87
N GLN D 12 -9.34 24.02 -1.91
CA GLN D 12 -8.26 23.05 -1.78
C GLN D 12 -7.30 23.10 -2.96
N TYR D 13 -7.83 23.46 -4.13
CA TYR D 13 -7.05 23.51 -5.36
C TYR D 13 -6.16 24.72 -5.59
N ARG D 14 -6.25 25.74 -4.75
CA ARG D 14 -5.42 26.92 -4.95
C ARG D 14 -3.94 26.63 -4.72
N GLU D 15 -3.12 27.13 -5.65
CA GLU D 15 -1.67 26.94 -5.59
C GLU D 15 -1.05 27.31 -4.25
N GLY D 16 0.07 26.66 -3.96
CA GLY D 16 0.82 26.92 -2.74
C GLY D 16 0.04 27.13 -1.47
N ASP D 17 0.46 28.14 -0.70
CA ASP D 17 -0.19 28.45 0.58
C ASP D 17 -1.68 28.77 0.40
N GLY D 18 -2.09 28.92 -0.86
CA GLY D 18 -3.47 29.22 -1.16
C GLY D 18 -4.39 28.05 -0.86
N SER D 19 -3.90 26.83 -1.15
CA SER D 19 -4.65 25.60 -0.91
C SER D 19 -5.16 25.54 0.52
N CYS D 20 -6.44 25.25 0.68
CA CYS D 20 -7.01 25.17 2.01
C CYS D 20 -7.88 23.95 2.16
N PHE D 21 -7.63 23.18 3.22
CA PHE D 21 -8.40 21.96 3.51
C PHE D 21 -9.02 22.12 4.89
N PRO D 22 -10.13 21.43 5.14
CA PRO D 22 -10.80 21.54 6.44
C PRO D 22 -9.89 21.38 7.64
N ASP D 23 -8.86 20.53 7.52
CA ASP D 23 -7.93 20.29 8.61
C ASP D 23 -7.05 21.51 8.92
N ALA D 24 -7.24 22.59 8.16
CA ALA D 24 -6.47 23.82 8.34
C ALA D 24 -7.35 24.86 9.06
N LEU D 25 -8.53 24.45 9.53
CA LEU D 25 -9.46 25.35 10.20
C LEU D 25 -9.45 25.23 11.71
N ASP D 26 -9.36 26.38 12.38
CA ASP D 26 -9.37 26.41 13.84
C ASP D 26 -10.74 25.97 14.35
N ARG D 27 -10.79 24.79 14.96
CA ARG D 27 -12.04 24.23 15.50
C ARG D 27 -12.77 25.12 16.51
N PHE D 28 -12.02 26.01 17.15
CA PHE D 28 -12.59 26.91 18.16
C PHE D 28 -13.02 28.27 17.62
N LEU D 29 -12.56 28.61 16.42
CA LEU D 29 -12.87 29.89 15.77
C LEU D 29 -14.36 30.19 15.57
N CYS D 30 -15.08 29.27 14.94
CA CYS D 30 -16.50 29.46 14.65
C CYS D 30 -17.38 28.56 15.49
N THR D 31 -18.68 28.80 15.44
CA THR D 31 -19.63 27.97 16.17
C THR D 31 -20.22 26.99 15.19
N HIS D 32 -20.34 27.45 13.95
CA HIS D 32 -20.88 26.63 12.88
C HIS D 32 -19.95 26.73 11.68
N ILE D 33 -19.59 25.59 11.11
CA ILE D 33 -18.75 25.61 9.92
C ILE D 33 -19.55 24.93 8.81
N ILE D 34 -19.83 25.66 7.75
CA ILE D 34 -20.62 25.11 6.67
C ILE D 34 -19.75 24.72 5.48
N TYR D 35 -19.90 23.47 5.06
CA TYR D 35 -19.15 22.94 3.93
C TYR D 35 -19.90 23.29 2.64
N SER D 36 -19.20 23.87 1.66
CA SER D 36 -19.83 24.23 0.38
C SER D 36 -19.10 23.63 -0.82
N PHE D 37 -19.81 22.98 -1.73
CA PHE D 37 -21.25 22.77 -1.66
C PHE D 37 -21.46 21.30 -1.98
N ALA D 38 -22.66 20.81 -1.71
CA ALA D 38 -23.00 19.43 -2.01
C ALA D 38 -23.89 19.51 -3.24
N ASN D 39 -23.81 18.51 -4.11
CA ASN D 39 -24.60 18.48 -5.34
C ASN D 39 -25.93 17.78 -5.11
N ILE D 40 -26.72 17.60 -6.17
CA ILE D 40 -27.98 16.88 -6.07
C ILE D 40 -28.18 16.09 -7.36
N SER D 41 -27.88 14.79 -7.29
CA SER D 41 -28.03 13.88 -8.44
C SER D 41 -29.19 12.93 -8.20
N ASN D 42 -29.93 12.63 -9.26
CA ASN D 42 -31.06 11.73 -9.16
C ASN D 42 -31.88 12.13 -7.95
N ASP D 43 -32.00 13.44 -7.77
CA ASP D 43 -32.77 13.97 -6.66
C ASP D 43 -32.31 13.48 -5.29
N HIS D 44 -31.01 13.25 -5.16
CA HIS D 44 -30.43 12.81 -3.91
C HIS D 44 -29.27 13.73 -3.56
N ILE D 45 -29.17 14.15 -2.31
CA ILE D 45 -28.04 15.02 -1.94
C ILE D 45 -26.81 14.13 -2.05
N ASP D 46 -25.90 14.51 -2.94
CA ASP D 46 -24.70 13.75 -3.19
C ASP D 46 -23.47 14.63 -3.09
N THR D 47 -22.28 14.03 -3.09
CA THR D 47 -21.06 14.80 -3.02
C THR D 47 -20.84 15.56 -4.32
N TRP D 48 -19.92 16.51 -4.27
CA TRP D 48 -19.62 17.34 -5.43
C TRP D 48 -18.20 17.07 -5.90
N GLU D 49 -17.26 17.26 -4.99
CA GLU D 49 -15.85 17.05 -5.26
C GLU D 49 -15.47 15.58 -5.04
N TRP D 50 -14.54 15.08 -5.84
CA TRP D 50 -14.09 13.68 -5.75
C TRP D 50 -13.69 13.24 -4.35
N ASN D 51 -13.11 14.14 -3.56
CA ASN D 51 -12.67 13.80 -2.22
C ASN D 51 -13.52 14.44 -1.12
N ASP D 52 -14.80 14.71 -1.44
CA ASP D 52 -15.68 15.32 -0.45
C ASP D 52 -15.78 14.50 0.82
N VAL D 53 -15.98 13.20 0.67
CA VAL D 53 -16.11 12.32 1.83
C VAL D 53 -14.90 12.46 2.74
N THR D 54 -13.71 12.55 2.15
CA THR D 54 -12.49 12.68 2.93
C THR D 54 -12.50 14.00 3.68
N LEU D 55 -12.74 15.09 2.94
CA LEU D 55 -12.79 16.42 3.53
C LEU D 55 -13.91 16.54 4.56
N TYR D 56 -15.02 15.86 4.31
CA TYR D 56 -16.15 15.88 5.26
C TYR D 56 -15.59 15.46 6.62
N GLY D 57 -14.97 14.29 6.64
CA GLY D 57 -14.39 13.76 7.86
C GLY D 57 -13.36 14.70 8.41
N MET D 58 -12.48 15.18 7.54
CA MET D 58 -11.41 16.09 7.94
C MET D 58 -11.99 17.29 8.67
N LEU D 59 -13.18 17.72 8.25
CA LEU D 59 -13.88 18.85 8.86
C LEU D 59 -14.50 18.48 10.19
N ASN D 60 -15.34 17.44 10.18
CA ASN D 60 -16.02 16.99 11.39
C ASN D 60 -15.09 16.52 12.51
N THR D 61 -13.85 16.18 12.15
CA THR D 61 -12.86 15.75 13.12
C THR D 61 -12.62 16.94 14.07
N LEU D 62 -12.86 18.14 13.56
CA LEU D 62 -12.67 19.34 14.35
C LEU D 62 -13.63 19.35 15.52
N LYS D 63 -14.68 18.54 15.43
CA LYS D 63 -15.68 18.45 16.49
C LYS D 63 -15.24 17.59 17.67
N ASN D 64 -14.19 16.78 17.46
CA ASN D 64 -13.71 15.90 18.52
C ASN D 64 -13.24 16.67 19.75
N ARG D 65 -12.35 17.63 19.54
CA ARG D 65 -11.85 18.41 20.66
C ARG D 65 -12.83 19.52 21.03
N ASN D 66 -13.83 19.73 20.19
CA ASN D 66 -14.83 20.76 20.42
C ASN D 66 -16.21 20.21 20.12
N PRO D 67 -16.92 19.73 21.14
CA PRO D 67 -18.26 19.17 20.99
C PRO D 67 -19.29 20.20 20.55
N ASN D 68 -19.09 21.44 20.98
CA ASN D 68 -20.00 22.55 20.66
C ASN D 68 -19.98 23.05 19.23
N LEU D 69 -18.98 22.66 18.47
CA LEU D 69 -18.88 23.08 17.08
C LEU D 69 -19.90 22.32 16.25
N LYS D 70 -20.86 23.04 15.70
CA LYS D 70 -21.88 22.41 14.83
C LYS D 70 -21.41 22.54 13.38
N THR D 71 -21.76 21.54 12.58
CA THR D 71 -21.33 21.51 11.20
C THR D 71 -22.51 21.27 10.26
N LEU D 72 -22.56 22.06 9.20
CA LEU D 72 -23.64 21.91 8.23
C LEU D 72 -23.05 21.73 6.85
N LEU D 73 -23.76 20.98 6.02
CA LEU D 73 -23.34 20.75 4.64
C LEU D 73 -24.24 21.68 3.82
N SER D 74 -23.65 22.46 2.93
CA SER D 74 -24.44 23.38 2.12
C SER D 74 -24.72 22.82 0.74
N VAL D 75 -26.00 22.64 0.43
CA VAL D 75 -26.35 22.13 -0.89
C VAL D 75 -26.74 23.31 -1.77
N GLY D 76 -26.28 23.30 -3.01
CA GLY D 76 -26.59 24.38 -3.92
C GLY D 76 -25.34 24.93 -4.56
N GLY D 77 -25.13 26.25 -4.43
CA GLY D 77 -23.96 26.89 -5.00
C GLY D 77 -24.26 27.58 -6.32
N TRP D 78 -23.32 28.36 -6.81
CA TRP D 78 -23.49 29.08 -8.07
C TRP D 78 -23.34 28.16 -9.27
N ASN D 79 -22.45 27.17 -9.15
CA ASN D 79 -22.22 26.24 -10.24
C ASN D 79 -23.30 25.16 -10.29
N PHE D 80 -24.28 25.28 -9.42
CA PHE D 80 -25.34 24.29 -9.40
C PHE D 80 -26.33 24.56 -10.53
N GLY D 81 -26.67 25.83 -10.70
CA GLY D 81 -27.61 26.20 -11.74
C GLY D 81 -29.01 26.20 -11.18
N SER D 82 -29.49 27.38 -10.77
CA SER D 82 -30.83 27.54 -10.19
C SER D 82 -31.89 26.80 -10.99
N GLN D 83 -31.55 26.45 -12.22
CA GLN D 83 -32.45 25.72 -13.11
C GLN D 83 -32.69 24.33 -12.55
N ARG D 84 -31.60 23.57 -12.42
CA ARG D 84 -31.70 22.23 -11.89
C ARG D 84 -32.40 22.27 -10.53
N PHE D 85 -31.97 23.20 -9.69
CA PHE D 85 -32.54 23.34 -8.36
C PHE D 85 -34.03 23.66 -8.44
N SER D 86 -34.39 24.50 -9.41
CA SER D 86 -35.79 24.85 -9.62
C SER D 86 -36.59 23.58 -9.84
N LYS D 87 -36.20 22.81 -10.86
CA LYS D 87 -36.86 21.54 -11.20
C LYS D 87 -37.02 20.64 -9.99
N ILE D 88 -35.90 20.34 -9.35
CA ILE D 88 -35.91 19.48 -8.18
C ILE D 88 -36.95 19.94 -7.15
N ALA D 89 -37.06 21.26 -6.95
CA ALA D 89 -38.01 21.78 -5.98
C ALA D 89 -39.42 21.92 -6.53
N SER D 90 -39.53 22.07 -7.85
CA SER D 90 -40.83 22.22 -8.52
C SER D 90 -41.58 20.88 -8.48
N ASN D 91 -40.93 19.86 -9.03
CA ASN D 91 -41.46 18.50 -9.09
C ASN D 91 -41.67 17.94 -7.68
N THR D 92 -42.87 17.43 -7.41
CA THR D 92 -43.20 16.91 -6.09
C THR D 92 -42.44 15.65 -5.70
N GLN D 93 -42.29 14.72 -6.65
CA GLN D 93 -41.58 13.48 -6.37
C GLN D 93 -40.13 13.82 -6.12
N SER D 94 -39.54 14.54 -7.06
CA SER D 94 -38.16 14.97 -6.99
C SER D 94 -37.86 15.67 -5.65
N ARG D 95 -38.76 16.55 -5.22
CA ARG D 95 -38.58 17.26 -3.96
C ARG D 95 -38.51 16.27 -2.79
N ARG D 96 -39.42 15.29 -2.78
CA ARG D 96 -39.46 14.28 -1.71
C ARG D 96 -38.18 13.46 -1.69
N THR D 97 -37.81 12.93 -2.84
CA THR D 97 -36.60 12.11 -2.98
C THR D 97 -35.44 12.82 -2.28
N PHE D 98 -35.20 14.06 -2.71
CA PHE D 98 -34.13 14.89 -2.19
C PHE D 98 -34.26 15.10 -0.67
N ILE D 99 -35.39 15.61 -0.23
CA ILE D 99 -35.59 15.84 1.20
C ILE D 99 -35.26 14.59 2.03
N LYS D 100 -35.78 13.45 1.57
CA LYS D 100 -35.57 12.18 2.26
C LYS D 100 -34.10 11.76 2.30
N SER D 101 -33.38 12.04 1.23
CA SER D 101 -31.99 11.66 1.14
C SER D 101 -31.07 12.48 2.02
N VAL D 102 -31.53 13.63 2.49
CA VAL D 102 -30.66 14.47 3.32
C VAL D 102 -30.29 13.94 4.70
N PRO D 103 -31.28 13.69 5.59
CA PRO D 103 -30.97 13.19 6.92
C PRO D 103 -29.95 12.04 6.94
N PRO D 104 -30.17 11.00 6.12
CA PRO D 104 -29.21 9.89 6.10
C PRO D 104 -27.82 10.40 5.78
N PHE D 105 -27.69 10.98 4.60
CA PHE D 105 -26.42 11.53 4.14
C PHE D 105 -25.70 12.37 5.21
N LEU D 106 -26.43 13.21 5.92
CA LEU D 106 -25.84 14.04 6.96
C LEU D 106 -25.29 13.17 8.10
N ARG D 107 -26.16 12.31 8.64
CA ARG D 107 -25.80 11.41 9.73
C ARG D 107 -24.61 10.54 9.34
N THR D 108 -24.70 10.02 8.11
CA THR D 108 -23.67 9.17 7.55
C THR D 108 -22.32 9.84 7.51
N HIS D 109 -22.30 11.13 7.18
CA HIS D 109 -21.04 11.85 7.10
C HIS D 109 -20.73 12.79 8.24
N GLY D 110 -21.52 12.74 9.31
CA GLY D 110 -21.24 13.57 10.47
C GLY D 110 -21.58 15.05 10.42
N PHE D 111 -22.68 15.40 9.76
CA PHE D 111 -23.10 16.79 9.69
C PHE D 111 -24.24 17.01 10.67
N ASP D 112 -24.23 18.17 11.35
CA ASP D 112 -25.27 18.50 12.31
C ASP D 112 -26.46 19.20 11.66
N GLY D 113 -26.36 19.47 10.37
CA GLY D 113 -27.44 20.12 9.66
C GLY D 113 -27.19 20.40 8.18
N LEU D 114 -28.22 20.95 7.52
CA LEU D 114 -28.16 21.27 6.10
C LEU D 114 -28.32 22.75 5.84
N ASP D 115 -27.54 23.27 4.90
CA ASP D 115 -27.63 24.68 4.53
C ASP D 115 -28.11 24.78 3.10
N LEU D 116 -29.22 25.48 2.89
CA LEU D 116 -29.78 25.64 1.57
C LEU D 116 -29.15 26.84 0.87
N ALA D 117 -28.32 26.52 -0.11
CA ALA D 117 -27.63 27.53 -0.88
C ALA D 117 -28.17 27.58 -2.30
N TRP D 118 -29.48 27.75 -2.43
CA TRP D 118 -30.09 27.84 -3.75
C TRP D 118 -29.80 29.26 -4.23
N LEU D 119 -28.84 29.41 -5.15
CA LEU D 119 -28.47 30.74 -5.62
C LEU D 119 -28.73 30.98 -7.10
N TYR D 120 -29.90 31.51 -7.43
CA TYR D 120 -30.94 31.86 -6.46
C TYR D 120 -32.28 31.48 -7.07
N PRO D 121 -33.30 31.33 -6.23
CA PRO D 121 -34.62 30.97 -6.76
C PRO D 121 -35.05 32.07 -7.73
N GLY D 122 -35.84 31.70 -8.73
CA GLY D 122 -36.29 32.68 -9.69
C GLY D 122 -37.60 33.26 -9.19
N ARG D 123 -38.13 34.25 -9.90
CA ARG D 123 -39.38 34.85 -9.48
C ARG D 123 -40.47 33.78 -9.41
N ARG D 124 -40.36 32.76 -10.24
CA ARG D 124 -41.35 31.68 -10.26
C ARG D 124 -41.13 30.64 -9.17
N ASP D 125 -40.00 30.72 -8.46
CA ASP D 125 -39.70 29.73 -7.43
C ASP D 125 -40.02 30.16 -6.01
N LYS D 126 -40.53 31.37 -5.82
CA LYS D 126 -40.81 31.82 -4.47
C LYS D 126 -41.56 30.80 -3.64
N GLN D 127 -42.65 30.26 -4.18
CA GLN D 127 -43.44 29.28 -3.47
C GLN D 127 -42.68 27.97 -3.29
N HIS D 128 -42.11 27.48 -4.38
CA HIS D 128 -41.36 26.24 -4.33
C HIS D 128 -40.30 26.31 -3.24
N PHE D 129 -39.63 27.45 -3.15
CA PHE D 129 -38.59 27.63 -2.14
C PHE D 129 -39.19 27.56 -0.74
N THR D 130 -40.38 28.12 -0.57
CA THR D 130 -41.01 28.11 0.74
C THR D 130 -41.31 26.65 1.11
N THR D 131 -41.95 25.95 0.18
CA THR D 131 -42.29 24.55 0.37
C THR D 131 -41.05 23.75 0.75
N LEU D 132 -40.07 23.73 -0.15
CA LEU D 132 -38.82 23.02 0.06
C LEU D 132 -38.29 23.20 1.48
N ILE D 133 -38.23 24.43 1.95
CA ILE D 133 -37.74 24.70 3.30
C ILE D 133 -38.68 24.11 4.35
N LYS D 134 -39.99 24.29 4.15
CA LYS D 134 -40.98 23.78 5.08
C LYS D 134 -40.88 22.25 5.22
N GLU D 135 -40.89 21.55 4.09
CA GLU D 135 -40.82 20.10 4.09
C GLU D 135 -39.49 19.53 4.52
N MET D 136 -38.41 20.26 4.28
CA MET D 136 -37.07 19.83 4.68
C MET D 136 -36.95 19.84 6.19
N LYS D 137 -37.56 20.84 6.81
CA LYS D 137 -37.55 20.98 8.26
C LYS D 137 -38.45 19.90 8.83
N ALA D 138 -39.54 19.61 8.11
CA ALA D 138 -40.48 18.58 8.52
C ALA D 138 -39.70 17.29 8.73
N GLU D 139 -39.00 16.89 7.69
CA GLU D 139 -38.18 15.69 7.69
C GLU D 139 -37.15 15.69 8.83
N PHE D 140 -36.47 16.81 9.05
CA PHE D 140 -35.46 16.89 10.10
C PHE D 140 -36.07 16.68 11.49
N ILE D 141 -37.30 17.13 11.64
CA ILE D 141 -38.03 17.01 12.90
C ILE D 141 -38.39 15.54 13.07
N LYS D 142 -38.86 14.95 11.97
CA LYS D 142 -39.25 13.55 11.97
C LYS D 142 -38.04 12.69 12.30
N GLU D 143 -36.99 12.79 11.49
CA GLU D 143 -35.77 12.01 11.68
C GLU D 143 -35.22 12.11 13.10
N ALA D 144 -35.70 13.06 13.88
CA ALA D 144 -35.21 13.22 15.26
C ALA D 144 -36.29 13.01 16.30
N GLN D 145 -37.53 12.80 15.85
CA GLN D 145 -38.68 12.57 16.74
C GLN D 145 -38.32 11.58 17.85
N PRO D 146 -37.69 10.44 17.50
CA PRO D 146 -37.32 9.45 18.52
C PRO D 146 -36.47 10.01 19.67
N GLY D 147 -35.58 10.95 19.38
CA GLY D 147 -34.76 11.53 20.43
C GLY D 147 -33.37 11.98 20.03
N LYS D 148 -33.12 12.08 18.72
CA LYS D 148 -31.81 12.52 18.22
C LYS D 148 -31.75 14.04 18.26
N LYS D 149 -30.56 14.62 18.36
CA LYS D 149 -30.48 16.07 18.34
C LYS D 149 -30.83 16.42 16.90
N GLN D 150 -31.92 17.14 16.73
CA GLN D 150 -32.43 17.49 15.42
C GLN D 150 -31.42 18.16 14.49
N LEU D 151 -31.44 17.73 13.22
CA LEU D 151 -30.54 18.30 12.24
C LEU D 151 -30.93 19.76 12.03
N LEU D 152 -29.94 20.63 11.88
CA LEU D 152 -30.18 22.06 11.68
C LEU D 152 -30.48 22.40 10.23
N LEU D 153 -31.36 23.38 10.02
CA LEU D 153 -31.69 23.80 8.67
C LEU D 153 -31.50 25.29 8.52
N SER D 154 -30.54 25.67 7.67
CA SER D 154 -30.23 27.06 7.41
C SER D 154 -30.29 27.33 5.91
N ALA D 155 -30.22 28.59 5.54
CA ALA D 155 -30.24 28.98 4.14
C ALA D 155 -29.46 30.25 3.93
N ALA D 156 -28.67 30.29 2.86
CA ALA D 156 -27.89 31.46 2.51
C ALA D 156 -28.80 32.26 1.59
N LEU D 157 -29.15 33.47 1.99
CA LEU D 157 -30.06 34.29 1.18
C LEU D 157 -29.43 35.56 0.63
N SER D 158 -29.89 35.97 -0.55
CA SER D 158 -29.38 37.16 -1.18
C SER D 158 -29.68 38.38 -0.33
N ALA D 159 -28.77 39.34 -0.35
CA ALA D 159 -28.99 40.56 0.42
C ALA D 159 -29.53 41.67 -0.49
N GLY D 160 -29.65 41.34 -1.78
CA GLY D 160 -30.13 42.30 -2.77
C GLY D 160 -31.64 42.40 -2.78
N LYS D 161 -32.14 43.61 -2.64
CA LYS D 161 -33.58 43.85 -2.60
C LYS D 161 -34.34 43.14 -3.71
N VAL D 162 -33.89 43.30 -4.95
CA VAL D 162 -34.56 42.67 -6.09
C VAL D 162 -34.83 41.18 -5.89
N THR D 163 -33.75 40.45 -5.65
CA THR D 163 -33.84 39.02 -5.45
C THR D 163 -34.74 38.70 -4.26
N ILE D 164 -34.57 39.43 -3.17
CA ILE D 164 -35.39 39.21 -1.98
C ILE D 164 -36.88 39.36 -2.27
N ASP D 165 -37.25 40.39 -3.03
CA ASP D 165 -38.65 40.64 -3.39
C ASP D 165 -39.24 39.57 -4.31
N SER D 166 -38.45 39.07 -5.24
CA SER D 166 -38.93 38.07 -6.18
C SER D 166 -38.77 36.62 -5.78
N SER D 167 -37.76 36.32 -4.97
CA SER D 167 -37.50 34.93 -4.60
C SER D 167 -37.82 34.46 -3.20
N TYR D 168 -37.85 35.37 -2.23
CA TYR D 168 -38.08 34.95 -0.87
C TYR D 168 -39.38 35.42 -0.23
N ASP D 169 -39.96 34.54 0.58
CA ASP D 169 -41.14 34.86 1.34
C ASP D 169 -40.58 34.83 2.75
N ILE D 170 -39.69 35.78 3.02
CA ILE D 170 -39.03 35.91 4.30
C ILE D 170 -39.91 35.53 5.48
N ALA D 171 -41.09 36.10 5.56
CA ALA D 171 -41.99 35.81 6.67
C ALA D 171 -42.18 34.30 6.91
N LYS D 172 -42.52 33.58 5.84
CA LYS D 172 -42.74 32.14 5.91
C LYS D 172 -41.49 31.31 6.21
N ILE D 173 -40.52 31.32 5.29
CA ILE D 173 -39.31 30.54 5.47
C ILE D 173 -38.57 30.80 6.79
N SER D 174 -38.85 31.94 7.43
CA SER D 174 -38.20 32.30 8.68
C SER D 174 -38.70 31.47 9.85
N GLN D 175 -39.88 30.89 9.70
CA GLN D 175 -40.44 30.09 10.78
C GLN D 175 -39.75 28.73 10.78
N HIS D 176 -39.63 28.15 9.60
CA HIS D 176 -39.02 26.84 9.44
C HIS D 176 -37.49 26.79 9.56
N LEU D 177 -36.79 27.82 9.10
CA LEU D 177 -35.32 27.81 9.15
C LEU D 177 -34.79 28.13 10.55
N ASP D 178 -33.69 27.47 10.92
CA ASP D 178 -33.10 27.70 12.24
C ASP D 178 -32.38 29.02 12.27
N PHE D 179 -31.87 29.43 11.11
CA PHE D 179 -31.20 30.71 10.98
C PHE D 179 -30.93 30.94 9.52
N ILE D 180 -30.96 32.21 9.11
CA ILE D 180 -30.66 32.55 7.73
C ILE D 180 -29.46 33.46 7.67
N SER D 181 -28.53 33.10 6.79
CA SER D 181 -27.34 33.90 6.61
C SER D 181 -27.64 34.81 5.43
N ILE D 182 -27.70 36.11 5.72
CA ILE D 182 -27.97 37.10 4.70
C ILE D 182 -26.63 37.50 4.09
N MET D 183 -26.51 37.18 2.80
CA MET D 183 -25.29 37.45 2.05
C MET D 183 -25.09 38.93 1.78
N THR D 184 -24.79 39.66 2.85
CA THR D 184 -24.61 41.08 2.78
C THR D 184 -23.27 41.58 2.26
N TYR D 185 -23.02 41.26 0.99
CA TYR D 185 -21.81 41.67 0.28
C TYR D 185 -22.13 41.54 -1.22
N ASP D 186 -21.14 41.78 -2.07
CA ASP D 186 -21.37 41.74 -3.52
C ASP D 186 -22.43 42.74 -3.95
N PHE D 187 -22.48 43.88 -3.26
CA PHE D 187 -23.47 44.90 -3.57
C PHE D 187 -23.04 45.74 -4.75
N HIS D 188 -21.80 45.57 -5.17
CA HIS D 188 -21.32 46.37 -6.27
C HIS D 188 -20.48 45.54 -7.21
N GLY D 189 -21.00 45.33 -8.42
CA GLY D 189 -20.27 44.59 -9.43
C GLY D 189 -19.45 45.57 -10.27
N ALA D 190 -18.37 45.07 -10.90
CA ALA D 190 -17.55 45.92 -11.77
C ALA D 190 -18.45 46.39 -12.92
N TRP D 191 -19.55 45.66 -13.14
CA TRP D 191 -20.50 45.98 -14.20
C TRP D 191 -21.13 47.38 -14.04
N ARG D 192 -21.03 47.96 -12.85
CA ARG D 192 -21.59 49.28 -12.65
C ARG D 192 -20.62 50.31 -13.19
N GLY D 193 -19.58 49.83 -13.87
CA GLY D 193 -18.61 50.72 -14.48
C GLY D 193 -17.92 51.74 -13.58
N THR D 194 -18.08 51.59 -12.27
CA THR D 194 -17.45 52.53 -11.35
C THR D 194 -17.00 51.80 -10.11
N THR D 195 -16.03 52.36 -9.41
CA THR D 195 -15.56 51.77 -8.18
C THR D 195 -16.67 51.89 -7.16
N GLY D 196 -16.75 50.91 -6.28
CA GLY D 196 -17.77 50.93 -5.25
C GLY D 196 -17.49 49.81 -4.30
N HIS D 197 -17.59 50.07 -3.00
CA HIS D 197 -17.34 49.03 -2.04
C HIS D 197 -18.49 48.02 -2.14
N HIS D 198 -18.16 46.74 -2.25
CA HIS D 198 -19.19 45.71 -2.41
C HIS D 198 -19.86 45.29 -1.11
N SER D 199 -19.33 45.76 0.00
CA SER D 199 -19.94 45.41 1.29
C SER D 199 -19.92 46.56 2.28
N PRO D 200 -20.64 47.64 1.95
CA PRO D 200 -20.72 48.82 2.80
C PRO D 200 -21.67 48.55 3.97
N LEU D 201 -21.37 49.13 5.12
CA LEU D 201 -22.24 48.93 6.27
C LEU D 201 -23.50 49.71 6.03
N PHE D 202 -23.35 50.99 5.66
CA PHE D 202 -24.48 51.85 5.35
C PHE D 202 -24.35 52.39 3.93
N ARG D 203 -25.37 53.11 3.48
CA ARG D 203 -25.37 53.68 2.15
C ARG D 203 -24.24 54.68 1.97
N GLY D 204 -23.92 55.42 3.01
CA GLY D 204 -22.86 56.40 2.91
C GLY D 204 -23.36 57.64 2.21
N GLN D 205 -22.45 58.40 1.61
CA GLN D 205 -22.83 59.63 0.91
C GLN D 205 -23.96 59.38 -0.07
N GLU D 206 -25.00 60.17 0.05
CA GLU D 206 -26.21 60.10 -0.76
C GLU D 206 -25.99 60.28 -2.27
N ASP D 207 -25.00 61.07 -2.66
CA ASP D 207 -24.71 61.29 -4.08
C ASP D 207 -23.92 60.16 -4.67
N ALA D 208 -22.90 59.73 -3.93
CA ALA D 208 -21.99 58.69 -4.35
C ALA D 208 -22.55 57.29 -4.54
N SER D 209 -23.80 57.07 -4.14
CA SER D 209 -24.37 55.73 -4.26
C SER D 209 -25.35 55.58 -5.41
N PRO D 210 -25.51 54.35 -5.90
CA PRO D 210 -26.43 54.06 -7.01
C PRO D 210 -27.78 53.84 -6.34
N ASP D 211 -27.95 52.61 -5.85
CA ASP D 211 -29.15 52.17 -5.16
C ASP D 211 -29.24 52.79 -3.79
N ARG D 212 -30.43 52.72 -3.23
CA ARG D 212 -30.65 53.21 -1.89
C ARG D 212 -30.47 51.95 -1.05
N PHE D 213 -30.37 50.81 -1.72
CA PHE D 213 -30.26 49.52 -1.05
C PHE D 213 -29.00 48.69 -1.19
N SER D 214 -28.02 49.10 -1.97
CA SER D 214 -26.85 48.24 -2.09
C SER D 214 -25.89 48.36 -0.91
N ASN D 215 -26.37 48.06 0.28
CA ASN D 215 -25.56 48.14 1.49
C ASN D 215 -26.13 47.22 2.56
N THR D 216 -25.26 46.81 3.48
CA THR D 216 -25.65 45.89 4.54
C THR D 216 -26.85 46.37 5.35
N ASP D 217 -26.75 47.60 5.87
CA ASP D 217 -27.82 48.17 6.68
C ASP D 217 -29.19 48.00 6.07
N TYR D 218 -29.34 48.39 4.80
CA TYR D 218 -30.65 48.27 4.18
C TYR D 218 -31.14 46.84 4.14
N ALA D 219 -30.29 45.94 3.69
CA ALA D 219 -30.66 44.53 3.60
C ALA D 219 -31.15 43.98 4.93
N VAL D 220 -30.31 44.12 5.97
CA VAL D 220 -30.64 43.63 7.32
C VAL D 220 -32.01 44.17 7.74
N GLY D 221 -32.17 45.49 7.63
CA GLY D 221 -33.43 46.09 7.98
C GLY D 221 -34.58 45.61 7.12
N TYR D 222 -34.35 45.47 5.82
CA TYR D 222 -35.42 45.01 4.94
C TYR D 222 -35.92 43.66 5.43
N MET D 223 -34.99 42.71 5.55
CA MET D 223 -35.31 41.37 5.99
C MET D 223 -36.00 41.39 7.32
N LEU D 224 -35.57 42.26 8.22
CA LEU D 224 -36.22 42.35 9.50
C LEU D 224 -37.68 42.80 9.27
N ARG D 225 -37.89 43.88 8.51
CA ARG D 225 -39.24 44.41 8.24
C ARG D 225 -40.06 43.30 7.55
N LEU D 226 -39.39 42.52 6.69
CA LEU D 226 -40.04 41.44 5.96
C LEU D 226 -40.50 40.27 6.83
N GLY D 227 -40.20 40.33 8.13
CA GLY D 227 -40.61 39.25 9.01
C GLY D 227 -39.51 38.32 9.49
N ALA D 228 -38.28 38.57 9.08
CA ALA D 228 -37.16 37.74 9.53
C ALA D 228 -36.86 38.10 10.98
N PRO D 229 -37.00 37.13 11.89
CA PRO D 229 -36.72 37.37 13.30
C PRO D 229 -35.25 37.69 13.49
N ALA D 230 -34.95 38.75 14.21
CA ALA D 230 -33.56 39.11 14.43
C ALA D 230 -32.77 37.94 15.03
N SER D 231 -33.43 37.19 15.89
CA SER D 231 -32.81 36.05 16.56
C SER D 231 -32.42 34.94 15.57
N LYS D 232 -33.02 34.96 14.39
CA LYS D 232 -32.73 33.96 13.35
C LYS D 232 -31.90 34.57 12.20
N LEU D 233 -31.46 35.82 12.35
CA LEU D 233 -30.73 36.47 11.28
C LEU D 233 -29.22 36.60 11.49
N VAL D 234 -28.46 35.94 10.62
CA VAL D 234 -27.01 35.99 10.69
C VAL D 234 -26.53 36.85 9.52
N MET D 235 -25.80 37.90 9.87
CA MET D 235 -25.32 38.86 8.88
C MET D 235 -23.99 38.49 8.24
N GLY D 236 -24.00 38.37 6.92
CA GLY D 236 -22.79 38.01 6.21
C GLY D 236 -21.71 39.09 6.17
N ILE D 237 -20.49 38.69 6.49
CA ILE D 237 -19.32 39.57 6.46
C ILE D 237 -18.34 38.85 5.55
N PRO D 238 -17.90 39.50 4.46
CA PRO D 238 -16.96 38.87 3.54
C PRO D 238 -15.49 39.02 3.97
N THR D 239 -14.68 38.00 3.71
CA THR D 239 -13.28 38.07 4.03
C THR D 239 -12.52 38.22 2.70
N PHE D 240 -13.24 38.64 1.68
CA PHE D 240 -12.65 38.85 0.36
C PHE D 240 -13.15 40.21 -0.08
N GLY D 241 -12.43 40.83 -1.01
CA GLY D 241 -12.86 42.11 -1.51
C GLY D 241 -13.12 42.04 -2.99
N ARG D 242 -13.91 42.98 -3.52
CA ARG D 242 -14.17 43.02 -4.95
C ARG D 242 -13.21 44.04 -5.52
N SER D 243 -12.54 43.66 -6.60
CA SER D 243 -11.54 44.53 -7.22
C SER D 243 -11.99 45.11 -8.54
N PHE D 244 -11.37 46.22 -8.89
CA PHE D 244 -11.67 46.91 -10.14
C PHE D 244 -10.37 47.42 -10.72
N THR D 245 -10.37 47.60 -12.04
CA THR D 245 -9.22 48.17 -12.71
C THR D 245 -9.60 49.61 -13.03
N LEU D 246 -8.92 50.56 -12.37
CA LEU D 246 -9.17 51.98 -12.58
C LEU D 246 -8.93 52.32 -14.05
N ALA D 247 -9.58 53.37 -14.51
CA ALA D 247 -9.46 53.82 -15.88
C ALA D 247 -8.92 55.24 -15.94
N SER D 248 -8.59 55.80 -14.78
CA SER D 248 -8.07 57.16 -14.72
C SER D 248 -7.26 57.35 -13.47
N SER D 249 -6.92 58.61 -13.20
CA SER D 249 -6.16 58.96 -12.02
C SER D 249 -7.09 59.07 -10.82
N GLU D 250 -8.40 59.03 -11.07
CA GLU D 250 -9.38 59.09 -9.99
C GLU D 250 -9.37 57.75 -9.27
N THR D 251 -9.24 57.80 -7.95
CA THR D 251 -9.18 56.57 -7.15
C THR D 251 -10.22 56.51 -6.04
N GLY D 252 -11.10 57.49 -5.97
CA GLY D 252 -12.10 57.49 -4.93
C GLY D 252 -13.31 56.66 -5.28
N VAL D 253 -14.29 56.60 -4.40
CA VAL D 253 -15.50 55.84 -4.66
C VAL D 253 -16.20 56.46 -5.89
N GLY D 254 -16.69 55.61 -6.79
CA GLY D 254 -17.37 56.15 -7.95
C GLY D 254 -16.44 56.51 -9.09
N ALA D 255 -15.15 56.20 -8.94
CA ALA D 255 -14.18 56.50 -10.00
C ALA D 255 -14.39 55.54 -11.19
N PRO D 256 -13.99 55.97 -12.39
CA PRO D 256 -14.13 55.18 -13.62
C PRO D 256 -13.28 53.92 -13.60
N ILE D 257 -13.82 52.85 -14.17
CA ILE D 257 -13.09 51.59 -14.23
C ILE D 257 -13.21 51.02 -15.63
N SER D 258 -12.21 50.23 -16.00
CA SER D 258 -12.20 49.60 -17.32
C SER D 258 -12.72 48.18 -17.16
N GLY D 259 -12.89 47.74 -15.90
CA GLY D 259 -13.39 46.41 -15.67
C GLY D 259 -13.00 45.83 -14.32
N PRO D 260 -13.08 44.50 -14.15
CA PRO D 260 -12.72 43.84 -12.88
C PRO D 260 -11.25 44.08 -12.55
N GLY D 261 -10.87 43.78 -11.31
CA GLY D 261 -9.48 43.95 -10.90
C GLY D 261 -8.62 42.81 -11.41
N ILE D 262 -7.31 43.03 -11.41
CA ILE D 262 -6.34 42.02 -11.84
C ILE D 262 -6.52 40.82 -10.92
N PRO D 263 -6.60 39.61 -11.48
CA PRO D 263 -6.78 38.39 -10.68
C PRO D 263 -5.71 38.21 -9.63
N GLY D 264 -6.13 37.73 -8.46
CA GLY D 264 -5.20 37.50 -7.37
C GLY D 264 -4.35 36.28 -7.67
N ARG D 265 -3.12 36.31 -7.18
CA ARG D 265 -2.17 35.23 -7.39
C ARG D 265 -2.74 33.86 -7.04
N PHE D 266 -3.45 33.77 -5.92
CA PHE D 266 -4.01 32.50 -5.47
C PHE D 266 -5.46 32.20 -5.81
N THR D 267 -6.30 33.23 -5.87
CA THR D 267 -7.71 33.00 -6.18
C THR D 267 -8.00 33.00 -7.68
N LYS D 268 -7.00 33.39 -8.47
CA LYS D 268 -7.10 33.42 -9.93
C LYS D 268 -8.47 33.79 -10.49
N GLU D 269 -9.06 34.87 -9.98
CA GLU D 269 -10.36 35.31 -10.46
C GLU D 269 -10.52 36.83 -10.53
N ALA D 270 -10.73 37.35 -11.72
CA ALA D 270 -10.88 38.79 -11.92
C ALA D 270 -11.98 39.37 -11.03
N GLY D 271 -11.65 40.49 -10.41
CA GLY D 271 -12.61 41.17 -9.55
C GLY D 271 -12.68 40.62 -8.15
N THR D 272 -11.77 39.70 -7.82
CA THR D 272 -11.79 39.11 -6.50
C THR D 272 -10.40 38.98 -5.90
N LEU D 273 -10.33 39.20 -4.60
CA LEU D 273 -9.09 39.07 -3.88
C LEU D 273 -9.40 38.56 -2.48
N ALA D 274 -8.75 37.47 -2.10
CA ALA D 274 -8.95 36.90 -0.78
C ALA D 274 -8.23 37.89 0.13
N TYR D 275 -8.71 38.03 1.36
CA TYR D 275 -8.08 38.97 2.28
C TYR D 275 -6.56 38.79 2.34
N TYR D 276 -6.08 37.54 2.28
CA TYR D 276 -4.64 37.35 2.35
C TYR D 276 -4.00 37.95 1.10
N GLU D 277 -4.62 37.76 -0.05
CA GLU D 277 -4.09 38.34 -1.28
C GLU D 277 -4.10 39.86 -1.11
N ILE D 278 -5.14 40.38 -0.46
CA ILE D 278 -5.27 41.82 -0.21
C ILE D 278 -4.14 42.33 0.69
N CYS D 279 -3.79 41.54 1.71
CA CYS D 279 -2.71 41.94 2.61
C CYS D 279 -1.43 42.17 1.85
N ASP D 280 -1.22 41.40 0.79
CA ASP D 280 -0.02 41.57 -0.03
C ASP D 280 -0.22 42.84 -0.85
N PHE D 281 -1.45 43.04 -1.31
CA PHE D 281 -1.80 44.20 -2.10
C PHE D 281 -1.61 45.47 -1.30
N LEU D 282 -2.00 45.44 -0.03
CA LEU D 282 -1.87 46.61 0.82
C LEU D 282 -0.43 47.08 0.90
N ARG D 283 0.51 46.16 0.69
CA ARG D 283 1.92 46.53 0.72
C ARG D 283 2.19 47.50 -0.44
N GLY D 284 2.34 48.77 -0.09
CA GLY D 284 2.61 49.80 -1.08
C GLY D 284 1.33 50.46 -1.53
N ALA D 285 0.20 49.96 -1.04
CA ALA D 285 -1.08 50.52 -1.42
C ALA D 285 -1.50 51.62 -0.45
N THR D 286 -2.61 52.28 -0.77
CA THR D 286 -3.13 53.32 0.09
C THR D 286 -4.53 52.92 0.49
N VAL D 287 -4.77 52.88 1.81
CA VAL D 287 -6.07 52.51 2.32
C VAL D 287 -6.88 53.74 2.71
N HIS D 288 -8.14 53.73 2.27
CA HIS D 288 -9.06 54.82 2.53
C HIS D 288 -10.31 54.31 3.22
N ARG D 289 -10.62 54.94 4.34
CA ARG D 289 -11.80 54.58 5.11
C ARG D 289 -12.97 55.33 4.52
N ILE D 290 -13.93 54.61 3.95
CA ILE D 290 -15.10 55.26 3.37
C ILE D 290 -16.07 55.72 4.47
N LEU D 291 -16.04 57.02 4.77
CA LEU D 291 -16.92 57.60 5.77
C LEU D 291 -18.37 57.29 5.41
N GLY D 292 -19.20 57.02 6.42
CA GLY D 292 -20.58 56.73 6.12
C GLY D 292 -20.79 55.29 5.75
N GLN D 293 -19.80 54.65 5.16
CA GLN D 293 -19.93 53.24 4.80
C GLN D 293 -19.22 52.32 5.80
N GLN D 294 -18.36 52.91 6.63
CA GLN D 294 -17.62 52.19 7.67
C GLN D 294 -16.67 51.10 7.15
N VAL D 295 -16.39 51.12 5.86
CA VAL D 295 -15.53 50.11 5.28
C VAL D 295 -14.39 50.71 4.49
N PRO D 296 -13.26 50.00 4.38
CA PRO D 296 -12.12 50.52 3.63
C PRO D 296 -12.03 50.03 2.21
N TYR D 297 -11.18 50.69 1.45
CA TYR D 297 -10.91 50.26 0.09
C TYR D 297 -9.45 50.63 -0.05
N ALA D 298 -8.71 49.86 -0.83
CA ALA D 298 -7.32 50.16 -1.02
C ALA D 298 -7.15 50.34 -2.51
N THR D 299 -6.18 51.15 -2.88
CA THR D 299 -5.89 51.40 -4.28
C THR D 299 -4.38 51.55 -4.45
N LYS D 300 -3.88 51.03 -5.56
CA LYS D 300 -2.46 51.07 -5.86
C LYS D 300 -2.37 50.91 -7.37
N GLY D 301 -1.72 51.86 -8.02
CA GLY D 301 -1.65 51.76 -9.46
C GLY D 301 -3.07 51.78 -9.99
N ASN D 302 -3.34 51.00 -11.04
CA ASN D 302 -4.68 50.99 -11.63
C ASN D 302 -5.64 49.98 -10.97
N GLN D 303 -5.28 49.54 -9.76
CA GLN D 303 -6.11 48.60 -9.03
C GLN D 303 -6.83 49.24 -7.82
N TRP D 304 -8.08 48.85 -7.65
CA TRP D 304 -8.93 49.36 -6.59
C TRP D 304 -9.64 48.15 -6.01
N VAL D 305 -9.62 48.01 -4.69
CA VAL D 305 -10.30 46.88 -4.10
C VAL D 305 -11.01 47.31 -2.83
N GLY D 306 -12.30 47.01 -2.76
CA GLY D 306 -13.07 47.34 -1.57
C GLY D 306 -13.14 46.05 -0.77
N TYR D 307 -12.79 46.12 0.50
CA TYR D 307 -12.78 44.92 1.31
C TYR D 307 -13.11 45.23 2.76
N ASP D 308 -13.07 44.19 3.58
CA ASP D 308 -13.34 44.34 4.99
C ASP D 308 -12.04 44.00 5.70
N ASP D 309 -11.77 44.68 6.81
CA ASP D 309 -10.56 44.38 7.58
C ASP D 309 -10.94 44.34 9.04
N GLN D 310 -9.96 44.14 9.90
CA GLN D 310 -10.23 44.04 11.33
C GLN D 310 -11.15 45.13 11.83
N GLU D 311 -10.82 46.37 11.49
CA GLU D 311 -11.63 47.48 11.95
C GLU D 311 -13.04 47.43 11.43
N SER D 312 -13.20 47.30 10.12
CA SER D 312 -14.53 47.28 9.53
C SER D 312 -15.40 46.13 10.03
N VAL D 313 -14.83 44.93 10.17
CA VAL D 313 -15.64 43.81 10.64
C VAL D 313 -16.08 44.03 12.09
N LYS D 314 -15.22 44.67 12.89
CA LYS D 314 -15.55 44.96 14.27
C LYS D 314 -16.79 45.86 14.29
N SER D 315 -16.79 46.84 13.39
CA SER D 315 -17.90 47.78 13.29
C SER D 315 -19.16 47.04 12.85
N LYS D 316 -19.01 46.12 11.91
CA LYS D 316 -20.14 45.35 11.41
C LYS D 316 -20.77 44.47 12.49
N VAL D 317 -19.93 44.01 13.41
CA VAL D 317 -20.41 43.18 14.52
C VAL D 317 -21.21 44.05 15.47
N GLN D 318 -20.70 45.24 15.78
CA GLN D 318 -21.44 46.15 16.65
C GLN D 318 -22.78 46.40 16.03
N TYR D 319 -22.78 46.72 14.74
CA TYR D 319 -24.03 46.97 14.04
C TYR D 319 -24.98 45.83 14.31
N LEU D 320 -24.55 44.60 14.03
CA LEU D 320 -25.40 43.43 14.23
C LEU D 320 -25.81 43.17 15.68
N LYS D 321 -24.91 43.41 16.63
CA LYS D 321 -25.24 43.22 18.04
C LYS D 321 -26.28 44.26 18.42
N ASP D 322 -26.04 45.49 18.00
CA ASP D 322 -26.95 46.59 18.29
C ASP D 322 -28.31 46.32 17.64
N ARG D 323 -28.31 45.47 16.63
CA ARG D 323 -29.53 45.10 15.93
C ARG D 323 -30.08 43.81 16.53
N GLN D 324 -29.31 43.23 17.45
CA GLN D 324 -29.72 42.01 18.12
C GLN D 324 -29.97 40.89 17.11
N LEU D 325 -28.96 40.65 16.28
CA LEU D 325 -29.04 39.62 15.27
C LEU D 325 -28.48 38.33 15.83
N ALA D 326 -28.78 37.23 15.18
CA ALA D 326 -28.31 35.92 15.63
C ALA D 326 -26.79 35.87 15.66
N GLY D 327 -26.16 36.64 14.79
CA GLY D 327 -24.71 36.65 14.75
C GLY D 327 -24.16 37.05 13.41
N ALA D 328 -22.91 36.67 13.18
CA ALA D 328 -22.24 36.99 11.94
C ALA D 328 -21.98 35.74 11.10
N MET D 329 -21.99 35.90 9.78
CA MET D 329 -21.71 34.81 8.86
C MET D 329 -20.48 35.24 8.08
N VAL D 330 -19.52 34.34 7.96
CA VAL D 330 -18.29 34.66 7.23
C VAL D 330 -18.16 33.90 5.92
N TRP D 331 -17.79 34.62 4.87
CA TRP D 331 -17.56 34.02 3.59
C TRP D 331 -16.24 34.55 3.06
N ALA D 332 -15.18 33.77 3.14
CA ALA D 332 -15.20 32.41 3.68
C ALA D 332 -13.89 32.19 4.43
N LEU D 333 -13.81 31.10 5.17
CA LEU D 333 -12.62 30.82 5.93
C LEU D 333 -11.39 30.71 5.03
N ASP D 334 -11.55 30.09 3.87
CA ASP D 334 -10.43 29.94 2.95
C ASP D 334 -10.02 31.25 2.28
N LEU D 335 -10.81 32.31 2.50
CA LEU D 335 -10.51 33.60 1.91
C LEU D 335 -9.87 34.53 2.94
N ASP D 336 -9.96 34.15 4.20
CA ASP D 336 -9.35 34.91 5.29
C ASP D 336 -7.89 34.45 5.24
N ASP D 337 -7.00 35.08 6.01
CA ASP D 337 -5.62 34.64 6.01
C ASP D 337 -5.57 33.45 6.96
N PHE D 338 -6.05 32.30 6.49
CA PHE D 338 -6.08 31.09 7.31
C PHE D 338 -4.68 30.61 7.67
N GLN D 339 -3.72 30.93 6.81
CA GLN D 339 -2.32 30.58 7.06
C GLN D 339 -1.72 31.52 8.13
N GLY D 340 -2.22 32.74 8.21
CA GLY D 340 -1.71 33.68 9.18
C GLY D 340 -0.32 34.19 8.82
N SER D 341 0.09 33.96 7.58
CA SER D 341 1.40 34.35 7.13
C SER D 341 1.43 35.56 6.20
N PHE D 342 0.27 35.93 5.65
CA PHE D 342 0.21 37.04 4.70
C PHE D 342 0.04 38.42 5.32
N CYS D 343 -0.71 38.51 6.39
CA CYS D 343 -0.96 39.79 7.02
C CYS D 343 -0.05 40.07 8.19
N GLY D 344 0.96 39.22 8.37
CA GLY D 344 1.89 39.39 9.47
C GLY D 344 1.22 39.03 10.79
N GLN D 345 1.85 39.38 11.90
CA GLN D 345 1.31 39.09 13.23
C GLN D 345 1.17 37.58 13.40
N ASP D 346 1.53 36.82 12.37
CA ASP D 346 1.42 35.37 12.41
C ASP D 346 0.06 34.88 12.90
N LEU D 347 -0.89 35.80 13.00
CA LEU D 347 -2.22 35.47 13.45
C LEU D 347 -3.05 34.86 12.32
N ARG D 348 -3.52 33.63 12.56
CA ARG D 348 -4.34 32.93 11.58
C ARG D 348 -5.76 33.48 11.66
N PHE D 349 -6.48 33.44 10.55
CA PHE D 349 -7.86 33.92 10.49
C PHE D 349 -8.06 35.27 11.16
N PRO D 350 -7.22 36.27 10.81
CA PRO D 350 -7.32 37.62 11.38
C PRO D 350 -8.72 38.22 11.35
N LEU D 351 -9.37 38.17 10.19
CA LEU D 351 -10.70 38.74 10.08
C LEU D 351 -11.74 37.97 10.89
N THR D 352 -11.78 36.66 10.71
CA THR D 352 -12.76 35.88 11.44
C THR D 352 -12.58 35.98 12.95
N ASN D 353 -11.32 35.97 13.41
CA ASN D 353 -11.03 36.08 14.85
C ASN D 353 -11.45 37.45 15.35
N ALA D 354 -11.24 38.46 14.52
CA ALA D 354 -11.63 39.83 14.87
C ALA D 354 -13.14 39.79 15.14
N ILE D 355 -13.87 39.15 14.23
CA ILE D 355 -15.32 39.02 14.35
C ILE D 355 -15.70 38.29 15.64
N LYS D 356 -14.99 37.20 15.91
CA LYS D 356 -15.23 36.39 17.11
C LYS D 356 -15.04 37.24 18.34
N ASP D 357 -13.90 37.91 18.41
CA ASP D 357 -13.59 38.78 19.54
C ASP D 357 -14.68 39.83 19.75
N ALA D 358 -15.04 40.50 18.66
CA ALA D 358 -16.05 41.56 18.69
C ALA D 358 -17.35 41.04 19.26
N LEU D 359 -17.73 39.82 18.86
CA LEU D 359 -18.97 39.22 19.33
C LEU D 359 -18.92 38.92 20.82
N ALA D 360 -17.77 38.48 21.29
CA ALA D 360 -17.58 38.14 22.69
C ALA D 360 -17.33 39.37 23.57
N ALA D 361 -16.87 40.45 22.97
CA ALA D 361 -16.56 41.67 23.70
C ALA D 361 -17.77 42.35 24.35
N THR D 362 -17.48 43.15 25.37
CA THR D 362 -18.50 43.90 26.13
C THR D 362 -19.58 43.03 26.74
C1 NAG E . 47.81 0.42 17.80
C2 NAG E . 47.03 1.71 18.07
C3 NAG E . 47.86 2.70 18.91
C4 NAG E . 48.35 2.01 20.19
C5 NAG E . 49.12 0.74 19.81
C6 NAG E . 49.65 -0.03 20.99
C7 NAG E . 45.44 2.06 16.31
C8 NAG E . 45.03 2.84 15.07
N2 NAG E . 46.64 2.33 16.83
O3 NAG E . 47.09 3.85 19.23
O4 NAG E . 49.22 2.90 20.91
O5 NAG E . 48.25 -0.15 19.06
O6 NAG E . 48.60 -0.46 21.86
O7 NAG E . 44.68 1.21 16.80
C1 NAG E . 48.83 3.32 22.18
C2 NAG E . 50.08 3.45 23.05
C3 NAG E . 49.73 4.09 24.41
C4 NAG E . 49.07 5.45 24.18
C5 NAG E . 47.83 5.24 23.29
C6 NAG E . 47.14 6.56 22.95
C7 NAG E . 51.78 1.84 22.50
C8 NAG E . 52.25 0.38 22.53
N2 NAG E . 50.71 2.16 23.23
O3 NAG E . 50.92 4.26 25.18
O4 NAG E . 48.73 6.06 25.43
O5 NAG E . 48.19 4.61 22.02
O6 NAG E . 47.11 6.78 21.55
O7 NAG E . 52.40 2.66 21.80
C1 NAG F . -14.11 0.59 -21.01
C2 NAG F . -14.48 1.09 -19.60
C3 NAG F . -15.99 0.98 -19.39
C4 NAG F . -16.75 1.68 -20.54
C5 NAG F . -16.26 1.14 -21.88
C6 NAG F . -16.93 1.79 -23.10
C7 NAG F . -12.50 0.48 -18.36
C8 NAG F . -11.80 -0.55 -17.48
N2 NAG F . -13.80 0.30 -18.60
O3 NAG F . -16.32 1.56 -18.14
O4 NAG F . -18.16 1.46 -20.41
O5 NAG F . -14.83 1.32 -22.00
O6 NAG F . -16.32 3.02 -23.44
O7 NAG F . -11.87 1.42 -18.83
C1 NAG F . -18.94 2.53 -20.03
C2 NAG F . -20.41 2.26 -20.41
C3 NAG F . -21.33 3.33 -19.79
C4 NAG F . -21.07 3.45 -18.28
C5 NAG F . -19.59 3.76 -18.06
C6 NAG F . -19.20 3.91 -16.60
C7 NAG F . -21.43 1.44 -22.43
C8 NAG F . -21.78 1.70 -23.89
N2 NAG F . -20.54 2.24 -21.85
O3 NAG F . -22.70 2.98 -20.01
O4 NAG F . -21.88 4.48 -17.71
O5 NAG F . -18.79 2.69 -18.60
O6 NAG F . -18.70 2.68 -16.07
O7 NAG F . -22.00 0.52 -21.83
C1 NAG G . -35.58 -10.35 4.84
C2 NAG G . -37.11 -10.20 4.86
C3 NAG G . -37.77 -11.28 4.02
C4 NAG G . -37.18 -11.31 2.62
C5 NAG G . -35.64 -11.45 2.71
C6 NAG G . -34.93 -11.48 1.36
C7 NAG G . -38.19 -9.29 6.80
C8 NAG G . -38.73 -9.50 8.21
N2 NAG G . -37.56 -10.31 6.23
O3 NAG G . -39.17 -11.03 3.95
O4 NAG G . -37.71 -12.43 1.89
O5 NAG G . -35.10 -10.35 3.48
O6 NAG G . -34.17 -10.29 1.14
O7 NAG G . -38.35 -8.19 6.23
C1 NAG G . -38.40 -12.12 0.73
C2 NAG G . -38.33 -13.30 -0.23
C3 NAG G . -39.27 -13.10 -1.44
C4 NAG G . -40.67 -12.63 -1.01
C5 NAG G . -40.56 -11.46 -0.04
C6 NAG G . -41.90 -10.99 0.49
C7 NAG G . -36.10 -14.24 -0.07
C8 NAG G . -34.77 -14.47 -0.76
N2 NAG G . -36.96 -13.44 -0.70
O3 NAG G . -39.38 -14.32 -2.17
O4 NAG G . -41.43 -12.24 -2.16
O5 NAG G . -39.77 -11.85 1.10
O6 NAG G . -42.29 -11.77 1.62
O7 NAG G . -36.34 -14.77 1.02
C1 NAG H . -24.18 17.15 -10.12
C2 NAG H . -22.86 16.81 -10.84
C3 NAG H . -23.03 16.88 -12.36
C4 NAG H . -24.23 16.04 -12.84
C5 NAG H . -25.48 16.41 -12.01
C6 NAG H . -26.65 15.51 -12.33
C7 NAG H . -20.82 17.38 -9.70
C8 NAG H . -19.58 18.26 -9.71
N2 NAG H . -21.84 17.75 -10.45
O3 NAG H . -21.83 16.45 -12.99
O4 NAG H . -24.48 16.34 -14.23
O5 NAG H . -25.22 16.29 -10.59
O6 NAG H . -27.31 15.09 -11.14
O7 NAG H . -20.85 16.36 -9.00
C1 NAG H . -24.36 15.32 -15.17
C2 NAG H . -25.59 15.32 -16.10
C3 NAG H . -25.38 14.38 -17.32
C4 NAG H . -24.04 14.62 -18.01
C5 NAG H . -22.92 14.58 -16.96
C6 NAG H . -21.56 14.91 -17.57
C7 NAG H . -27.76 15.72 -15.13
C8 NAG H . -29.06 15.10 -14.63
N2 NAG H . -26.75 14.89 -15.35
O3 NAG H . -26.44 14.57 -18.26
O4 NAG H . -23.82 13.63 -19.02
O5 NAG H . -23.16 15.57 -15.93
O6 NAG H . -21.24 16.29 -17.43
O7 NAG H . -27.68 16.95 -15.31
#